data_5MVQ
# 
_entry.id   5MVQ 
# 
_audit_conform.dict_name       mmcif_pdbx.dic 
_audit_conform.dict_version    5.383 
_audit_conform.dict_location   http://mmcif.pdb.org/dictionaries/ascii/mmcif_pdbx.dic 
# 
loop_
_database_2.database_id 
_database_2.database_code 
_database_2.pdbx_database_accession 
_database_2.pdbx_DOI 
PDB   5MVQ         pdb_00005mvq 10.2210/pdb5mvq/pdb 
WWPDB D_1200003085 ?            ?                   
# 
loop_
_pdbx_audit_revision_history.ordinal 
_pdbx_audit_revision_history.data_content_type 
_pdbx_audit_revision_history.major_revision 
_pdbx_audit_revision_history.minor_revision 
_pdbx_audit_revision_history.revision_date 
1 'Structure model' 1 0 2017-05-10 
2 'Structure model' 1 1 2017-05-17 
3 'Structure model' 1 2 2017-05-24 
4 'Structure model' 1 3 2017-06-14 
5 'Structure model' 1 4 2019-10-16 
6 'Structure model' 1 5 2024-01-17 
# 
_pdbx_audit_revision_details.ordinal             1 
_pdbx_audit_revision_details.revision_ordinal    1 
_pdbx_audit_revision_details.data_content_type   'Structure model' 
_pdbx_audit_revision_details.provider            repository 
_pdbx_audit_revision_details.type                'Initial release' 
_pdbx_audit_revision_details.description         ? 
_pdbx_audit_revision_details.details             ? 
# 
loop_
_pdbx_audit_revision_group.ordinal 
_pdbx_audit_revision_group.revision_ordinal 
_pdbx_audit_revision_group.data_content_type 
_pdbx_audit_revision_group.group 
1 2 'Structure model' 'Database references'    
2 3 'Structure model' 'Database references'    
3 4 'Structure model' 'Database references'    
4 5 'Structure model' 'Data collection'        
5 6 'Structure model' 'Data collection'        
6 6 'Structure model' 'Database references'    
7 6 'Structure model' 'Derived calculations'   
8 6 'Structure model' 'Refinement description' 
# 
loop_
_pdbx_audit_revision_category.ordinal 
_pdbx_audit_revision_category.revision_ordinal 
_pdbx_audit_revision_category.data_content_type 
_pdbx_audit_revision_category.category 
1 4 'Structure model' citation                      
2 5 'Structure model' reflns_shell                  
3 6 'Structure model' chem_comp_atom                
4 6 'Structure model' chem_comp_bond                
5 6 'Structure model' database_2                    
6 6 'Structure model' pdbx_initial_refinement_model 
7 6 'Structure model' pdbx_struct_conn_angle        
8 6 'Structure model' struct_conn                   
# 
loop_
_pdbx_audit_revision_item.ordinal 
_pdbx_audit_revision_item.revision_ordinal 
_pdbx_audit_revision_item.data_content_type 
_pdbx_audit_revision_item.item 
1  4 'Structure model' '_citation.country'                           
2  4 'Structure model' '_citation.journal_volume'                    
3  4 'Structure model' '_citation.page_first'                        
4  4 'Structure model' '_citation.page_last'                         
5  6 'Structure model' '_database_2.pdbx_DOI'                        
6  6 'Structure model' '_database_2.pdbx_database_accession'         
7  6 'Structure model' '_pdbx_struct_conn_angle.ptnr1_auth_asym_id'  
8  6 'Structure model' '_pdbx_struct_conn_angle.ptnr1_auth_seq_id'   
9  6 'Structure model' '_pdbx_struct_conn_angle.ptnr1_label_asym_id' 
10 6 'Structure model' '_pdbx_struct_conn_angle.ptnr3_auth_asym_id'  
11 6 'Structure model' '_pdbx_struct_conn_angle.ptnr3_auth_seq_id'   
12 6 'Structure model' '_pdbx_struct_conn_angle.ptnr3_label_asym_id' 
13 6 'Structure model' '_pdbx_struct_conn_angle.value'               
14 6 'Structure model' '_struct_conn.pdbx_dist_value'                
15 6 'Structure model' '_struct_conn.ptnr1_auth_asym_id'             
16 6 'Structure model' '_struct_conn.ptnr1_auth_comp_id'             
17 6 'Structure model' '_struct_conn.ptnr1_auth_seq_id'              
18 6 'Structure model' '_struct_conn.ptnr1_label_asym_id'            
19 6 'Structure model' '_struct_conn.ptnr1_label_atom_id'            
20 6 'Structure model' '_struct_conn.ptnr1_label_comp_id'            
21 6 'Structure model' '_struct_conn.ptnr2_auth_asym_id'             
22 6 'Structure model' '_struct_conn.ptnr2_auth_comp_id'             
23 6 'Structure model' '_struct_conn.ptnr2_auth_seq_id'              
24 6 'Structure model' '_struct_conn.ptnr2_label_asym_id'            
25 6 'Structure model' '_struct_conn.ptnr2_label_atom_id'            
26 6 'Structure model' '_struct_conn.ptnr2_label_comp_id'            
# 
_pdbx_database_status.status_code                     REL 
_pdbx_database_status.status_code_sf                  REL 
_pdbx_database_status.status_code_mr                  ? 
_pdbx_database_status.entry_id                        5MVQ 
_pdbx_database_status.recvd_initial_deposition_date   2017-01-17 
_pdbx_database_status.SG_entry                        N 
_pdbx_database_status.deposit_site                    PDBE 
_pdbx_database_status.process_site                    PDBE 
_pdbx_database_status.status_code_cs                  ? 
_pdbx_database_status.methods_development_category    ? 
_pdbx_database_status.pdb_format_compatible           Y 
_pdbx_database_status.status_code_nmr_data            ? 
# 
loop_
_audit_author.name 
_audit_author.pdbx_ordinal 
_audit_author.identifier_ORCID 
'Hardwick, J.S.'   1 ?                   
'Ptchelkine, D.'   2 ?                   
'Phillips, S.E.V.' 3 0000-0001-8922-0250 
'Brown, T.'        4 ?                   
# 
_citation.abstract                  ? 
_citation.abstract_id_CAS           ? 
_citation.book_id_ISBN              ? 
_citation.book_publisher            ? 
_citation.book_publisher_city       ? 
_citation.book_title                ? 
_citation.coordinate_linkage        ? 
_citation.country                   US 
_citation.database_id_Medline       ? 
_citation.details                   ? 
_citation.id                        primary 
_citation.journal_abbrev            'Nat. Struct. Mol. Biol.' 
_citation.journal_id_ASTM           ? 
_citation.journal_id_CSD            ? 
_citation.journal_id_ISSN           1545-9985 
_citation.journal_full              ? 
_citation.journal_issue             ? 
_citation.journal_volume            24 
_citation.language                  ? 
_citation.page_first                544 
_citation.page_last                 552 
_citation.title                     '5-Formylcytosine does not change the global structure of DNA.' 
_citation.year                      2017 
_citation.database_id_CSD           ? 
_citation.pdbx_database_id_DOI      10.1038/nsmb.3411 
_citation.pdbx_database_id_PubMed   28504696 
_citation.unpublished_flag          ? 
# 
loop_
_citation_author.citation_id 
_citation_author.name 
_citation_author.ordinal 
_citation_author.identifier_ORCID 
primary 'Hardwick, J.S.'   1 ? 
primary 'Ptchelkine, D.'   2 ? 
primary 'El-Sagheer, A.H.' 3 ? 
primary 'Tear, I.'         4 ? 
primary 'Singleton, D.'    5 ? 
primary 'Phillips, S.E.V.' 6 ? 
primary 'Lane, A.N.'       7 ? 
primary 'Brown, T.'        8 ? 
# 
loop_
_entity.id 
_entity.type 
_entity.src_method 
_entity.pdbx_description 
_entity.formula_weight 
_entity.pdbx_number_of_molecules 
_entity.pdbx_ec 
_entity.pdbx_mutation 
_entity.pdbx_fragment 
_entity.details 
1 polymer     syn DNA             3663.392 2  ? ? ? ? 
2 non-polymer syn 'MAGNESIUM ION' 24.305   2  ? ? ? ? 
3 water       nat water           18.015   75 ? ? ? ? 
# 
_entity_poly.entity_id                      1 
_entity_poly.type                           polydeoxyribonucleotide 
_entity_poly.nstd_linkage                   no 
_entity_poly.nstd_monomer                   no 
_entity_poly.pdbx_seq_one_letter_code       '(DC)(DT)(DA)(DC)(DG)(DG)(DC)(DC)(DG)(DT)(DA)(DG)' 
_entity_poly.pdbx_seq_one_letter_code_can   CTACGGCCGTAG 
_entity_poly.pdbx_strand_id                 A,B 
_entity_poly.pdbx_target_identifier         ? 
# 
loop_
_pdbx_entity_nonpoly.entity_id 
_pdbx_entity_nonpoly.name 
_pdbx_entity_nonpoly.comp_id 
2 'MAGNESIUM ION' MG  
3 water           HOH 
# 
loop_
_entity_poly_seq.entity_id 
_entity_poly_seq.num 
_entity_poly_seq.mon_id 
_entity_poly_seq.hetero 
1 1  DC n 
1 2  DT n 
1 3  DA n 
1 4  DC n 
1 5  DG n 
1 6  DG n 
1 7  DC n 
1 8  DC n 
1 9  DG n 
1 10 DT n 
1 11 DA n 
1 12 DG n 
# 
_pdbx_entity_src_syn.entity_id              1 
_pdbx_entity_src_syn.pdbx_src_id            1 
_pdbx_entity_src_syn.pdbx_alt_source_flag   sample 
_pdbx_entity_src_syn.pdbx_beg_seq_num       1 
_pdbx_entity_src_syn.pdbx_end_seq_num       12 
_pdbx_entity_src_syn.organism_scientific    'synthetic construct' 
_pdbx_entity_src_syn.organism_common_name   ? 
_pdbx_entity_src_syn.ncbi_taxonomy_id       32630 
_pdbx_entity_src_syn.details                ? 
# 
loop_
_chem_comp.id 
_chem_comp.type 
_chem_comp.mon_nstd_flag 
_chem_comp.name 
_chem_comp.pdbx_synonyms 
_chem_comp.formula 
_chem_comp.formula_weight 
DA  'DNA linking' y "2'-DEOXYADENOSINE-5'-MONOPHOSPHATE" ? 'C10 H14 N5 O6 P' 331.222 
DC  'DNA linking' y "2'-DEOXYCYTIDINE-5'-MONOPHOSPHATE"  ? 'C9 H14 N3 O7 P'  307.197 
DG  'DNA linking' y "2'-DEOXYGUANOSINE-5'-MONOPHOSPHATE" ? 'C10 H14 N5 O7 P' 347.221 
DT  'DNA linking' y "THYMIDINE-5'-MONOPHOSPHATE"         ? 'C10 H15 N2 O8 P' 322.208 
HOH non-polymer   . WATER                                ? 'H2 O'            18.015  
MG  non-polymer   . 'MAGNESIUM ION'                      ? 'Mg 2'            24.305  
# 
loop_
_pdbx_poly_seq_scheme.asym_id 
_pdbx_poly_seq_scheme.entity_id 
_pdbx_poly_seq_scheme.seq_id 
_pdbx_poly_seq_scheme.mon_id 
_pdbx_poly_seq_scheme.ndb_seq_num 
_pdbx_poly_seq_scheme.pdb_seq_num 
_pdbx_poly_seq_scheme.auth_seq_num 
_pdbx_poly_seq_scheme.pdb_mon_id 
_pdbx_poly_seq_scheme.auth_mon_id 
_pdbx_poly_seq_scheme.pdb_strand_id 
_pdbx_poly_seq_scheme.pdb_ins_code 
_pdbx_poly_seq_scheme.hetero 
A 1 1  DC 1  1  1  DC DC A . n 
A 1 2  DT 2  2  2  DT DT A . n 
A 1 3  DA 3  3  3  DA DA A . n 
A 1 4  DC 4  4  4  DC DC A . n 
A 1 5  DG 5  5  5  DG DG A . n 
A 1 6  DG 6  6  6  DG DG A . n 
A 1 7  DC 7  7  7  DC DC A . n 
A 1 8  DC 8  8  8  DC DC A . n 
A 1 9  DG 9  9  9  DG DG A . n 
A 1 10 DT 10 10 10 DT DT A . n 
A 1 11 DA 11 11 11 DA DA A . n 
A 1 12 DG 12 12 12 DG DG A . n 
B 1 1  DC 1  1  1  DC DC B . n 
B 1 2  DT 2  2  2  DT DT B . n 
B 1 3  DA 3  3  3  DA DA B . n 
B 1 4  DC 4  4  4  DC DC B . n 
B 1 5  DG 5  5  5  DG DG B . n 
B 1 6  DG 6  6  6  DG DG B . n 
B 1 7  DC 7  7  7  DC DC B . n 
B 1 8  DC 8  8  8  DC DC B . n 
B 1 9  DG 9  9  9  DG DG B . n 
B 1 10 DT 10 10 10 DT DT B . n 
B 1 11 DA 11 11 11 DA DA B . n 
B 1 12 DG 12 12 12 DG DG B . n 
# 
loop_
_pdbx_nonpoly_scheme.asym_id 
_pdbx_nonpoly_scheme.entity_id 
_pdbx_nonpoly_scheme.mon_id 
_pdbx_nonpoly_scheme.ndb_seq_num 
_pdbx_nonpoly_scheme.pdb_seq_num 
_pdbx_nonpoly_scheme.auth_seq_num 
_pdbx_nonpoly_scheme.pdb_mon_id 
_pdbx_nonpoly_scheme.auth_mon_id 
_pdbx_nonpoly_scheme.pdb_strand_id 
_pdbx_nonpoly_scheme.pdb_ins_code 
C 2 MG  1  101 3  MG  MG  A . 
D 2 MG  1  101 1  MG  MG  B . 
E 3 HOH 1  201 42 HOH HOH A . 
E 3 HOH 2  202 46 HOH HOH A . 
E 3 HOH 3  203 11 HOH HOH A . 
E 3 HOH 4  204 24 HOH HOH A . 
E 3 HOH 5  205 56 HOH HOH A . 
E 3 HOH 6  206 68 HOH HOH A . 
E 3 HOH 7  207 53 HOH HOH A . 
E 3 HOH 8  208 35 HOH HOH A . 
E 3 HOH 9  209 76 HOH HOH A . 
E 3 HOH 10 210 64 HOH HOH A . 
E 3 HOH 11 211 39 HOH HOH A . 
E 3 HOH 12 212 12 HOH HOH A . 
E 3 HOH 13 213 2  HOH HOH A . 
E 3 HOH 14 214 22 HOH HOH A . 
E 3 HOH 15 215 10 HOH HOH A . 
E 3 HOH 16 216 17 HOH HOH A . 
E 3 HOH 17 217 7  HOH HOH A . 
E 3 HOH 18 218 20 HOH HOH A . 
E 3 HOH 19 219 37 HOH HOH A . 
E 3 HOH 20 220 3  HOH HOH A . 
E 3 HOH 21 221 45 HOH HOH A . 
E 3 HOH 22 222 4  HOH HOH A . 
E 3 HOH 23 223 13 HOH HOH A . 
E 3 HOH 24 224 14 HOH HOH A . 
E 3 HOH 25 225 9  HOH HOH A . 
E 3 HOH 26 226 19 HOH HOH A . 
E 3 HOH 27 227 26 HOH HOH A . 
E 3 HOH 28 228 65 HOH HOH A . 
E 3 HOH 29 229 8  HOH HOH A . 
E 3 HOH 30 230 78 HOH HOH A . 
E 3 HOH 31 231 84 HOH HOH A . 
E 3 HOH 32 232 60 HOH HOH A . 
E 3 HOH 33 233 16 HOH HOH A . 
E 3 HOH 34 234 69 HOH HOH A . 
E 3 HOH 35 235 6  HOH HOH A . 
E 3 HOH 36 236 83 HOH HOH A . 
E 3 HOH 37 237 58 HOH HOH A . 
E 3 HOH 38 238 29 HOH HOH A . 
E 3 HOH 39 239 85 HOH HOH A . 
E 3 HOH 40 240 57 HOH HOH A . 
F 3 HOH 1  201 32 HOH HOH B . 
F 3 HOH 2  202 61 HOH HOH B . 
F 3 HOH 3  203 44 HOH HOH B . 
F 3 HOH 4  204 1  HOH HOH B . 
F 3 HOH 5  205 43 HOH HOH B . 
F 3 HOH 6  206 30 HOH HOH B . 
F 3 HOH 7  207 18 HOH HOH B . 
F 3 HOH 8  208 36 HOH HOH B . 
F 3 HOH 9  209 27 HOH HOH B . 
F 3 HOH 10 210 62 HOH HOH B . 
F 3 HOH 11 211 23 HOH HOH B . 
F 3 HOH 12 212 52 HOH HOH B . 
F 3 HOH 13 213 40 HOH HOH B . 
F 3 HOH 14 214 21 HOH HOH B . 
F 3 HOH 15 215 28 HOH HOH B . 
F 3 HOH 16 216 31 HOH HOH B . 
F 3 HOH 17 217 38 HOH HOH B . 
F 3 HOH 18 218 25 HOH HOH B . 
F 3 HOH 19 219 71 HOH HOH B . 
F 3 HOH 20 220 33 HOH HOH B . 
F 3 HOH 21 221 5  HOH HOH B . 
F 3 HOH 22 222 48 HOH HOH B . 
F 3 HOH 23 223 70 HOH HOH B . 
F 3 HOH 24 224 80 HOH HOH B . 
F 3 HOH 25 225 15 HOH HOH B . 
F 3 HOH 26 226 59 HOH HOH B . 
F 3 HOH 27 227 55 HOH HOH B . 
F 3 HOH 28 228 77 HOH HOH B . 
F 3 HOH 29 229 47 HOH HOH B . 
F 3 HOH 30 230 82 HOH HOH B . 
F 3 HOH 31 231 86 HOH HOH B . 
F 3 HOH 32 232 79 HOH HOH B . 
F 3 HOH 33 233 49 HOH HOH B . 
F 3 HOH 34 234 54 HOH HOH B . 
F 3 HOH 35 235 41 HOH HOH B . 
# 
loop_
_software.citation_id 
_software.classification 
_software.compiler_name 
_software.compiler_version 
_software.contact_author 
_software.contact_author_email 
_software.date 
_software.description 
_software.dependencies 
_software.hardware 
_software.language 
_software.location 
_software.mods 
_software.name 
_software.os 
_software.os_version 
_software.type 
_software.version 
_software.pdbx_ordinal 
? refinement       ? ? ? ? ? ? ? ? ? ? ? PHENIX  ? ? ? '(1.10.1_2155: ???)' 1 
? 'data reduction' ? ? ? ? ? ? ? ? ? ? ? XDS     ? ? ? .                    2 
? 'data scaling'   ? ? ? ? ? ? ? ? ? ? ? Aimless ? ? ? .                    3 
? phasing          ? ? ? ? ? ? ? ? ? ? ? PHASER  ? ? ? .                    4 
# 
_cell.angle_alpha                  90.00 
_cell.angle_alpha_esd              ? 
_cell.angle_beta                   90.00 
_cell.angle_beta_esd               ? 
_cell.angle_gamma                  120.00 
_cell.angle_gamma_esd              ? 
_cell.entry_id                     5MVQ 
_cell.details                      ? 
_cell.formula_units_Z              ? 
_cell.length_a                     42.425 
_cell.length_a_esd                 ? 
_cell.length_b                     42.425 
_cell.length_b_esd                 ? 
_cell.length_c                     61.697 
_cell.length_c_esd                 ? 
_cell.volume                       ? 
_cell.volume_esd                   ? 
_cell.Z_PDB                        12 
_cell.reciprocal_angle_alpha       ? 
_cell.reciprocal_angle_beta        ? 
_cell.reciprocal_angle_gamma       ? 
_cell.reciprocal_angle_alpha_esd   ? 
_cell.reciprocal_angle_beta_esd    ? 
_cell.reciprocal_angle_gamma_esd   ? 
_cell.reciprocal_length_a          ? 
_cell.reciprocal_length_b          ? 
_cell.reciprocal_length_c          ? 
_cell.reciprocal_length_a_esd      ? 
_cell.reciprocal_length_b_esd      ? 
_cell.reciprocal_length_c_esd      ? 
_cell.pdbx_unique_axis             ? 
# 
_symmetry.entry_id                         5MVQ 
_symmetry.cell_setting                     ? 
_symmetry.Int_Tables_number                154 
_symmetry.space_group_name_Hall            ? 
_symmetry.space_group_name_H-M             'P 32 2 1' 
_symmetry.pdbx_full_space_group_name_H-M   ? 
# 
_exptl.absorpt_coefficient_mu     ? 
_exptl.absorpt_correction_T_max   ? 
_exptl.absorpt_correction_T_min   ? 
_exptl.absorpt_correction_type    ? 
_exptl.absorpt_process_details    ? 
_exptl.entry_id                   5MVQ 
_exptl.crystals_number            1 
_exptl.details                    ? 
_exptl.method                     'X-RAY DIFFRACTION' 
_exptl.method_details             ? 
# 
_exptl_crystal.colour                      ? 
_exptl_crystal.density_diffrn              ? 
_exptl_crystal.density_Matthews            2.19 
_exptl_crystal.density_method              ? 
_exptl_crystal.density_percent_sol         43.77 
_exptl_crystal.description                 ? 
_exptl_crystal.F_000                       ? 
_exptl_crystal.id                          1 
_exptl_crystal.preparation                 ? 
_exptl_crystal.size_max                    ? 
_exptl_crystal.size_mid                    ? 
_exptl_crystal.size_min                    ? 
_exptl_crystal.size_rad                    ? 
_exptl_crystal.colour_lustre               ? 
_exptl_crystal.colour_modifier             ? 
_exptl_crystal.colour_primary              ? 
_exptl_crystal.density_meas                ? 
_exptl_crystal.density_meas_esd            ? 
_exptl_crystal.density_meas_gt             ? 
_exptl_crystal.density_meas_lt             ? 
_exptl_crystal.density_meas_temp           ? 
_exptl_crystal.density_meas_temp_esd       ? 
_exptl_crystal.density_meas_temp_gt        ? 
_exptl_crystal.density_meas_temp_lt        ? 
_exptl_crystal.pdbx_crystal_image_url      ? 
_exptl_crystal.pdbx_crystal_image_format   ? 
_exptl_crystal.pdbx_mosaicity              ? 
_exptl_crystal.pdbx_mosaicity_esd          ? 
# 
_exptl_crystal_grow.apparatus       ? 
_exptl_crystal_grow.atmosphere      ? 
_exptl_crystal_grow.crystal_id      1 
_exptl_crystal_grow.details         ? 
_exptl_crystal_grow.method          'VAPOR DIFFUSION, SITTING DROP' 
_exptl_crystal_grow.method_ref      ? 
_exptl_crystal_grow.pH              ? 
_exptl_crystal_grow.pressure        ? 
_exptl_crystal_grow.pressure_esd    ? 
_exptl_crystal_grow.seeding         ? 
_exptl_crystal_grow.seeding_ref     ? 
_exptl_crystal_grow.temp            293 
_exptl_crystal_grow.temp_details    ? 
_exptl_crystal_grow.temp_esd        ? 
_exptl_crystal_grow.time            ? 
_exptl_crystal_grow.pdbx_details    
;Sodium chloride (80 mM)
Magnesium chloride (20 mM)
Spermine tetrahydrochloride (12 mM)
Sodium cacodylate (40 mM, pH 6.0)
MPD (35% v/v)
;
_exptl_crystal_grow.pdbx_pH_range   ? 
# 
_diffrn.ambient_environment    ? 
_diffrn.ambient_temp           100 
_diffrn.ambient_temp_details   ? 
_diffrn.ambient_temp_esd       ? 
_diffrn.crystal_id             1 
_diffrn.crystal_support        ? 
_diffrn.crystal_treatment      ? 
_diffrn.details                ? 
_diffrn.id                     1 
_diffrn.ambient_pressure       ? 
_diffrn.ambient_pressure_esd   ? 
_diffrn.ambient_pressure_gt    ? 
_diffrn.ambient_pressure_lt    ? 
_diffrn.ambient_temp_gt        ? 
_diffrn.ambient_temp_lt        ? 
# 
_diffrn_detector.details                      ? 
_diffrn_detector.detector                     PIXEL 
_diffrn_detector.diffrn_id                    1 
_diffrn_detector.type                         'DECTRIS PILATUS3 6M' 
_diffrn_detector.area_resol_mean              ? 
_diffrn_detector.dtime                        ? 
_diffrn_detector.pdbx_frames_total            ? 
_diffrn_detector.pdbx_collection_time_total   ? 
_diffrn_detector.pdbx_collection_date         2016-03-06 
# 
_diffrn_radiation.collimation                      ? 
_diffrn_radiation.diffrn_id                        1 
_diffrn_radiation.filter_edge                      ? 
_diffrn_radiation.inhomogeneity                    ? 
_diffrn_radiation.monochromator                    ? 
_diffrn_radiation.polarisn_norm                    ? 
_diffrn_radiation.polarisn_ratio                   ? 
_diffrn_radiation.probe                            ? 
_diffrn_radiation.type                             ? 
_diffrn_radiation.xray_symbol                      ? 
_diffrn_radiation.wavelength_id                    1 
_diffrn_radiation.pdbx_monochromatic_or_laue_m_l   M 
_diffrn_radiation.pdbx_wavelength_list             ? 
_diffrn_radiation.pdbx_wavelength                  ? 
_diffrn_radiation.pdbx_diffrn_protocol             'SINGLE WAVELENGTH' 
_diffrn_radiation.pdbx_analyzer                    ? 
_diffrn_radiation.pdbx_scattering_type             x-ray 
# 
_diffrn_radiation_wavelength.id           1 
_diffrn_radiation_wavelength.wavelength   0.976 
_diffrn_radiation_wavelength.wt           1.0 
# 
_diffrn_source.current                     ? 
_diffrn_source.details                     ? 
_diffrn_source.diffrn_id                   1 
_diffrn_source.power                       ? 
_diffrn_source.size                        ? 
_diffrn_source.source                      SYNCHROTRON 
_diffrn_source.target                      ? 
_diffrn_source.type                        'DIAMOND BEAMLINE I03' 
_diffrn_source.voltage                     ? 
_diffrn_source.take-off_angle              ? 
_diffrn_source.pdbx_wavelength_list        0.976 
_diffrn_source.pdbx_wavelength             ? 
_diffrn_source.pdbx_synchrotron_beamline   I03 
_diffrn_source.pdbx_synchrotron_site       Diamond 
# 
_reflns.B_iso_Wilson_estimate            ? 
_reflns.entry_id                         5MVQ 
_reflns.data_reduction_details           ? 
_reflns.data_reduction_method            ? 
_reflns.d_resolution_high                1.604 
_reflns.d_resolution_low                 36.741 
_reflns.details                          ? 
_reflns.limit_h_max                      ? 
_reflns.limit_h_min                      ? 
_reflns.limit_k_max                      ? 
_reflns.limit_k_min                      ? 
_reflns.limit_l_max                      ? 
_reflns.limit_l_min                      ? 
_reflns.number_all                       ? 
_reflns.number_obs                       7933 
_reflns.observed_criterion               ? 
_reflns.observed_criterion_F_max         ? 
_reflns.observed_criterion_F_min         ? 
_reflns.observed_criterion_I_max         ? 
_reflns.observed_criterion_I_min         ? 
_reflns.observed_criterion_sigma_F       ? 
_reflns.observed_criterion_sigma_I       ? 
_reflns.percent_possible_obs             91.3 
_reflns.R_free_details                   ? 
_reflns.Rmerge_F_all                     ? 
_reflns.Rmerge_F_obs                     ? 
_reflns.Friedel_coverage                 ? 
_reflns.number_gt                        ? 
_reflns.threshold_expression             ? 
_reflns.pdbx_redundancy                  4.3 
_reflns.pdbx_Rmerge_I_obs                ? 
_reflns.pdbx_Rmerge_I_all                ? 
_reflns.pdbx_Rsym_value                  ? 
_reflns.pdbx_netI_over_av_sigmaI         ? 
_reflns.pdbx_netI_over_sigmaI            18.3 
_reflns.pdbx_res_netI_over_av_sigmaI_2   ? 
_reflns.pdbx_res_netI_over_sigmaI_2      ? 
_reflns.pdbx_chi_squared                 ? 
_reflns.pdbx_scaling_rejects             ? 
_reflns.pdbx_d_res_high_opt              ? 
_reflns.pdbx_d_res_low_opt               ? 
_reflns.pdbx_d_res_opt_method            ? 
_reflns.phase_calculation_details        ? 
_reflns.pdbx_Rrim_I_all                  ? 
_reflns.pdbx_Rpim_I_all                  ? 
_reflns.pdbx_d_opt                       ? 
_reflns.pdbx_number_measured_all         ? 
_reflns.pdbx_diffrn_id                   1 
_reflns.pdbx_ordinal                     1 
_reflns.pdbx_CC_half                     ? 
_reflns.pdbx_R_split                     ? 
# 
_refine.aniso_B[1][1]                            ? 
_refine.aniso_B[1][2]                            ? 
_refine.aniso_B[1][3]                            ? 
_refine.aniso_B[2][2]                            ? 
_refine.aniso_B[2][3]                            ? 
_refine.aniso_B[3][3]                            ? 
_refine.B_iso_max                                ? 
_refine.B_iso_mean                               ? 
_refine.B_iso_min                                ? 
_refine.correlation_coeff_Fo_to_Fc               ? 
_refine.correlation_coeff_Fo_to_Fc_free          ? 
_refine.details                                  ? 
_refine.diff_density_max                         ? 
_refine.diff_density_max_esd                     ? 
_refine.diff_density_min                         ? 
_refine.diff_density_min_esd                     ? 
_refine.diff_density_rms                         ? 
_refine.diff_density_rms_esd                     ? 
_refine.entry_id                                 5MVQ 
_refine.pdbx_refine_id                           'X-RAY DIFFRACTION' 
_refine.ls_abs_structure_details                 ? 
_refine.ls_abs_structure_Flack                   ? 
_refine.ls_abs_structure_Flack_esd               ? 
_refine.ls_abs_structure_Rogers                  ? 
_refine.ls_abs_structure_Rogers_esd              ? 
_refine.ls_d_res_high                            1.604 
_refine.ls_d_res_low                             36.741 
_refine.ls_extinction_coef                       ? 
_refine.ls_extinction_coef_esd                   ? 
_refine.ls_extinction_expression                 ? 
_refine.ls_extinction_method                     ? 
_refine.ls_goodness_of_fit_all                   ? 
_refine.ls_goodness_of_fit_all_esd               ? 
_refine.ls_goodness_of_fit_obs                   ? 
_refine.ls_goodness_of_fit_obs_esd               ? 
_refine.ls_hydrogen_treatment                    ? 
_refine.ls_matrix_type                           ? 
_refine.ls_number_constraints                    ? 
_refine.ls_number_parameters                     ? 
_refine.ls_number_reflns_all                     ? 
_refine.ls_number_reflns_obs                     7901 
_refine.ls_number_reflns_R_free                  449 
_refine.ls_number_reflns_R_work                  ? 
_refine.ls_number_restraints                     ? 
_refine.ls_percent_reflns_obs                    89.51 
_refine.ls_percent_reflns_R_free                 5.68 
_refine.ls_R_factor_all                          ? 
_refine.ls_R_factor_obs                          0.1795 
_refine.ls_R_factor_R_free                       0.1938 
_refine.ls_R_factor_R_free_error                 ? 
_refine.ls_R_factor_R_free_error_details         ? 
_refine.ls_R_factor_R_work                       0.1785 
_refine.ls_R_Fsqd_factor_obs                     ? 
_refine.ls_R_I_factor_obs                        ? 
_refine.ls_redundancy_reflns_all                 ? 
_refine.ls_redundancy_reflns_obs                 ? 
_refine.ls_restrained_S_all                      ? 
_refine.ls_restrained_S_obs                      ? 
_refine.ls_shift_over_esd_max                    ? 
_refine.ls_shift_over_esd_mean                   ? 
_refine.ls_structure_factor_coef                 ? 
_refine.ls_weighting_details                     ? 
_refine.ls_weighting_scheme                      ? 
_refine.ls_wR_factor_all                         ? 
_refine.ls_wR_factor_obs                         ? 
_refine.ls_wR_factor_R_free                      ? 
_refine.ls_wR_factor_R_work                      ? 
_refine.occupancy_max                            ? 
_refine.occupancy_min                            ? 
_refine.solvent_model_details                    ? 
_refine.solvent_model_param_bsol                 ? 
_refine.solvent_model_param_ksol                 ? 
_refine.ls_R_factor_gt                           ? 
_refine.ls_goodness_of_fit_gt                    ? 
_refine.ls_goodness_of_fit_ref                   ? 
_refine.ls_shift_over_su_max                     ? 
_refine.ls_shift_over_su_max_lt                  ? 
_refine.ls_shift_over_su_mean                    ? 
_refine.ls_shift_over_su_mean_lt                 ? 
_refine.pdbx_ls_sigma_I                          ? 
_refine.pdbx_ls_sigma_F                          1.34 
_refine.pdbx_ls_sigma_Fsqd                       ? 
_refine.pdbx_data_cutoff_high_absF               ? 
_refine.pdbx_data_cutoff_high_rms_absF           ? 
_refine.pdbx_data_cutoff_low_absF                ? 
_refine.pdbx_isotropic_thermal_model             ? 
_refine.pdbx_ls_cross_valid_method               'FREE R-VALUE' 
_refine.pdbx_method_to_determine_struct          'MOLECULAR REPLACEMENT' 
_refine.pdbx_starting_model                      5MVL 
_refine.pdbx_stereochemistry_target_values       ? 
_refine.pdbx_R_Free_selection_details            ? 
_refine.pdbx_stereochem_target_val_spec_case     ? 
_refine.pdbx_overall_ESU_R                       ? 
_refine.pdbx_overall_ESU_R_Free                  ? 
_refine.pdbx_solvent_vdw_probe_radii             1.11 
_refine.pdbx_solvent_ion_probe_radii             ? 
_refine.pdbx_solvent_shrinkage_radii             0.90 
_refine.pdbx_real_space_R                        ? 
_refine.pdbx_density_correlation                 ? 
_refine.pdbx_pd_number_of_powder_patterns        ? 
_refine.pdbx_pd_number_of_points                 ? 
_refine.pdbx_pd_meas_number_of_points            ? 
_refine.pdbx_pd_proc_ls_prof_R_factor            ? 
_refine.pdbx_pd_proc_ls_prof_wR_factor           ? 
_refine.pdbx_pd_Marquardt_correlation_coeff      ? 
_refine.pdbx_pd_Fsqrd_R_factor                   ? 
_refine.pdbx_pd_ls_matrix_band_width             ? 
_refine.pdbx_overall_phase_error                 29.30 
_refine.pdbx_overall_SU_R_free_Cruickshank_DPI   ? 
_refine.pdbx_overall_SU_R_free_Blow_DPI          ? 
_refine.pdbx_overall_SU_R_Blow_DPI               ? 
_refine.pdbx_TLS_residual_ADP_flag               ? 
_refine.pdbx_diffrn_id                           1 
_refine.overall_SU_B                             ? 
_refine.overall_SU_ML                            0.14 
_refine.overall_SU_R_Cruickshank_DPI             ? 
_refine.overall_SU_R_free                        ? 
_refine.overall_FOM_free_R_set                   ? 
_refine.overall_FOM_work_R_set                   ? 
_refine.pdbx_average_fsc_overall                 ? 
_refine.pdbx_average_fsc_work                    ? 
_refine.pdbx_average_fsc_free                    ? 
# 
_refine_hist.pdbx_refine_id                   'X-RAY DIFFRACTION' 
_refine_hist.cycle_id                         LAST 
_refine_hist.pdbx_number_atoms_protein        0 
_refine_hist.pdbx_number_atoms_nucleic_acid   486 
_refine_hist.pdbx_number_atoms_ligand         2 
_refine_hist.number_atoms_solvent             75 
_refine_hist.number_atoms_total               563 
_refine_hist.d_res_high                       1.604 
_refine_hist.d_res_low                        36.741 
# 
loop_
_refine_ls_restr.pdbx_refine_id 
_refine_ls_restr.criterion 
_refine_ls_restr.dev_ideal 
_refine_ls_restr.dev_ideal_target 
_refine_ls_restr.number 
_refine_ls_restr.rejects 
_refine_ls_restr.type 
_refine_ls_restr.weight 
_refine_ls_restr.pdbx_restraint_function 
'X-RAY DIFFRACTION' ? 0.011  ? 544 ? f_bond_d           ? ? 
'X-RAY DIFFRACTION' ? 1.211  ? 836 ? f_angle_d          ? ? 
'X-RAY DIFFRACTION' ? 15.117 ? 232 ? f_dihedral_angle_d ? ? 
'X-RAY DIFFRACTION' ? 0.070  ? 94  ? f_chiral_restr     ? ? 
'X-RAY DIFFRACTION' ? 0.010  ? 24  ? f_plane_restr      ? ? 
# 
loop_
_refine_ls_shell.pdbx_refine_id 
_refine_ls_shell.d_res_high 
_refine_ls_shell.d_res_low 
_refine_ls_shell.number_reflns_all 
_refine_ls_shell.number_reflns_obs 
_refine_ls_shell.number_reflns_R_free 
_refine_ls_shell.number_reflns_R_work 
_refine_ls_shell.percent_reflns_obs 
_refine_ls_shell.percent_reflns_R_free 
_refine_ls_shell.R_factor_all 
_refine_ls_shell.R_factor_obs 
_refine_ls_shell.R_factor_R_free 
_refine_ls_shell.R_factor_R_free_error 
_refine_ls_shell.R_factor_R_work 
_refine_ls_shell.redundancy_reflns_all 
_refine_ls_shell.redundancy_reflns_obs 
_refine_ls_shell.wR_factor_all 
_refine_ls_shell.wR_factor_obs 
_refine_ls_shell.wR_factor_R_free 
_refine_ls_shell.wR_factor_R_work 
_refine_ls_shell.pdbx_total_number_of_bins_used 
_refine_ls_shell.pdbx_phase_error 
_refine_ls_shell.pdbx_fsc_work 
_refine_ls_shell.pdbx_fsc_free 
'X-RAY DIFFRACTION' 1.6039 1.8360  . . 154 2509 92.00 . . . 0.2317 . 0.2039 . . . . . . . . . . 
'X-RAY DIFFRACTION' 1.8360 2.3131  . . 125 2517 91.00 . . . 0.2765 . 0.2337 . . . . . . . . . . 
'X-RAY DIFFRACTION' 2.3131 36.7508 . . 170 2426 85.00 . . . 0.1755 . 0.1601 . . . . . . . . . . 
# 
_struct.entry_id                     5MVQ 
_struct.title                        'Crystal structure of an unmodified, self-complementary dodecamer.' 
_struct.pdbx_model_details           ? 
_struct.pdbx_formula_weight          ? 
_struct.pdbx_formula_weight_method   ? 
_struct.pdbx_model_type_details      ? 
_struct.pdbx_CASP_flag               N 
# 
_struct_keywords.entry_id        5MVQ 
_struct_keywords.text            'A-DNA, Unmodified, Self-complementary, DNA' 
_struct_keywords.pdbx_keywords   DNA 
# 
loop_
_struct_asym.id 
_struct_asym.pdbx_blank_PDB_chainid_flag 
_struct_asym.pdbx_modified 
_struct_asym.entity_id 
_struct_asym.details 
A N N 1 ? 
B N N 1 ? 
C N N 2 ? 
D N N 2 ? 
E N N 3 ? 
F N N 3 ? 
# 
_struct_ref.id                         1 
_struct_ref.db_name                    PDB 
_struct_ref.db_code                    5MVQ 
_struct_ref.pdbx_db_accession          5MVQ 
_struct_ref.pdbx_db_isoform            ? 
_struct_ref.entity_id                  1 
_struct_ref.pdbx_seq_one_letter_code   ? 
_struct_ref.pdbx_align_begin           1 
# 
loop_
_struct_ref_seq.align_id 
_struct_ref_seq.ref_id 
_struct_ref_seq.pdbx_PDB_id_code 
_struct_ref_seq.pdbx_strand_id 
_struct_ref_seq.seq_align_beg 
_struct_ref_seq.pdbx_seq_align_beg_ins_code 
_struct_ref_seq.seq_align_end 
_struct_ref_seq.pdbx_seq_align_end_ins_code 
_struct_ref_seq.pdbx_db_accession 
_struct_ref_seq.db_align_beg 
_struct_ref_seq.pdbx_db_align_beg_ins_code 
_struct_ref_seq.db_align_end 
_struct_ref_seq.pdbx_db_align_end_ins_code 
_struct_ref_seq.pdbx_auth_seq_align_beg 
_struct_ref_seq.pdbx_auth_seq_align_end 
1 1 5MVQ A 1 ? 12 ? 5MVQ 1 ? 12 ? 1 12 
2 1 5MVQ B 1 ? 12 ? 5MVQ 1 ? 12 ? 1 12 
# 
_pdbx_struct_assembly.id                   1 
_pdbx_struct_assembly.details              software_defined_assembly 
_pdbx_struct_assembly.method_details       PISA 
_pdbx_struct_assembly.oligomeric_details   dimeric 
_pdbx_struct_assembly.oligomeric_count     2 
# 
loop_
_pdbx_struct_assembly_prop.biol_id 
_pdbx_struct_assembly_prop.type 
_pdbx_struct_assembly_prop.value 
_pdbx_struct_assembly_prop.details 
1 'ABSA (A^2)' 1350 ? 
1 MORE         -11  ? 
1 'SSA (A^2)'  4480 ? 
# 
_pdbx_struct_assembly_gen.assembly_id       1 
_pdbx_struct_assembly_gen.oper_expression   1 
_pdbx_struct_assembly_gen.asym_id_list      A,B,C,D,E,F 
# 
_pdbx_struct_oper_list.id                   1 
_pdbx_struct_oper_list.type                 'identity operation' 
_pdbx_struct_oper_list.name                 1_555 
_pdbx_struct_oper_list.symmetry_operation   x,y,z 
_pdbx_struct_oper_list.matrix[1][1]         1.0000000000 
_pdbx_struct_oper_list.matrix[1][2]         0.0000000000 
_pdbx_struct_oper_list.matrix[1][3]         0.0000000000 
_pdbx_struct_oper_list.vector[1]            0.0000000000 
_pdbx_struct_oper_list.matrix[2][1]         0.0000000000 
_pdbx_struct_oper_list.matrix[2][2]         1.0000000000 
_pdbx_struct_oper_list.matrix[2][3]         0.0000000000 
_pdbx_struct_oper_list.vector[2]            0.0000000000 
_pdbx_struct_oper_list.matrix[3][1]         0.0000000000 
_pdbx_struct_oper_list.matrix[3][2]         0.0000000000 
_pdbx_struct_oper_list.matrix[3][3]         1.0000000000 
_pdbx_struct_oper_list.vector[3]            0.0000000000 
# 
loop_
_struct_conn.id 
_struct_conn.conn_type_id 
_struct_conn.pdbx_leaving_atom_flag 
_struct_conn.pdbx_PDB_id 
_struct_conn.ptnr1_label_asym_id 
_struct_conn.ptnr1_label_comp_id 
_struct_conn.ptnr1_label_seq_id 
_struct_conn.ptnr1_label_atom_id 
_struct_conn.pdbx_ptnr1_label_alt_id 
_struct_conn.pdbx_ptnr1_PDB_ins_code 
_struct_conn.pdbx_ptnr1_standard_comp_id 
_struct_conn.ptnr1_symmetry 
_struct_conn.ptnr2_label_asym_id 
_struct_conn.ptnr2_label_comp_id 
_struct_conn.ptnr2_label_seq_id 
_struct_conn.ptnr2_label_atom_id 
_struct_conn.pdbx_ptnr2_label_alt_id 
_struct_conn.pdbx_ptnr2_PDB_ins_code 
_struct_conn.ptnr1_auth_asym_id 
_struct_conn.ptnr1_auth_comp_id 
_struct_conn.ptnr1_auth_seq_id 
_struct_conn.ptnr2_auth_asym_id 
_struct_conn.ptnr2_auth_comp_id 
_struct_conn.ptnr2_auth_seq_id 
_struct_conn.ptnr2_symmetry 
_struct_conn.pdbx_ptnr3_label_atom_id 
_struct_conn.pdbx_ptnr3_label_seq_id 
_struct_conn.pdbx_ptnr3_label_comp_id 
_struct_conn.pdbx_ptnr3_label_asym_id 
_struct_conn.pdbx_ptnr3_label_alt_id 
_struct_conn.pdbx_ptnr3_PDB_ins_code 
_struct_conn.details 
_struct_conn.pdbx_dist_value 
_struct_conn.pdbx_value_order 
_struct_conn.pdbx_role 
metalc1  metalc ? ? C MG  .  MG ? ? ? 1_555 E HOH .  O  ? ? A MG  101 A HOH 206 1_555 ? ? ? ? ? ? ?            2.462 ? ? 
metalc2  metalc ? ? C MG  .  MG ? ? ? 1_555 E HOH .  O  ? ? A MG  101 A HOH 220 1_555 ? ? ? ? ? ? ?            2.404 ? ? 
metalc3  metalc ? ? C MG  .  MG ? ? ? 1_555 E HOH .  O  ? ? A MG  101 A HOH 233 1_555 ? ? ? ? ? ? ?            1.964 ? ? 
metalc4  metalc ? ? C MG  .  MG ? ? ? 1_555 E HOH .  O  ? ? A MG  101 A HOH 235 1_555 ? ? ? ? ? ? ?            2.190 ? ? 
metalc5  metalc ? ? E HOH .  O  ? ? ? 1_555 D MG  .  MG ? ? A HOH 225 B MG  101 1_555 ? ? ? ? ? ? ?            2.227 ? ? 
metalc6  metalc ? ? E HOH .  O  ? ? ? 1_555 D MG  .  MG ? ? A HOH 240 B MG  101 1_555 ? ? ? ? ? ? ?            2.009 ? ? 
metalc7  metalc ? ? D MG  .  MG ? ? ? 1_555 F HOH .  O  ? ? B MG  101 B HOH 203 1_555 ? ? ? ? ? ? ?            2.076 ? ? 
metalc8  metalc ? ? D MG  .  MG ? ? ? 1_555 F HOH .  O  ? ? B MG  101 B HOH 204 1_555 ? ? ? ? ? ? ?            2.200 ? ? 
metalc9  metalc ? ? D MG  .  MG ? ? ? 1_555 F HOH .  O  ? ? B MG  101 B HOH 213 1_555 ? ? ? ? ? ? ?            1.954 ? ? 
metalc10 metalc ? ? D MG  .  MG ? ? ? 1_555 F HOH .  O  ? ? B MG  101 B HOH 235 1_555 ? ? ? ? ? ? ?            2.094 ? ? 
hydrog1  hydrog ? ? A DC  1  N3 ? ? ? 1_555 B DG  12 N1 ? ? A DC  1   B DG  12  1_555 ? ? ? ? ? ? WATSON-CRICK ?     ? ? 
hydrog2  hydrog ? ? A DC  1  N4 ? ? ? 1_555 B DG  12 O6 ? ? A DC  1   B DG  12  1_555 ? ? ? ? ? ? WATSON-CRICK ?     ? ? 
hydrog3  hydrog ? ? A DC  1  O2 ? ? ? 1_555 B DG  12 N2 ? ? A DC  1   B DG  12  1_555 ? ? ? ? ? ? WATSON-CRICK ?     ? ? 
hydrog4  hydrog ? ? A DT  2  N3 ? ? ? 1_555 B DA  11 N1 ? ? A DT  2   B DA  11  1_555 ? ? ? ? ? ? WATSON-CRICK ?     ? ? 
hydrog5  hydrog ? ? A DT  2  O4 ? ? ? 1_555 B DA  11 N6 ? ? A DT  2   B DA  11  1_555 ? ? ? ? ? ? WATSON-CRICK ?     ? ? 
hydrog6  hydrog ? ? A DA  3  N1 ? ? ? 1_555 B DT  10 N3 ? ? A DA  3   B DT  10  1_555 ? ? ? ? ? ? WATSON-CRICK ?     ? ? 
hydrog7  hydrog ? ? A DA  3  N6 ? ? ? 1_555 B DT  10 O4 ? ? A DA  3   B DT  10  1_555 ? ? ? ? ? ? WATSON-CRICK ?     ? ? 
hydrog8  hydrog ? ? A DC  4  N3 ? ? ? 1_555 B DG  9  N1 ? ? A DC  4   B DG  9   1_555 ? ? ? ? ? ? WATSON-CRICK ?     ? ? 
hydrog9  hydrog ? ? A DC  4  N4 ? ? ? 1_555 B DG  9  O6 ? ? A DC  4   B DG  9   1_555 ? ? ? ? ? ? WATSON-CRICK ?     ? ? 
hydrog10 hydrog ? ? A DC  4  O2 ? ? ? 1_555 B DG  9  N2 ? ? A DC  4   B DG  9   1_555 ? ? ? ? ? ? WATSON-CRICK ?     ? ? 
hydrog11 hydrog ? ? A DG  5  N1 ? ? ? 1_555 B DC  8  N3 ? ? A DG  5   B DC  8   1_555 ? ? ? ? ? ? WATSON-CRICK ?     ? ? 
hydrog12 hydrog ? ? A DG  5  N2 ? ? ? 1_555 B DC  8  O2 ? ? A DG  5   B DC  8   1_555 ? ? ? ? ? ? WATSON-CRICK ?     ? ? 
hydrog13 hydrog ? ? A DG  5  O6 ? ? ? 1_555 B DC  8  N4 ? ? A DG  5   B DC  8   1_555 ? ? ? ? ? ? WATSON-CRICK ?     ? ? 
hydrog14 hydrog ? ? A DG  6  N1 ? ? ? 1_555 B DC  7  N3 ? ? A DG  6   B DC  7   1_555 ? ? ? ? ? ? WATSON-CRICK ?     ? ? 
hydrog15 hydrog ? ? A DG  6  N2 ? ? ? 1_555 B DC  7  O2 ? ? A DG  6   B DC  7   1_555 ? ? ? ? ? ? WATSON-CRICK ?     ? ? 
hydrog16 hydrog ? ? A DG  6  O6 ? ? ? 1_555 B DC  7  N4 ? ? A DG  6   B DC  7   1_555 ? ? ? ? ? ? WATSON-CRICK ?     ? ? 
hydrog17 hydrog ? ? A DC  7  N3 ? ? ? 1_555 B DG  6  N1 ? ? A DC  7   B DG  6   1_555 ? ? ? ? ? ? WATSON-CRICK ?     ? ? 
hydrog18 hydrog ? ? A DC  7  N4 ? ? ? 1_555 B DG  6  O6 ? ? A DC  7   B DG  6   1_555 ? ? ? ? ? ? WATSON-CRICK ?     ? ? 
hydrog19 hydrog ? ? A DC  7  O2 ? ? ? 1_555 B DG  6  N2 ? ? A DC  7   B DG  6   1_555 ? ? ? ? ? ? WATSON-CRICK ?     ? ? 
hydrog20 hydrog ? ? A DC  8  N3 ? ? ? 1_555 B DG  5  N1 ? ? A DC  8   B DG  5   1_555 ? ? ? ? ? ? WATSON-CRICK ?     ? ? 
hydrog21 hydrog ? ? A DC  8  N4 ? ? ? 1_555 B DG  5  O6 ? ? A DC  8   B DG  5   1_555 ? ? ? ? ? ? WATSON-CRICK ?     ? ? 
hydrog22 hydrog ? ? A DC  8  O2 ? ? ? 1_555 B DG  5  N2 ? ? A DC  8   B DG  5   1_555 ? ? ? ? ? ? WATSON-CRICK ?     ? ? 
hydrog23 hydrog ? ? A DG  9  N1 ? ? ? 1_555 B DC  4  N3 ? ? A DG  9   B DC  4   1_555 ? ? ? ? ? ? WATSON-CRICK ?     ? ? 
hydrog24 hydrog ? ? A DG  9  N2 ? ? ? 1_555 B DC  4  O2 ? ? A DG  9   B DC  4   1_555 ? ? ? ? ? ? WATSON-CRICK ?     ? ? 
hydrog25 hydrog ? ? A DG  9  O6 ? ? ? 1_555 B DC  4  N4 ? ? A DG  9   B DC  4   1_555 ? ? ? ? ? ? WATSON-CRICK ?     ? ? 
hydrog26 hydrog ? ? A DT  10 N3 ? ? ? 1_555 B DA  3  N1 ? ? A DT  10  B DA  3   1_555 ? ? ? ? ? ? WATSON-CRICK ?     ? ? 
hydrog27 hydrog ? ? A DT  10 O4 ? ? ? 1_555 B DA  3  N6 ? ? A DT  10  B DA  3   1_555 ? ? ? ? ? ? WATSON-CRICK ?     ? ? 
hydrog28 hydrog ? ? A DA  11 N1 ? ? ? 1_555 B DT  2  N3 ? ? A DA  11  B DT  2   1_555 ? ? ? ? ? ? WATSON-CRICK ?     ? ? 
hydrog29 hydrog ? ? A DA  11 N6 ? ? ? 1_555 B DT  2  O4 ? ? A DA  11  B DT  2   1_555 ? ? ? ? ? ? WATSON-CRICK ?     ? ? 
hydrog30 hydrog ? ? A DG  12 N1 ? ? ? 1_555 B DC  1  N3 ? ? A DG  12  B DC  1   1_555 ? ? ? ? ? ? WATSON-CRICK ?     ? ? 
hydrog31 hydrog ? ? A DG  12 N2 ? ? ? 1_555 B DC  1  O2 ? ? A DG  12  B DC  1   1_555 ? ? ? ? ? ? WATSON-CRICK ?     ? ? 
hydrog32 hydrog ? ? A DG  12 O6 ? ? ? 1_555 B DC  1  N4 ? ? A DG  12  B DC  1   1_555 ? ? ? ? ? ? WATSON-CRICK ?     ? ? 
# 
loop_
_struct_conn_type.id 
_struct_conn_type.criteria 
_struct_conn_type.reference 
metalc ? ? 
hydrog ? ? 
# 
loop_
_pdbx_struct_conn_angle.id 
_pdbx_struct_conn_angle.ptnr1_label_atom_id 
_pdbx_struct_conn_angle.ptnr1_label_alt_id 
_pdbx_struct_conn_angle.ptnr1_label_asym_id 
_pdbx_struct_conn_angle.ptnr1_label_comp_id 
_pdbx_struct_conn_angle.ptnr1_label_seq_id 
_pdbx_struct_conn_angle.ptnr1_auth_atom_id 
_pdbx_struct_conn_angle.ptnr1_auth_asym_id 
_pdbx_struct_conn_angle.ptnr1_auth_comp_id 
_pdbx_struct_conn_angle.ptnr1_auth_seq_id 
_pdbx_struct_conn_angle.ptnr1_PDB_ins_code 
_pdbx_struct_conn_angle.ptnr1_symmetry 
_pdbx_struct_conn_angle.ptnr2_label_atom_id 
_pdbx_struct_conn_angle.ptnr2_label_alt_id 
_pdbx_struct_conn_angle.ptnr2_label_asym_id 
_pdbx_struct_conn_angle.ptnr2_label_comp_id 
_pdbx_struct_conn_angle.ptnr2_label_seq_id 
_pdbx_struct_conn_angle.ptnr2_auth_atom_id 
_pdbx_struct_conn_angle.ptnr2_auth_asym_id 
_pdbx_struct_conn_angle.ptnr2_auth_comp_id 
_pdbx_struct_conn_angle.ptnr2_auth_seq_id 
_pdbx_struct_conn_angle.ptnr2_PDB_ins_code 
_pdbx_struct_conn_angle.ptnr2_symmetry 
_pdbx_struct_conn_angle.ptnr3_label_atom_id 
_pdbx_struct_conn_angle.ptnr3_label_alt_id 
_pdbx_struct_conn_angle.ptnr3_label_asym_id 
_pdbx_struct_conn_angle.ptnr3_label_comp_id 
_pdbx_struct_conn_angle.ptnr3_label_seq_id 
_pdbx_struct_conn_angle.ptnr3_auth_atom_id 
_pdbx_struct_conn_angle.ptnr3_auth_asym_id 
_pdbx_struct_conn_angle.ptnr3_auth_comp_id 
_pdbx_struct_conn_angle.ptnr3_auth_seq_id 
_pdbx_struct_conn_angle.ptnr3_PDB_ins_code 
_pdbx_struct_conn_angle.ptnr3_symmetry 
_pdbx_struct_conn_angle.value 
_pdbx_struct_conn_angle.value_esd 
1  O ? E HOH . ? A HOH 206 ? 1_555 MG ? C MG . ? A MG 101 ? 1_555 O ? E HOH . ? A HOH 220 ? 1_555 92.6  ? 
2  O ? E HOH . ? A HOH 206 ? 1_555 MG ? C MG . ? A MG 101 ? 1_555 O ? E HOH . ? A HOH 233 ? 1_555 89.8  ? 
3  O ? E HOH . ? A HOH 220 ? 1_555 MG ? C MG . ? A MG 101 ? 1_555 O ? E HOH . ? A HOH 233 ? 1_555 90.0  ? 
4  O ? E HOH . ? A HOH 206 ? 1_555 MG ? C MG . ? A MG 101 ? 1_555 O ? E HOH . ? A HOH 235 ? 1_555 86.5  ? 
5  O ? E HOH . ? A HOH 220 ? 1_555 MG ? C MG . ? A MG 101 ? 1_555 O ? E HOH . ? A HOH 235 ? 1_555 105.6 ? 
6  O ? E HOH . ? A HOH 233 ? 1_555 MG ? C MG . ? A MG 101 ? 1_555 O ? E HOH . ? A HOH 235 ? 1_555 164.1 ? 
7  O ? E HOH . ? A HOH 225 ? 1_555 MG ? D MG . ? B MG 101 ? 1_555 O ? E HOH . ? A HOH 240 ? 1_555 73.2  ? 
8  O ? E HOH . ? A HOH 225 ? 1_555 MG ? D MG . ? B MG 101 ? 1_555 O ? F HOH . ? B HOH 203 ? 1_555 87.2  ? 
9  O ? E HOH . ? A HOH 240 ? 1_555 MG ? D MG . ? B MG 101 ? 1_555 O ? F HOH . ? B HOH 203 ? 1_555 158.7 ? 
10 O ? E HOH . ? A HOH 225 ? 1_555 MG ? D MG . ? B MG 101 ? 1_555 O ? F HOH . ? B HOH 204 ? 1_555 97.8  ? 
11 O ? E HOH . ? A HOH 240 ? 1_555 MG ? D MG . ? B MG 101 ? 1_555 O ? F HOH . ? B HOH 204 ? 1_555 102.9 ? 
12 O ? F HOH . ? B HOH 203 ? 1_555 MG ? D MG . ? B MG 101 ? 1_555 O ? F HOH . ? B HOH 204 ? 1_555 87.5  ? 
13 O ? E HOH . ? A HOH 225 ? 1_555 MG ? D MG . ? B MG 101 ? 1_555 O ? F HOH . ? B HOH 213 ? 1_555 173.5 ? 
14 O ? E HOH . ? A HOH 240 ? 1_555 MG ? D MG . ? B MG 101 ? 1_555 O ? F HOH . ? B HOH 213 ? 1_555 104.0 ? 
15 O ? F HOH . ? B HOH 203 ? 1_555 MG ? D MG . ? B MG 101 ? 1_555 O ? F HOH . ? B HOH 213 ? 1_555 94.7  ? 
16 O ? F HOH . ? B HOH 204 ? 1_555 MG ? D MG . ? B MG 101 ? 1_555 O ? F HOH . ? B HOH 213 ? 1_555 88.5  ? 
17 O ? E HOH . ? A HOH 225 ? 1_555 MG ? D MG . ? B MG 101 ? 1_555 O ? F HOH . ? B HOH 235 ? 1_555 86.7  ? 
18 O ? E HOH . ? A HOH 240 ? 1_555 MG ? D MG . ? B MG 101 ? 1_555 O ? F HOH . ? B HOH 235 ? 1_555 82.2  ? 
19 O ? F HOH . ? B HOH 203 ? 1_555 MG ? D MG . ? B MG 101 ? 1_555 O ? F HOH . ? B HOH 235 ? 1_555 88.7  ? 
20 O ? F HOH . ? B HOH 204 ? 1_555 MG ? D MG . ? B MG 101 ? 1_555 O ? F HOH . ? B HOH 235 ? 1_555 174.0 ? 
21 O ? F HOH . ? B HOH 213 ? 1_555 MG ? D MG . ? B MG 101 ? 1_555 O ? F HOH . ? B HOH 235 ? 1_555 87.1  ? 
# 
loop_
_struct_site.id 
_struct_site.pdbx_evidence_code 
_struct_site.pdbx_auth_asym_id 
_struct_site.pdbx_auth_comp_id 
_struct_site.pdbx_auth_seq_id 
_struct_site.pdbx_auth_ins_code 
_struct_site.pdbx_num_residues 
_struct_site.details 
AC1 Software A MG 101 ? 4 'binding site for residue MG A 101' 
AC2 Software B MG 101 ? 6 'binding site for residue MG B 101' 
# 
loop_
_struct_site_gen.id 
_struct_site_gen.site_id 
_struct_site_gen.pdbx_num_res 
_struct_site_gen.label_comp_id 
_struct_site_gen.label_asym_id 
_struct_site_gen.label_seq_id 
_struct_site_gen.pdbx_auth_ins_code 
_struct_site_gen.auth_comp_id 
_struct_site_gen.auth_asym_id 
_struct_site_gen.auth_seq_id 
_struct_site_gen.label_atom_id 
_struct_site_gen.label_alt_id 
_struct_site_gen.symmetry 
_struct_site_gen.details 
1  AC1 4 HOH E . ? HOH A 206 . ? 1_555 ? 
2  AC1 4 HOH E . ? HOH A 220 . ? 1_555 ? 
3  AC1 4 HOH E . ? HOH A 233 . ? 1_555 ? 
4  AC1 4 HOH E . ? HOH A 235 . ? 1_555 ? 
5  AC2 6 HOH E . ? HOH A 225 . ? 1_555 ? 
6  AC2 6 HOH E . ? HOH A 240 . ? 1_555 ? 
7  AC2 6 HOH F . ? HOH B 203 . ? 1_555 ? 
8  AC2 6 HOH F . ? HOH B 204 . ? 1_555 ? 
9  AC2 6 HOH F . ? HOH B 213 . ? 1_555 ? 
10 AC2 6 HOH F . ? HOH B 235 . ? 1_555 ? 
# 
loop_
_pdbx_validate_rmsd_angle.id 
_pdbx_validate_rmsd_angle.PDB_model_num 
_pdbx_validate_rmsd_angle.auth_atom_id_1 
_pdbx_validate_rmsd_angle.auth_asym_id_1 
_pdbx_validate_rmsd_angle.auth_comp_id_1 
_pdbx_validate_rmsd_angle.auth_seq_id_1 
_pdbx_validate_rmsd_angle.PDB_ins_code_1 
_pdbx_validate_rmsd_angle.label_alt_id_1 
_pdbx_validate_rmsd_angle.auth_atom_id_2 
_pdbx_validate_rmsd_angle.auth_asym_id_2 
_pdbx_validate_rmsd_angle.auth_comp_id_2 
_pdbx_validate_rmsd_angle.auth_seq_id_2 
_pdbx_validate_rmsd_angle.PDB_ins_code_2 
_pdbx_validate_rmsd_angle.label_alt_id_2 
_pdbx_validate_rmsd_angle.auth_atom_id_3 
_pdbx_validate_rmsd_angle.auth_asym_id_3 
_pdbx_validate_rmsd_angle.auth_comp_id_3 
_pdbx_validate_rmsd_angle.auth_seq_id_3 
_pdbx_validate_rmsd_angle.PDB_ins_code_3 
_pdbx_validate_rmsd_angle.label_alt_id_3 
_pdbx_validate_rmsd_angle.angle_value 
_pdbx_validate_rmsd_angle.angle_target_value 
_pdbx_validate_rmsd_angle.angle_deviation 
_pdbx_validate_rmsd_angle.angle_standard_deviation 
_pdbx_validate_rmsd_angle.linker_flag 
1 1 "O5'" A DA 11 ? ? P     A DA 11 ? ? OP2   A DA 11 ? ? 99.96  105.70 -5.74 0.90 N 
2 1 "O4'" A DA 11 ? ? "C4'" A DA 11 ? ? "C3'" A DA 11 ? ? 101.99 104.50 -2.51 0.40 N 
3 1 "O4'" B DC 4  ? ? "C1'" B DC 4  ? ? N1    B DC 4  ? ? 112.74 108.30 4.44  0.30 N 
4 1 "O4'" B DC 8  ? ? "C1'" B DC 8  ? ? N1    B DC 8  ? ? 110.36 108.30 2.06  0.30 N 
# 
loop_
_pdbx_struct_special_symmetry.id 
_pdbx_struct_special_symmetry.PDB_model_num 
_pdbx_struct_special_symmetry.auth_asym_id 
_pdbx_struct_special_symmetry.auth_comp_id 
_pdbx_struct_special_symmetry.auth_seq_id 
_pdbx_struct_special_symmetry.PDB_ins_code 
_pdbx_struct_special_symmetry.label_asym_id 
_pdbx_struct_special_symmetry.label_comp_id 
_pdbx_struct_special_symmetry.label_seq_id 
1 1 A HOH 230 ? E HOH . 
2 1 B HOH 232 ? F HOH . 
# 
loop_
_pdbx_refine_tls.pdbx_refine_id 
_pdbx_refine_tls.id 
_pdbx_refine_tls.details 
_pdbx_refine_tls.method 
_pdbx_refine_tls.origin_x 
_pdbx_refine_tls.origin_y 
_pdbx_refine_tls.origin_z 
_pdbx_refine_tls.T[1][1] 
_pdbx_refine_tls.T[2][2] 
_pdbx_refine_tls.T[3][3] 
_pdbx_refine_tls.T[1][2] 
_pdbx_refine_tls.T[1][3] 
_pdbx_refine_tls.T[2][3] 
_pdbx_refine_tls.L[1][1] 
_pdbx_refine_tls.L[2][2] 
_pdbx_refine_tls.L[3][3] 
_pdbx_refine_tls.L[1][2] 
_pdbx_refine_tls.L[1][3] 
_pdbx_refine_tls.L[2][3] 
_pdbx_refine_tls.S[1][1] 
_pdbx_refine_tls.S[1][2] 
_pdbx_refine_tls.S[1][3] 
_pdbx_refine_tls.S[2][1] 
_pdbx_refine_tls.S[2][2] 
_pdbx_refine_tls.S[2][3] 
_pdbx_refine_tls.S[3][1] 
_pdbx_refine_tls.S[3][2] 
_pdbx_refine_tls.S[3][3] 
'X-RAY DIFFRACTION' 1 ? refined -0.2881 -0.5893 -3.1031 0.2753 0.2744 0.2759 0.0163 -0.0152 -0.0092 0.8292 0.2735 0.1925 0.4763  -0.2220 -0.1991 -0.0113 0.1121  0.0293  -0.0758 0.0051 -0.0597 -0.0429 -0.1086 0.0147  
'X-RAY DIFFRACTION' 2 ? refined 0.1709  0.5540  2.7089  0.3096 0.2684 0.2469 0.0144 0.0151  0.0219  0.9827 0.4604 0.0289 -0.1318 -0.1156 0.1129  -0.1315 -0.1897 -0.0191 0.0562  0.0858 -0.0033 -0.0980 0.0202  -0.0080  
# 
loop_
_pdbx_refine_tls_group.pdbx_refine_id 
_pdbx_refine_tls_group.id 
_pdbx_refine_tls_group.refine_tls_id 
_pdbx_refine_tls_group.beg_auth_asym_id 
_pdbx_refine_tls_group.beg_auth_seq_id 
_pdbx_refine_tls_group.beg_label_asym_id 
_pdbx_refine_tls_group.beg_label_seq_id 
_pdbx_refine_tls_group.end_auth_asym_id 
_pdbx_refine_tls_group.end_auth_seq_id 
_pdbx_refine_tls_group.end_label_asym_id 
_pdbx_refine_tls_group.end_label_seq_id 
_pdbx_refine_tls_group.selection 
_pdbx_refine_tls_group.selection_details 
'X-RAY DIFFRACTION' 1 1 ? ? ? ? ? ? ? ? ? 
;chain 'A' and (resid 1 through 12 )
;
'X-RAY DIFFRACTION' 2 2 ? ? ? ? ? ? ? ? ? 
;chain 'B' and (resid 1 through 12 )
;
# 
loop_
_chem_comp_atom.comp_id 
_chem_comp_atom.atom_id 
_chem_comp_atom.type_symbol 
_chem_comp_atom.pdbx_aromatic_flag 
_chem_comp_atom.pdbx_stereo_config 
_chem_comp_atom.pdbx_ordinal 
DA  OP3    O  N N 1   
DA  P      P  N N 2   
DA  OP1    O  N N 3   
DA  OP2    O  N N 4   
DA  "O5'"  O  N N 5   
DA  "C5'"  C  N N 6   
DA  "C4'"  C  N R 7   
DA  "O4'"  O  N N 8   
DA  "C3'"  C  N S 9   
DA  "O3'"  O  N N 10  
DA  "C2'"  C  N N 11  
DA  "C1'"  C  N R 12  
DA  N9     N  Y N 13  
DA  C8     C  Y N 14  
DA  N7     N  Y N 15  
DA  C5     C  Y N 16  
DA  C6     C  Y N 17  
DA  N6     N  N N 18  
DA  N1     N  Y N 19  
DA  C2     C  Y N 20  
DA  N3     N  Y N 21  
DA  C4     C  Y N 22  
DA  HOP3   H  N N 23  
DA  HOP2   H  N N 24  
DA  "H5'"  H  N N 25  
DA  "H5''" H  N N 26  
DA  "H4'"  H  N N 27  
DA  "H3'"  H  N N 28  
DA  "HO3'" H  N N 29  
DA  "H2'"  H  N N 30  
DA  "H2''" H  N N 31  
DA  "H1'"  H  N N 32  
DA  H8     H  N N 33  
DA  H61    H  N N 34  
DA  H62    H  N N 35  
DA  H2     H  N N 36  
DC  OP3    O  N N 37  
DC  P      P  N N 38  
DC  OP1    O  N N 39  
DC  OP2    O  N N 40  
DC  "O5'"  O  N N 41  
DC  "C5'"  C  N N 42  
DC  "C4'"  C  N R 43  
DC  "O4'"  O  N N 44  
DC  "C3'"  C  N S 45  
DC  "O3'"  O  N N 46  
DC  "C2'"  C  N N 47  
DC  "C1'"  C  N R 48  
DC  N1     N  N N 49  
DC  C2     C  N N 50  
DC  O2     O  N N 51  
DC  N3     N  N N 52  
DC  C4     C  N N 53  
DC  N4     N  N N 54  
DC  C5     C  N N 55  
DC  C6     C  N N 56  
DC  HOP3   H  N N 57  
DC  HOP2   H  N N 58  
DC  "H5'"  H  N N 59  
DC  "H5''" H  N N 60  
DC  "H4'"  H  N N 61  
DC  "H3'"  H  N N 62  
DC  "HO3'" H  N N 63  
DC  "H2'"  H  N N 64  
DC  "H2''" H  N N 65  
DC  "H1'"  H  N N 66  
DC  H41    H  N N 67  
DC  H42    H  N N 68  
DC  H5     H  N N 69  
DC  H6     H  N N 70  
DG  OP3    O  N N 71  
DG  P      P  N N 72  
DG  OP1    O  N N 73  
DG  OP2    O  N N 74  
DG  "O5'"  O  N N 75  
DG  "C5'"  C  N N 76  
DG  "C4'"  C  N R 77  
DG  "O4'"  O  N N 78  
DG  "C3'"  C  N S 79  
DG  "O3'"  O  N N 80  
DG  "C2'"  C  N N 81  
DG  "C1'"  C  N R 82  
DG  N9     N  Y N 83  
DG  C8     C  Y N 84  
DG  N7     N  Y N 85  
DG  C5     C  Y N 86  
DG  C6     C  N N 87  
DG  O6     O  N N 88  
DG  N1     N  N N 89  
DG  C2     C  N N 90  
DG  N2     N  N N 91  
DG  N3     N  N N 92  
DG  C4     C  Y N 93  
DG  HOP3   H  N N 94  
DG  HOP2   H  N N 95  
DG  "H5'"  H  N N 96  
DG  "H5''" H  N N 97  
DG  "H4'"  H  N N 98  
DG  "H3'"  H  N N 99  
DG  "HO3'" H  N N 100 
DG  "H2'"  H  N N 101 
DG  "H2''" H  N N 102 
DG  "H1'"  H  N N 103 
DG  H8     H  N N 104 
DG  H1     H  N N 105 
DG  H21    H  N N 106 
DG  H22    H  N N 107 
DT  OP3    O  N N 108 
DT  P      P  N N 109 
DT  OP1    O  N N 110 
DT  OP2    O  N N 111 
DT  "O5'"  O  N N 112 
DT  "C5'"  C  N N 113 
DT  "C4'"  C  N R 114 
DT  "O4'"  O  N N 115 
DT  "C3'"  C  N S 116 
DT  "O3'"  O  N N 117 
DT  "C2'"  C  N N 118 
DT  "C1'"  C  N R 119 
DT  N1     N  N N 120 
DT  C2     C  N N 121 
DT  O2     O  N N 122 
DT  N3     N  N N 123 
DT  C4     C  N N 124 
DT  O4     O  N N 125 
DT  C5     C  N N 126 
DT  C7     C  N N 127 
DT  C6     C  N N 128 
DT  HOP3   H  N N 129 
DT  HOP2   H  N N 130 
DT  "H5'"  H  N N 131 
DT  "H5''" H  N N 132 
DT  "H4'"  H  N N 133 
DT  "H3'"  H  N N 134 
DT  "HO3'" H  N N 135 
DT  "H2'"  H  N N 136 
DT  "H2''" H  N N 137 
DT  "H1'"  H  N N 138 
DT  H3     H  N N 139 
DT  H71    H  N N 140 
DT  H72    H  N N 141 
DT  H73    H  N N 142 
DT  H6     H  N N 143 
HOH O      O  N N 144 
HOH H1     H  N N 145 
HOH H2     H  N N 146 
MG  MG     MG N N 147 
# 
loop_
_chem_comp_bond.comp_id 
_chem_comp_bond.atom_id_1 
_chem_comp_bond.atom_id_2 
_chem_comp_bond.value_order 
_chem_comp_bond.pdbx_aromatic_flag 
_chem_comp_bond.pdbx_stereo_config 
_chem_comp_bond.pdbx_ordinal 
DA  OP3   P      sing N N 1   
DA  OP3   HOP3   sing N N 2   
DA  P     OP1    doub N N 3   
DA  P     OP2    sing N N 4   
DA  P     "O5'"  sing N N 5   
DA  OP2   HOP2   sing N N 6   
DA  "O5'" "C5'"  sing N N 7   
DA  "C5'" "C4'"  sing N N 8   
DA  "C5'" "H5'"  sing N N 9   
DA  "C5'" "H5''" sing N N 10  
DA  "C4'" "O4'"  sing N N 11  
DA  "C4'" "C3'"  sing N N 12  
DA  "C4'" "H4'"  sing N N 13  
DA  "O4'" "C1'"  sing N N 14  
DA  "C3'" "O3'"  sing N N 15  
DA  "C3'" "C2'"  sing N N 16  
DA  "C3'" "H3'"  sing N N 17  
DA  "O3'" "HO3'" sing N N 18  
DA  "C2'" "C1'"  sing N N 19  
DA  "C2'" "H2'"  sing N N 20  
DA  "C2'" "H2''" sing N N 21  
DA  "C1'" N9     sing N N 22  
DA  "C1'" "H1'"  sing N N 23  
DA  N9    C8     sing Y N 24  
DA  N9    C4     sing Y N 25  
DA  C8    N7     doub Y N 26  
DA  C8    H8     sing N N 27  
DA  N7    C5     sing Y N 28  
DA  C5    C6     sing Y N 29  
DA  C5    C4     doub Y N 30  
DA  C6    N6     sing N N 31  
DA  C6    N1     doub Y N 32  
DA  N6    H61    sing N N 33  
DA  N6    H62    sing N N 34  
DA  N1    C2     sing Y N 35  
DA  C2    N3     doub Y N 36  
DA  C2    H2     sing N N 37  
DA  N3    C4     sing Y N 38  
DC  OP3   P      sing N N 39  
DC  OP3   HOP3   sing N N 40  
DC  P     OP1    doub N N 41  
DC  P     OP2    sing N N 42  
DC  P     "O5'"  sing N N 43  
DC  OP2   HOP2   sing N N 44  
DC  "O5'" "C5'"  sing N N 45  
DC  "C5'" "C4'"  sing N N 46  
DC  "C5'" "H5'"  sing N N 47  
DC  "C5'" "H5''" sing N N 48  
DC  "C4'" "O4'"  sing N N 49  
DC  "C4'" "C3'"  sing N N 50  
DC  "C4'" "H4'"  sing N N 51  
DC  "O4'" "C1'"  sing N N 52  
DC  "C3'" "O3'"  sing N N 53  
DC  "C3'" "C2'"  sing N N 54  
DC  "C3'" "H3'"  sing N N 55  
DC  "O3'" "HO3'" sing N N 56  
DC  "C2'" "C1'"  sing N N 57  
DC  "C2'" "H2'"  sing N N 58  
DC  "C2'" "H2''" sing N N 59  
DC  "C1'" N1     sing N N 60  
DC  "C1'" "H1'"  sing N N 61  
DC  N1    C2     sing N N 62  
DC  N1    C6     sing N N 63  
DC  C2    O2     doub N N 64  
DC  C2    N3     sing N N 65  
DC  N3    C4     doub N N 66  
DC  C4    N4     sing N N 67  
DC  C4    C5     sing N N 68  
DC  N4    H41    sing N N 69  
DC  N4    H42    sing N N 70  
DC  C5    C6     doub N N 71  
DC  C5    H5     sing N N 72  
DC  C6    H6     sing N N 73  
DG  OP3   P      sing N N 74  
DG  OP3   HOP3   sing N N 75  
DG  P     OP1    doub N N 76  
DG  P     OP2    sing N N 77  
DG  P     "O5'"  sing N N 78  
DG  OP2   HOP2   sing N N 79  
DG  "O5'" "C5'"  sing N N 80  
DG  "C5'" "C4'"  sing N N 81  
DG  "C5'" "H5'"  sing N N 82  
DG  "C5'" "H5''" sing N N 83  
DG  "C4'" "O4'"  sing N N 84  
DG  "C4'" "C3'"  sing N N 85  
DG  "C4'" "H4'"  sing N N 86  
DG  "O4'" "C1'"  sing N N 87  
DG  "C3'" "O3'"  sing N N 88  
DG  "C3'" "C2'"  sing N N 89  
DG  "C3'" "H3'"  sing N N 90  
DG  "O3'" "HO3'" sing N N 91  
DG  "C2'" "C1'"  sing N N 92  
DG  "C2'" "H2'"  sing N N 93  
DG  "C2'" "H2''" sing N N 94  
DG  "C1'" N9     sing N N 95  
DG  "C1'" "H1'"  sing N N 96  
DG  N9    C8     sing Y N 97  
DG  N9    C4     sing Y N 98  
DG  C8    N7     doub Y N 99  
DG  C8    H8     sing N N 100 
DG  N7    C5     sing Y N 101 
DG  C5    C6     sing N N 102 
DG  C5    C4     doub Y N 103 
DG  C6    O6     doub N N 104 
DG  C6    N1     sing N N 105 
DG  N1    C2     sing N N 106 
DG  N1    H1     sing N N 107 
DG  C2    N2     sing N N 108 
DG  C2    N3     doub N N 109 
DG  N2    H21    sing N N 110 
DG  N2    H22    sing N N 111 
DG  N3    C4     sing N N 112 
DT  OP3   P      sing N N 113 
DT  OP3   HOP3   sing N N 114 
DT  P     OP1    doub N N 115 
DT  P     OP2    sing N N 116 
DT  P     "O5'"  sing N N 117 
DT  OP2   HOP2   sing N N 118 
DT  "O5'" "C5'"  sing N N 119 
DT  "C5'" "C4'"  sing N N 120 
DT  "C5'" "H5'"  sing N N 121 
DT  "C5'" "H5''" sing N N 122 
DT  "C4'" "O4'"  sing N N 123 
DT  "C4'" "C3'"  sing N N 124 
DT  "C4'" "H4'"  sing N N 125 
DT  "O4'" "C1'"  sing N N 126 
DT  "C3'" "O3'"  sing N N 127 
DT  "C3'" "C2'"  sing N N 128 
DT  "C3'" "H3'"  sing N N 129 
DT  "O3'" "HO3'" sing N N 130 
DT  "C2'" "C1'"  sing N N 131 
DT  "C2'" "H2'"  sing N N 132 
DT  "C2'" "H2''" sing N N 133 
DT  "C1'" N1     sing N N 134 
DT  "C1'" "H1'"  sing N N 135 
DT  N1    C2     sing N N 136 
DT  N1    C6     sing N N 137 
DT  C2    O2     doub N N 138 
DT  C2    N3     sing N N 139 
DT  N3    C4     sing N N 140 
DT  N3    H3     sing N N 141 
DT  C4    O4     doub N N 142 
DT  C4    C5     sing N N 143 
DT  C5    C7     sing N N 144 
DT  C5    C6     doub N N 145 
DT  C7    H71    sing N N 146 
DT  C7    H72    sing N N 147 
DT  C7    H73    sing N N 148 
DT  C6    H6     sing N N 149 
HOH O     H1     sing N N 150 
HOH O     H2     sing N N 151 
# 
loop_
_ndb_struct_conf_na.entry_id 
_ndb_struct_conf_na.feature 
5MVQ 'double helix'        
5MVQ 'a-form double helix' 
# 
loop_
_ndb_struct_na_base_pair.model_number 
_ndb_struct_na_base_pair.i_label_asym_id 
_ndb_struct_na_base_pair.i_label_comp_id 
_ndb_struct_na_base_pair.i_label_seq_id 
_ndb_struct_na_base_pair.i_symmetry 
_ndb_struct_na_base_pair.j_label_asym_id 
_ndb_struct_na_base_pair.j_label_comp_id 
_ndb_struct_na_base_pair.j_label_seq_id 
_ndb_struct_na_base_pair.j_symmetry 
_ndb_struct_na_base_pair.shear 
_ndb_struct_na_base_pair.stretch 
_ndb_struct_na_base_pair.stagger 
_ndb_struct_na_base_pair.buckle 
_ndb_struct_na_base_pair.propeller 
_ndb_struct_na_base_pair.opening 
_ndb_struct_na_base_pair.pair_number 
_ndb_struct_na_base_pair.pair_name 
_ndb_struct_na_base_pair.i_auth_asym_id 
_ndb_struct_na_base_pair.i_auth_seq_id 
_ndb_struct_na_base_pair.i_PDB_ins_code 
_ndb_struct_na_base_pair.j_auth_asym_id 
_ndb_struct_na_base_pair.j_auth_seq_id 
_ndb_struct_na_base_pair.j_PDB_ins_code 
_ndb_struct_na_base_pair.hbond_type_28 
_ndb_struct_na_base_pair.hbond_type_12 
1 A DC 1  1_555 B DG 12 1_555 0.160  -0.106 0.314  -3.667  -4.770  2.522  1  A_DC1:DG12_B A 1  ? B 12 ? 19 1 
1 A DT 2  1_555 B DA 11 1_555 -0.028 -0.143 0.364  2.010   -11.981 1.857  2  A_DT2:DA11_B A 2  ? B 11 ? 20 1 
1 A DA 3  1_555 B DT 10 1_555 0.075  -0.192 0.060  4.689   -17.620 -1.247 3  A_DA3:DT10_B A 3  ? B 10 ? 20 1 
1 A DC 4  1_555 B DG 9  1_555 0.133  -0.072 0.124  4.613   -15.328 2.328  4  A_DC4:DG9_B  A 4  ? B 9  ? 19 1 
1 A DG 5  1_555 B DC 8  1_555 -0.249 -0.214 0.009  -2.107  -13.338 3.113  5  A_DG5:DC8_B  A 5  ? B 8  ? 19 1 
1 A DG 6  1_555 B DC 7  1_555 -0.136 -0.241 -0.134 -7.259  -10.346 -1.291 6  A_DG6:DC7_B  A 6  ? B 7  ? 19 1 
1 A DC 7  1_555 B DG 6  1_555 0.249  -0.175 0.044  0.497   -5.845  -0.051 7  A_DC7:DG6_B  A 7  ? B 6  ? 19 1 
1 A DC 8  1_555 B DG 5  1_555 0.232  -0.142 -0.147 8.351   -7.802  1.792  8  A_DC8:DG5_B  A 8  ? B 5  ? 19 1 
1 A DG 9  1_555 B DC 4  1_555 -0.247 -0.163 -0.404 -23.429 -17.064 0.447  9  A_DG9:DC4_B  A 9  ? B 4  ? 19 1 
1 A DT 10 1_555 B DA 3  1_555 -0.066 -0.103 -0.052 -12.609 -7.902  -1.873 10 A_DT10:DA3_B A 10 ? B 3  ? 20 1 
1 A DA 11 1_555 B DT 2  1_555 0.153  -0.148 0.324  -3.433  -7.911  0.423  11 A_DA11:DT2_B A 11 ? B 2  ? 20 1 
1 A DG 12 1_555 B DC 1  1_555 -0.154 -0.051 0.559  11.727  -7.172  0.021  12 A_DG12:DC1_B A 12 ? B 1  ? 19 1 
# 
loop_
_ndb_struct_na_base_pair_step.model_number 
_ndb_struct_na_base_pair_step.i_label_asym_id_1 
_ndb_struct_na_base_pair_step.i_label_comp_id_1 
_ndb_struct_na_base_pair_step.i_label_seq_id_1 
_ndb_struct_na_base_pair_step.i_symmetry_1 
_ndb_struct_na_base_pair_step.j_label_asym_id_1 
_ndb_struct_na_base_pair_step.j_label_comp_id_1 
_ndb_struct_na_base_pair_step.j_label_seq_id_1 
_ndb_struct_na_base_pair_step.j_symmetry_1 
_ndb_struct_na_base_pair_step.i_label_asym_id_2 
_ndb_struct_na_base_pair_step.i_label_comp_id_2 
_ndb_struct_na_base_pair_step.i_label_seq_id_2 
_ndb_struct_na_base_pair_step.i_symmetry_2 
_ndb_struct_na_base_pair_step.j_label_asym_id_2 
_ndb_struct_na_base_pair_step.j_label_comp_id_2 
_ndb_struct_na_base_pair_step.j_label_seq_id_2 
_ndb_struct_na_base_pair_step.j_symmetry_2 
_ndb_struct_na_base_pair_step.shift 
_ndb_struct_na_base_pair_step.slide 
_ndb_struct_na_base_pair_step.rise 
_ndb_struct_na_base_pair_step.tilt 
_ndb_struct_na_base_pair_step.roll 
_ndb_struct_na_base_pair_step.twist 
_ndb_struct_na_base_pair_step.x_displacement 
_ndb_struct_na_base_pair_step.y_displacement 
_ndb_struct_na_base_pair_step.helical_rise 
_ndb_struct_na_base_pair_step.inclination 
_ndb_struct_na_base_pair_step.tip 
_ndb_struct_na_base_pair_step.helical_twist 
_ndb_struct_na_base_pair_step.step_number 
_ndb_struct_na_base_pair_step.step_name 
_ndb_struct_na_base_pair_step.i_auth_asym_id_1 
_ndb_struct_na_base_pair_step.i_auth_seq_id_1 
_ndb_struct_na_base_pair_step.i_PDB_ins_code_1 
_ndb_struct_na_base_pair_step.j_auth_asym_id_1 
_ndb_struct_na_base_pair_step.j_auth_seq_id_1 
_ndb_struct_na_base_pair_step.j_PDB_ins_code_1 
_ndb_struct_na_base_pair_step.i_auth_asym_id_2 
_ndb_struct_na_base_pair_step.i_auth_seq_id_2 
_ndb_struct_na_base_pair_step.i_PDB_ins_code_2 
_ndb_struct_na_base_pair_step.j_auth_asym_id_2 
_ndb_struct_na_base_pair_step.j_auth_seq_id_2 
_ndb_struct_na_base_pair_step.j_PDB_ins_code_2 
1 A DC 1  1_555 B DG 12 1_555 A DT 2  1_555 B DA 11 1_555 -0.677 -2.142 3.080 -0.725 1.085  28.964 -4.501 1.204  3.015 2.168  
1.448   28.993 1  AA_DC1DT2:DA11DG12_BB A 1  ? B 12 ? A 2  ? B 11 ? 
1 A DT 2  1_555 B DA 11 1_555 A DA 3  1_555 B DT 10 1_555 -0.975 -1.405 2.990 -1.217 14.061 26.843 -5.023 1.665  2.056 27.967 
2.420   30.266 2  AA_DT2DA3:DT10DA11_BB A 2  ? B 11 ? A 3  ? B 10 ? 
1 A DA 3  1_555 B DT 10 1_555 A DC 4  1_555 B DG 9  1_555 0.693  -1.301 3.153 0.813  6.756  35.652 -2.970 -1.007 2.881 10.911 
-1.312  36.275 3  AA_DA3DC4:DG9DT10_BB  A 3  ? B 10 ? A 4  ? B 9  ? 
1 A DC 4  1_555 B DG 9  1_555 A DG 5  1_555 B DC 8  1_555 0.193  -1.802 3.306 1.467  14.798 25.744 -6.238 -0.107 2.003 30.214 
-2.995  29.668 4  AA_DC4DG5:DC8DG9_BB   A 4  ? B 9  ? A 5  ? B 8  ? 
1 A DG 5  1_555 B DC 8  1_555 A DG 6  1_555 B DC 7  1_555 -0.934 -1.433 3.415 -2.151 10.613 34.419 -3.809 1.207  2.911 17.408 
3.529   36.033 5  AA_DG5DG6:DC7DC8_BB   A 5  ? B 8  ? A 6  ? B 7  ? 
1 A DG 6  1_555 B DC 7  1_555 A DC 7  1_555 B DG 6  1_555 1.282  -2.451 3.055 1.665  10.407 25.008 -7.338 -2.399 1.974 22.784 
-3.645  27.106 6  AA_DG6DC7:DG6DC7_BB   A 6  ? B 7  ? A 7  ? B 6  ? 
1 A DC 7  1_555 B DG 6  1_555 A DC 8  1_555 B DG 5  1_555 -0.995 -2.227 3.032 -1.292 9.660  23.856 -7.181 1.941  2.038 22.218 
2.971   25.744 7  AA_DC7DC8:DG5DG6_BB   A 7  ? B 6  ? A 8  ? B 5  ? 
1 A DC 8  1_555 B DG 5  1_555 A DG 9  1_555 B DC 4  1_555 1.176  -1.136 3.830 10.353 20.559 37.149 -3.809 -0.442 3.045 29.107 
-14.658 43.488 8  AA_DC8DG9:DC4DG5_BB   A 8  ? B 5  ? A 9  ? B 4  ? 
1 A DG 9  1_555 B DC 4  1_555 A DT 10 1_555 B DA 3  1_555 -0.926 -1.009 3.028 -1.468 4.589  30.841 -2.670 1.468  2.891 8.563  
2.739   31.206 9  AA_DG9DT10:DA3DC4_BB  A 9  ? B 4  ? A 10 ? B 3  ? 
1 A DT 10 1_555 B DA 3  1_555 A DA 11 1_555 B DT 2  1_555 0.958  -1.073 3.012 -0.361 17.300 25.236 -4.875 -1.879 1.890 34.852 
0.728   30.519 10 AA_DT10DA11:DT2DA3_BB A 10 ? B 3  ? A 11 ? B 2  ? 
1 A DA 11 1_555 B DT 2  1_555 A DG 12 1_555 B DC 1  1_555 0.154  -1.426 2.909 0.113  -0.850 32.620 -2.405 -0.256 2.945 -1.513 
-0.202  32.631 11 AA_DA11DG12:DC1DT2_BB A 11 ? B 2  ? A 12 ? B 1  ? 
# 
_pdbx_initial_refinement_model.id               1 
_pdbx_initial_refinement_model.entity_id_list   ? 
_pdbx_initial_refinement_model.type             'experimental model' 
_pdbx_initial_refinement_model.source_name      PDB 
_pdbx_initial_refinement_model.accession_code   5MVL 
_pdbx_initial_refinement_model.details          ? 
# 
_atom_sites.entry_id                    5MVQ 
_atom_sites.fract_transf_matrix[1][1]   0.01632929 
_atom_sites.fract_transf_matrix[1][2]   0.01695747 
_atom_sites.fract_transf_matrix[1][3]   0.01365998 
_atom_sites.fract_transf_matrix[2][1]   -0.00183032 
_atom_sites.fract_transf_matrix[2][2]   0.02685419 
_atom_sites.fract_transf_matrix[2][3]   -0.00403333 
_atom_sites.fract_transf_matrix[3][1]   -0.01099570 
_atom_sites.fract_transf_matrix[3][2]   0.00103229 
_atom_sites.fract_transf_matrix[3][3]   0.01186289 
_atom_sites.fract_transf_vector[1]      -0.452024 
_atom_sites.fract_transf_vector[2]      0.024320 
_atom_sites.fract_transf_vector[3]      -0.088954 
# 
loop_
_atom_type.symbol 
C  
MG 
N  
O  
P  
# 
loop_
_atom_site.group_PDB 
_atom_site.id 
_atom_site.type_symbol 
_atom_site.label_atom_id 
_atom_site.label_alt_id 
_atom_site.label_comp_id 
_atom_site.label_asym_id 
_atom_site.label_entity_id 
_atom_site.label_seq_id 
_atom_site.pdbx_PDB_ins_code 
_atom_site.Cartn_x 
_atom_site.Cartn_y 
_atom_site.Cartn_z 
_atom_site.occupancy 
_atom_site.B_iso_or_equiv 
_atom_site.pdbx_formal_charge 
_atom_site.auth_seq_id 
_atom_site.auth_comp_id 
_atom_site.auth_asym_id 
_atom_site.auth_atom_id 
_atom_site.pdbx_PDB_model_num 
ATOM   1   O  "O5'" . DC  A 1 1  ? -7.025  4.422   7.667   1.00 35.30 ? 1   DC  A "O5'" 1 
ATOM   2   C  "C5'" . DC  A 1 1  ? -7.908  5.505   7.780   1.00 33.81 ? 1   DC  A "C5'" 1 
ATOM   3   C  "C4'" . DC  A 1 1  ? -7.160  6.813   8.009   1.00 34.46 ? 1   DC  A "C4'" 1 
ATOM   4   O  "O4'" . DC  A 1 1  ? -6.738  6.895   9.389   1.00 33.94 ? 1   DC  A "O4'" 1 
ATOM   5   C  "C3'" . DC  A 1 1  ? -5.885  6.988   7.204   1.00 33.34 ? 1   DC  A "C3'" 1 
ATOM   6   O  "O3'" . DC  A 1 1  ? -6.167  7.504   5.928   1.00 30.79 ? 1   DC  A "O3'" 1 
ATOM   7   C  "C2'" . DC  A 1 1  ? -5.097  7.963   8.059   1.00 32.88 ? 1   DC  A "C2'" 1 
ATOM   8   C  "C1'" . DC  A 1 1  ? -5.459  7.519   9.466   1.00 32.31 ? 1   DC  A "C1'" 1 
ATOM   9   N  N1    . DC  A 1 1  ? -4.498  6.555   10.037  1.00 29.52 ? 1   DC  A N1    1 
ATOM   10  C  C2    . DC  A 1 1  ? -3.199  6.977   10.324  1.00 27.09 ? 1   DC  A C2    1 
ATOM   11  O  O2    . DC  A 1 1  ? -2.885  8.136   10.068  1.00 28.83 ? 1   DC  A O2    1 
ATOM   12  N  N3    . DC  A 1 1  ? -2.327  6.102   10.849  1.00 28.28 ? 1   DC  A N3    1 
ATOM   13  C  C4    . DC  A 1 1  ? -2.710  4.857   11.098  1.00 30.37 ? 1   DC  A C4    1 
ATOM   14  N  N4    . DC  A 1 1  ? -1.806  4.029   11.629  1.00 29.19 ? 1   DC  A N4    1 
ATOM   15  C  C5    . DC  A 1 1  ? -4.037  4.410   10.824  1.00 31.39 ? 1   DC  A C5    1 
ATOM   16  C  C6    . DC  A 1 1  ? -4.883  5.283   10.294  1.00 29.01 ? 1   DC  A C6    1 
ATOM   17  P  P     . DT  A 1 2  ? -5.096  7.344   4.743   1.00 27.04 ? 2   DT  A P     1 
ATOM   18  O  OP1   . DT  A 1 2  ? -5.672  7.973   3.536   1.00 29.94 ? 2   DT  A OP1   1 
ATOM   19  O  OP2   . DT  A 1 2  ? -4.628  5.959   4.731   1.00 26.36 ? 2   DT  A OP2   1 
ATOM   20  O  "O5'" . DT  A 1 2  ? -3.840  8.184   5.242   1.00 25.87 ? 2   DT  A "O5'" 1 
ATOM   21  C  "C5'" . DT  A 1 2  ? -3.925  9.569   5.340   1.00 25.58 ? 2   DT  A "C5'" 1 
ATOM   22  C  "C4'" . DT  A 1 2  ? -2.559  10.168  5.586   1.00 25.58 ? 2   DT  A "C4'" 1 
ATOM   23  O  "O4'" . DT  A 1 2  ? -2.096  9.810   6.910   1.00 27.93 ? 2   DT  A "O4'" 1 
ATOM   24  C  "C3'" . DT  A 1 2  ? -1.458  9.662   4.677   1.00 26.22 ? 2   DT  A "C3'" 1 
ATOM   25  O  "O3'" . DT  A 1 2  ? -1.483  10.309  3.442   1.00 26.59 ? 2   DT  A "O3'" 1 
ATOM   26  C  "C2'" . DT  A 1 2  ? -0.225  9.996   5.484   1.00 27.59 ? 2   DT  A "C2'" 1 
ATOM   27  C  "C1'" . DT  A 1 2  ? -0.690  9.638   6.885   1.00 24.76 ? 2   DT  A "C1'" 1 
ATOM   28  N  N1    . DT  A 1 2  ? -0.382  8.258   7.297   1.00 23.11 ? 2   DT  A N1    1 
ATOM   29  C  C2    . DT  A 1 2  ? 0.840   8.024   7.845   1.00 23.97 ? 2   DT  A C2    1 
ATOM   30  O  O2    . DT  A 1 2  ? 1.672   8.893   7.939   1.00 24.78 ? 2   DT  A O2    1 
ATOM   31  N  N3    . DT  A 1 2  ? 1.056   6.749   8.263   1.00 24.89 ? 2   DT  A N3    1 
ATOM   32  C  C4    . DT  A 1 2  ? 0.191   5.688   8.182   1.00 25.24 ? 2   DT  A C4    1 
ATOM   33  O  O4    . DT  A 1 2  ? 0.495   4.577   8.592   1.00 24.61 ? 2   DT  A O4    1 
ATOM   34  C  C5    . DT  A 1 2  ? -1.096  5.984   7.596   1.00 25.70 ? 2   DT  A C5    1 
ATOM   35  C  C7    . DT  A 1 2  ? -2.129  4.895   7.467   1.00 28.47 ? 2   DT  A C7    1 
ATOM   36  C  C6    . DT  A 1 2  ? -1.326  7.251   7.188   1.00 24.57 ? 2   DT  A C6    1 
ATOM   37  P  P     . DA  A 1 3  ? -0.935  9.549   2.142   1.00 27.53 ? 3   DA  A P     1 
ATOM   38  O  OP1   . DA  A 1 3  ? -1.395  10.392  1.010   1.00 29.02 ? 3   DA  A OP1   1 
ATOM   39  O  OP2   . DA  A 1 3  ? -1.276  8.115   2.220   1.00 28.23 ? 3   DA  A OP2   1 
ATOM   40  O  "O5'" . DA  A 1 3  ? 0.668   9.633   2.285   1.00 25.54 ? 3   DA  A "O5'" 1 
ATOM   41  C  "C5'" . DA  A 1 3  ? 1.322   10.866  2.242   1.00 25.08 ? 3   DA  A "C5'" 1 
ATOM   42  C  "C4'" . DA  A 1 3  ? 2.740   10.708  2.696   1.00 26.86 ? 3   DA  A "C4'" 1 
ATOM   43  O  "O4'" . DA  A 1 3  ? 2.745   10.259  4.071   1.00 26.96 ? 3   DA  A "O4'" 1 
ATOM   44  C  "C3'" . DA  A 1 3  ? 3.526   9.629   1.993   1.00 27.25 ? 3   DA  A "C3'" 1 
ATOM   45  O  "O3'" . DA  A 1 3  ? 3.947   10.041  0.717   1.00 26.41 ? 3   DA  A "O3'" 1 
ATOM   46  C  "C2'" . DA  A 1 3  ? 4.662   9.417   2.971   1.00 26.66 ? 3   DA  A "C2'" 1 
ATOM   47  C  "C1'" . DA  A 1 3  ? 3.923   9.485   4.298   1.00 25.16 ? 3   DA  A "C1'" 1 
ATOM   48  N  N9    . DA  A 1 3  ? 3.544   8.190   4.817   1.00 25.08 ? 3   DA  A N9    1 
ATOM   49  C  C8    . DA  A 1 3  ? 2.334   7.570   4.713   1.00 23.86 ? 3   DA  A C8    1 
ATOM   50  N  N7    . DA  A 1 3  ? 2.293   6.389   5.295   1.00 25.37 ? 3   DA  A N7    1 
ATOM   51  C  C5    . DA  A 1 3  ? 3.564   6.243   5.812   1.00 24.29 ? 3   DA  A C5    1 
ATOM   52  C  C6    . DA  A 1 3  ? 4.170   5.203   6.545   1.00 24.69 ? 3   DA  A C6    1 
ATOM   53  N  N6    . DA  A 1 3  ? 3.531   4.100   6.905   1.00 24.16 ? 3   DA  A N6    1 
ATOM   54  N  N1    . DA  A 1 3  ? 5.462   5.350   6.875   1.00 23.05 ? 3   DA  A N1    1 
ATOM   55  C  C2    . DA  A 1 3  ? 6.089   6.472   6.527   1.00 23.75 ? 3   DA  A C2    1 
ATOM   56  N  N3    . DA  A 1 3  ? 5.618   7.528   5.848   1.00 25.55 ? 3   DA  A N3    1 
ATOM   57  C  C4    . DA  A 1 3  ? 4.346   7.334   5.512   1.00 25.80 ? 3   DA  A C4    1 
ATOM   58  P  P     . DC  A 1 4  ? 4.045   8.954   -0.462  1.00 27.90 ? 4   DC  A P     1 
ATOM   59  O  OP1   . DC  A 1 4  ? 4.213   9.760   -1.705  1.00 29.26 ? 4   DC  A OP1   1 
ATOM   60  O  OP2   . DC  A 1 4  ? 2.925   7.979   -0.377  1.00 27.95 ? 4   DC  A OP2   1 
ATOM   61  O  "O5'" . DC  A 1 4  ? 5.364   8.145   -0.119  1.00 26.50 ? 4   DC  A "O5'" 1 
ATOM   62  C  "C5'" . DC  A 1 4  ? 6.565   8.793   0.032   1.00 26.88 ? 4   DC  A "C5'" 1 
ATOM   63  C  "C4'" . DC  A 1 4  ? 7.582   7.856   0.639   1.00 25.55 ? 4   DC  A "C4'" 1 
ATOM   64  O  "O4'" . DC  A 1 4  ? 7.258   7.639   2.043   1.00 26.47 ? 4   DC  A "O4'" 1 
ATOM   65  C  "C3'" . DC  A 1 4  ? 7.619   6.455   0.064   1.00 29.59 ? 4   DC  A "C3'" 1 
ATOM   66  O  "O3'" . DC  A 1 4  ? 8.288   6.392   -1.198  1.00 28.78 ? 4   DC  A "O3'" 1 
ATOM   67  C  "C2'" . DC  A 1 4  ? 8.350   5.731   1.177   1.00 26.37 ? 4   DC  A "C2'" 1 
ATOM   68  C  "C1'" . DC  A 1 4  ? 7.663   6.322   2.400   1.00 26.28 ? 4   DC  A "C1'" 1 
ATOM   69  N  N1    . DC  A 1 4  ? 6.500   5.528   2.791   1.00 23.44 ? 4   DC  A N1    1 
ATOM   70  C  C2    . DC  A 1 4  ? 6.703   4.421   3.596   1.00 22.41 ? 4   DC  A C2    1 
ATOM   71  O  O2    . DC  A 1 4  ? 7.850   4.180   3.979   1.00 25.06 ? 4   DC  A O2    1 
ATOM   72  N  N3    . DC  A 1 4  ? 5.640   3.660   3.938   1.00 23.22 ? 4   DC  A N3    1 
ATOM   73  C  C4    . DC  A 1 4  ? 4.423   3.954   3.461   1.00 23.77 ? 4   DC  A C4    1 
ATOM   74  N  N4    . DC  A 1 4  ? 3.396   3.163   3.811   1.00 25.90 ? 4   DC  A N4    1 
ATOM   75  C  C5    . DC  A 1 4  ? 4.207   5.072   2.606   1.00 22.68 ? 4   DC  A C5    1 
ATOM   76  C  C6    . DC  A 1 4  ? 5.263   5.822   2.300   1.00 23.07 ? 4   DC  A C6    1 
ATOM   77  P  P     . DG  A 1 5  ? 7.833   5.276   -2.267  1.00 32.16 ? 5   DG  A P     1 
ATOM   78  O  OP1   . DG  A 1 5  ? 8.542   5.595   -3.529  1.00 39.03 ? 5   DG  A OP1   1 
ATOM   79  O  OP2   . DG  A 1 5  ? 6.363   5.106   -2.271  1.00 30.10 ? 5   DG  A OP2   1 
ATOM   80  O  "O5'" . DG  A 1 5  ? 8.397   3.919   -1.672  1.00 28.91 ? 5   DG  A "O5'" 1 
ATOM   81  C  "C5'" . DG  A 1 5  ? 9.771   3.746   -1.516  1.00 28.06 ? 5   DG  A "C5'" 1 
ATOM   82  C  "C4'" . DG  A 1 5  ? 10.078  2.509   -0.696  1.00 29.55 ? 5   DG  A "C4'" 1 
ATOM   83  O  "O4'" . DG  A 1 5  ? 9.415   2.596   0.592   1.00 30.84 ? 5   DG  A "O4'" 1 
ATOM   84  C  "C3'" . DG  A 1 5  ? 9.578   1.200   -1.271  1.00 32.13 ? 5   DG  A "C3'" 1 
ATOM   85  O  "O3'" . DG  A 1 5  ? 10.434  0.706   -2.272  1.00 32.09 ? 5   DG  A "O3'" 1 
ATOM   86  C  "C2'" . DG  A 1 5  ? 9.551   0.319   -0.038  1.00 30.73 ? 5   DG  A "C2'" 1 
ATOM   87  C  "C1'" . DG  A 1 5  ? 9.088   1.289   1.045   1.00 31.99 ? 5   DG  A "C1'" 1 
ATOM   88  N  N9    . DG  A 1 5  ? 7.654   1.196   1.312   1.00 28.39 ? 5   DG  A N9    1 
ATOM   89  C  C8    . DG  A 1 5  ? 6.654   2.032   0.863   1.00 26.32 ? 5   DG  A C8    1 
ATOM   90  N  N7    . DG  A 1 5  ? 5.468   1.665   1.256   1.00 26.13 ? 5   DG  A N7    1 
ATOM   91  C  C5    . DG  A 1 5  ? 5.703   0.513   2.010   1.00 26.48 ? 5   DG  A C5    1 
ATOM   92  C  C6    . DG  A 1 5  ? 4.806   -0.332  2.690   1.00 25.45 ? 5   DG  A C6    1 
ATOM   93  O  O6    . DG  A 1 5  ? 3.581   -0.232  2.782   1.00 26.72 ? 5   DG  A O6    1 
ATOM   94  N  N1    . DG  A 1 5  ? 5.461   -1.394  3.318   1.00 26.15 ? 5   DG  A N1    1 
ATOM   95  C  C2    . DG  A 1 5  ? 6.813   -1.616  3.280   1.00 25.48 ? 5   DG  A C2    1 
ATOM   96  N  N2    . DG  A 1 5  ? 7.276   -2.706  3.943   1.00 26.88 ? 5   DG  A N2    1 
ATOM   97  N  N3    . DG  A 1 5  ? 7.666   -0.831  2.650   1.00 27.15 ? 5   DG  A N3    1 
ATOM   98  C  C4    . DG  A 1 5  ? 7.034   0.207   2.027   1.00 27.05 ? 5   DG  A C4    1 
ATOM   99  P  P     . DG  A 1 6  ? 9.878   -0.395  -3.297  1.00 33.14 ? 6   DG  A P     1 
ATOM   100 O  OP1   . DG  A 1 6  ? 10.916  -0.504  -4.357  1.00 36.14 ? 6   DG  A OP1   1 
ATOM   101 O  OP2   . DG  A 1 6  ? 8.463   -0.124  -3.655  1.00 32.71 ? 6   DG  A OP2   1 
ATOM   102 O  "O5'" . DG  A 1 6  ? 9.811   -1.720  -2.418  1.00 32.17 ? 6   DG  A "O5'" 1 
ATOM   103 C  "C5'" . DG  A 1 6  ? 11.001  -2.387  -2.025  1.00 28.78 ? 6   DG  A "C5'" 1 
ATOM   104 C  "C4'" . DG  A 1 6  ? 10.669  -3.718  -1.417  1.00 27.49 ? 6   DG  A "C4'" 1 
ATOM   105 O  "O4'" . DG  A 1 6  ? 9.995   -3.513  -0.143  1.00 27.89 ? 6   DG  A "O4'" 1 
ATOM   106 C  "C3'" . DG  A 1 6  ? 9.709   -4.578  -2.222  1.00 28.28 ? 6   DG  A "C3'" 1 
ATOM   107 O  "O3'" . DG  A 1 6  ? 10.384  -5.277  -3.268  1.00 28.94 ? 6   DG  A "O3'" 1 
ATOM   108 C  "C2'" . DG  A 1 6  ? 9.151   -5.491  -1.148  1.00 30.64 ? 6   DG  A "C2'" 1 
ATOM   109 C  "C1'" . DG  A 1 6  ? 9.003   -4.527  0.034   1.00 27.30 ? 6   DG  A "C1'" 1 
ATOM   110 N  N9    . DG  A 1 6  ? 7.696   -3.875  0.081   1.00 28.05 ? 6   DG  A N9    1 
ATOM   111 C  C8    . DG  A 1 6  ? 7.384   -2.640  -0.431  1.00 27.87 ? 6   DG  A C8    1 
ATOM   112 N  N7    . DG  A 1 6  ? 6.136   -2.307  -0.270  1.00 28.55 ? 6   DG  A N7    1 
ATOM   113 C  C5    . DG  A 1 6  ? 5.583   -3.396  0.400   1.00 25.25 ? 6   DG  A C5    1 
ATOM   114 C  C6    . DG  A 1 6  ? 4.266   -3.596  0.852   1.00 24.60 ? 6   DG  A C6    1 
ATOM   115 O  O6    . DG  A 1 6  ? 3.302   -2.826  0.738   1.00 26.32 ? 6   DG  A O6    1 
ATOM   116 N  N1    . DG  A 1 6  ? 4.114   -4.827  1.477   1.00 27.32 ? 6   DG  A N1    1 
ATOM   117 C  C2    . DG  A 1 6  ? 5.120   -5.746  1.658   1.00 27.33 ? 6   DG  A C2    1 
ATOM   118 N  N2    . DG  A 1 6  ? 4.776   -6.886  2.276   1.00 28.45 ? 6   DG  A N2    1 
ATOM   119 N  N3    . DG  A 1 6  ? 6.367   -5.568  1.241   1.00 28.04 ? 6   DG  A N3    1 
ATOM   120 C  C4    . DG  A 1 6  ? 6.528   -4.368  0.632   1.00 27.47 ? 6   DG  A C4    1 
ATOM   121 P  P     . DC  A 1 7  ? 9.592   -5.648  -4.602  1.00 29.54 ? 7   DC  A P     1 
ATOM   122 O  OP1   . DC  A 1 7  ? 10.508  -6.483  -5.414  1.00 33.10 ? 7   DC  A OP1   1 
ATOM   123 O  OP2   . DC  A 1 7  ? 9.005   -4.413  -5.182  1.00 30.89 ? 7   DC  A OP2   1 
ATOM   124 O  "O5'" . DC  A 1 7  ? 8.418   -6.546  -4.026  1.00 28.16 ? 7   DC  A "O5'" 1 
ATOM   125 C  "C5'" . DC  A 1 7  ? 7.118   -6.490  -4.543  1.00 28.53 ? 7   DC  A "C5'" 1 
ATOM   126 C  "C4'" . DC  A 1 7  ? 6.219   -7.407  -3.741  1.00 26.73 ? 7   DC  A "C4'" 1 
ATOM   127 O  "O4'" . DC  A 1 7  ? 5.922   -6.807  -2.451  1.00 27.15 ? 7   DC  A "O4'" 1 
ATOM   128 C  "C3'" . DC  A 1 7  ? 4.866   -7.681  -4.348  1.00 28.20 ? 7   DC  A "C3'" 1 
ATOM   129 O  "O3'" . DC  A 1 7  ? 4.967   -8.700  -5.328  1.00 29.51 ? 7   DC  A "O3'" 1 
ATOM   130 C  "C2'" . DC  A 1 7  ? 4.067   -8.094  -3.118  1.00 27.17 ? 7   DC  A "C2'" 1 
ATOM   131 C  "C1'" . DC  A 1 7  ? 4.590   -7.132  -2.068  1.00 26.90 ? 7   DC  A "C1'" 1 
ATOM   132 N  N1    . DC  A 1 7  ? 3.766   -5.889  -1.992  1.00 24.72 ? 7   DC  A N1    1 
ATOM   133 C  C2    . DC  A 1 7  ? 2.508   -5.955  -1.412  1.00 24.28 ? 7   DC  A C2    1 
ATOM   134 O  O2    . DC  A 1 7  ? 2.124   -7.037  -0.953  1.00 27.10 ? 7   DC  A O2    1 
ATOM   135 N  N3    . DC  A 1 7  ? 1.737   -4.842  -1.388  1.00 24.18 ? 7   DC  A N3    1 
ATOM   136 C  C4    . DC  A 1 7  ? 2.189   -3.703  -1.897  1.00 24.74 ? 7   DC  A C4    1 
ATOM   137 N  N4    . DC  A 1 7  ? 1.398   -2.631  -1.828  1.00 27.32 ? 7   DC  A N4    1 
ATOM   138 C  C5    . DC  A 1 7  ? 3.472   -3.611  -2.505  1.00 26.89 ? 7   DC  A C5    1 
ATOM   139 C  C6    . DC  A 1 7  ? 4.217   -4.719  -2.539  1.00 24.89 ? 7   DC  A C6    1 
ATOM   140 P  P     . DC  A 1 8  ? 3.984   -8.736  -6.611  1.00 31.23 ? 8   DC  A P     1 
ATOM   141 O  OP1   . DC  A 1 8  ? 4.491   -9.858  -7.431  1.00 33.84 ? 8   DC  A OP1   1 
ATOM   142 O  OP2   . DC  A 1 8  ? 3.804   -7.379  -7.165  1.00 32.62 ? 8   DC  A OP2   1 
ATOM   143 O  "O5'" . DC  A 1 8  ? 2.621   -9.282  -6.001  1.00 29.46 ? 8   DC  A "O5'" 1 
ATOM   144 C  "C5'" . DC  A 1 8  ? 2.570   -10.575 -5.472  1.00 25.70 ? 8   DC  A "C5'" 1 
ATOM   145 C  "C4'" . DC  A 1 8  ? 1.213   -10.873 -4.869  1.00 29.20 ? 8   DC  A "C4'" 1 
ATOM   146 O  "O4'" . DC  A 1 8  ? 1.014   -10.071 -3.683  1.00 28.93 ? 8   DC  A "O4'" 1 
ATOM   147 C  "C3'" . DC  A 1 8  ? 0.019   -10.535 -5.739  1.00 28.56 ? 8   DC  A "C3'" 1 
ATOM   148 O  "O3'" . DC  A 1 8  ? -0.210  -11.526 -6.723  1.00 31.46 ? 8   DC  A "O3'" 1 
ATOM   149 C  "C2'" . DC  A 1 8  ? -1.082  -10.447 -4.700  1.00 26.04 ? 8   DC  A "C2'" 1 
ATOM   150 C  "C1'" . DC  A 1 8  ? -0.367  -9.763  -3.545  1.00 27.17 ? 8   DC  A "C1'" 1 
ATOM   151 N  N1    . DC  A 1 8  ? -0.560  -8.280  -3.551  1.00 25.52 ? 8   DC  A N1    1 
ATOM   152 C  C2    . DC  A 1 8  ? -1.745  -7.769  -3.045  1.00 24.42 ? 8   DC  A C2    1 
ATOM   153 O  O2    . DC  A 1 8  ? -2.578  -8.559  -2.597  1.00 24.89 ? 8   DC  A O2    1 
ATOM   154 N  N3    . DC  A 1 8  ? -1.945  -6.435  -3.048  1.00 23.38 ? 8   DC  A N3    1 
ATOM   155 C  C4    . DC  A 1 8  ? -1.020  -5.632  -3.548  1.00 24.58 ? 8   DC  A C4    1 
ATOM   156 N  N4    . DC  A 1 8  ? -1.265  -4.332  -3.527  1.00 24.93 ? 8   DC  A N4    1 
ATOM   157 C  C5    . DC  A 1 8  ? 0.208   -6.134  -4.086  1.00 25.71 ? 8   DC  A C5    1 
ATOM   158 C  C6    . DC  A 1 8  ? 0.388   -7.454  -4.074  1.00 27.01 ? 8   DC  A C6    1 
ATOM   159 P  P     . DG  A 1 9  ? -0.648  -11.078 -8.200  1.00 31.54 ? 9   DG  A P     1 
ATOM   160 O  OP1   . DG  A 1 9  ? -0.667  -12.268 -9.074  1.00 35.20 ? 9   DG  A OP1   1 
ATOM   161 O  OP2   . DG  A 1 9  ? 0.125   -9.891  -8.616  1.00 29.96 ? 9   DG  A OP2   1 
ATOM   162 O  "O5'" . DG  A 1 9  ? -2.152  -10.596 -8.003  1.00 28.61 ? 9   DG  A "O5'" 1 
ATOM   163 C  "C5'" . DG  A 1 9  ? -3.139  -11.537 -7.669  1.00 30.08 ? 9   DG  A "C5'" 1 
ATOM   164 C  "C4'" . DG  A 1 9  ? -4.384  -10.850 -7.160  1.00 26.50 ? 9   DG  A "C4'" 1 
ATOM   165 O  "O4'" . DG  A 1 9  ? -4.024  -9.951  -6.092  1.00 26.57 ? 9   DG  A "O4'" 1 
ATOM   166 C  "C3'" . DG  A 1 9  ? -5.099  -9.964  -8.167  1.00 25.86 ? 9   DG  A "C3'" 1 
ATOM   167 O  "O3'" . DG  A 1 9  ? -5.940  -10.726 -9.023  1.00 29.43 ? 9   DG  A "O3'" 1 
ATOM   168 C  "C2'" . DG  A 1 9  ? -5.871  -9.033  -7.250  1.00 26.31 ? 9   DG  A "C2'" 1 
ATOM   169 C  "C1'" . DG  A 1 9  ? -4.907  -8.846  -6.088  1.00 26.11 ? 9   DG  A "C1'" 1 
ATOM   170 N  N9    . DG  A 1 9  ? -4.136  -7.615  -6.181  1.00 26.11 ? 9   DG  A N9    1 
ATOM   171 C  C8    . DG  A 1 9  ? -2.809  -7.470  -6.520  1.00 27.23 ? 9   DG  A C8    1 
ATOM   172 N  N7    . DG  A 1 9  ? -2.417  -6.222  -6.533  1.00 24.92 ? 9   DG  A N7    1 
ATOM   173 C  C5    . DG  A 1 9  ? -3.546  -5.517  -6.149  1.00 25.76 ? 9   DG  A C5    1 
ATOM   174 C  C6    . DG  A 1 9  ? -3.741  -4.126  -5.988  1.00 26.15 ? 9   DG  A C6    1 
ATOM   175 O  O6    . DG  A 1 9  ? -2.915  -3.216  -6.123  1.00 25.47 ? 9   DG  A O6    1 
ATOM   176 N  N1    . DG  A 1 9  ? -5.048  -3.828  -5.620  1.00 24.44 ? 9   DG  A N1    1 
ATOM   177 C  C2    . DG  A 1 9  ? -6.041  -4.767  -5.439  1.00 23.16 ? 9   DG  A C2    1 
ATOM   178 N  N2    . DG  A 1 9  ? -7.249  -4.307  -5.104  1.00 22.71 ? 9   DG  A N2    1 
ATOM   179 N  N3    . DG  A 1 9  ? -5.876  -6.063  -5.613  1.00 22.51 ? 9   DG  A N3    1 
ATOM   180 C  C4    . DG  A 1 9  ? -4.608  -6.368  -5.954  1.00 23.29 ? 9   DG  A C4    1 
ATOM   181 P  P     . DT  A 1 10 ? -6.398  -10.148 -10.445 1.00 28.94 ? 10  DT  A P     1 
ATOM   182 O  OP1   . DT  A 1 10 ? -7.104  -11.231 -11.158 1.00 29.87 ? 10  DT  A OP1   1 
ATOM   183 O  OP2   . DT  A 1 10 ? -5.300  -9.405  -11.116 1.00 29.26 ? 10  DT  A OP2   1 
ATOM   184 O  "O5'" . DT  A 1 10 ? -7.461  -9.037  -10.068 1.00 27.36 ? 10  DT  A "O5'" 1 
ATOM   185 C  "C5'" . DT  A 1 10 ? -8.715  -9.420  -9.564  1.00 28.08 ? 10  DT  A "C5'" 1 
ATOM   186 C  "C4'" . DT  A 1 10 ? -9.588  -8.213  -9.336  1.00 26.55 ? 10  DT  A "C4'" 1 
ATOM   187 O  "O4'" . DT  A 1 10 ? -9.011  -7.368  -8.318  1.00 25.70 ? 10  DT  A "O4'" 1 
ATOM   188 C  "C3'" . DT  A 1 10 ? -9.742  -7.299  -10.533 1.00 29.04 ? 10  DT  A "C3'" 1 
ATOM   189 O  "O3'" . DT  A 1 10 ? -10.740 -7.775  -11.399 1.00 30.36 ? 10  DT  A "O3'" 1 
ATOM   190 C  "C2'" . DT  A 1 10 ? -10.110 -5.984  -9.880  1.00 26.63 ? 10  DT  A "C2'" 1 
ATOM   191 C  "C1'" . DT  A 1 10 ? -9.269  -5.995  -8.624  1.00 26.17 ? 10  DT  A "C1'" 1 
ATOM   192 N  N1    . DT  A 1 10 ? -7.974  -5.283  -8.763  1.00 25.27 ? 10  DT  A N1    1 
ATOM   193 C  C2    . DT  A 1 10 ? -7.928  -3.946  -8.473  1.00 26.45 ? 10  DT  A C2    1 
ATOM   194 O  O2    . DT  A 1 10 ? -8.911  -3.320  -8.127  1.00 25.88 ? 10  DT  A O2    1 
ATOM   195 N  N3    . DT  A 1 10 ? -6.698  -3.366  -8.604  1.00 24.20 ? 10  DT  A N3    1 
ATOM   196 C  C4    . DT  A 1 10 ? -5.506  -3.994  -8.973  1.00 26.06 ? 10  DT  A C4    1 
ATOM   197 O  O4    . DT  A 1 10 ? -4.432  -3.368  -9.061  1.00 27.37 ? 10  DT  A O4    1 
ATOM   198 C  C5    . DT  A 1 10 ? -5.629  -5.413  -9.274  1.00 25.84 ? 10  DT  A C5    1 
ATOM   199 C  C7    . DT  A 1 10 ? -4.453  -6.209  -9.723  1.00 28.87 ? 10  DT  A C7    1 
ATOM   200 C  C6    . DT  A 1 10 ? -6.845  -5.980  -9.158  1.00 26.73 ? 10  DT  A C6    1 
ATOM   201 P  P     . DA  A 1 11 ? -10.565 -7.653  -12.992 1.00 34.12 ? 11  DA  A P     1 
ATOM   202 O  OP1   . DA  A 1 11 ? -11.810 -8.162  -13.603 1.00 40.83 ? 11  DA  A OP1   1 
ATOM   203 O  OP2   . DA  A 1 11 ? -9.249  -8.212  -13.372 1.00 33.16 ? 11  DA  A OP2   1 
ATOM   204 O  "O5'" . DA  A 1 11 ? -10.288 -6.100  -13.237 1.00 35.29 ? 11  DA  A "O5'" 1 
ATOM   205 C  "C5'" . DA  A 1 11 ? -11.304 -5.289  -13.663 1.00 36.99 ? 11  DA  A "C5'" 1 
ATOM   206 C  "C4'" . DA  A 1 11 ? -11.054 -3.841  -13.294 1.00 30.20 ? 11  DA  A "C4'" 1 
ATOM   207 O  "O4'" . DA  A 1 11 ? -10.161 -3.728  -12.168 1.00 29.83 ? 11  DA  A "O4'" 1 
ATOM   208 C  "C3'" . DA  A 1 11 ? -10.355 -3.007  -14.332 1.00 31.54 ? 11  DA  A "C3'" 1 
ATOM   209 O  "O3'" . DA  A 1 11 ? -11.194 -2.749  -15.436 1.00 31.90 ? 11  DA  A "O3'" 1 
ATOM   210 C  "C2'" . DA  A 1 11 ? -10.049 -1.776  -13.505 1.00 29.85 ? 11  DA  A "C2'" 1 
ATOM   211 C  "C1'" . DA  A 1 11 ? -9.617  -2.400  -12.181 1.00 34.77 ? 11  DA  A "C1'" 1 
ATOM   212 N  N9    . DA  A 1 11 ? -8.170  -2.458  -12.039 1.00 29.17 ? 11  DA  A N9    1 
ATOM   213 C  C8    . DA  A 1 11 ? -7.361  -3.541  -12.206 1.00 28.40 ? 11  DA  A C8    1 
ATOM   214 N  N7    . DA  A 1 11 ? -6.092  -3.287  -12.027 1.00 26.80 ? 11  DA  A N7    1 
ATOM   215 C  C5    . DA  A 1 11 ? -6.063  -1.937  -11.741 1.00 25.53 ? 11  DA  A C5    1 
ATOM   216 C  C6    . DA  A 1 11 ? -5.013  -1.058  -11.444 1.00 25.57 ? 11  DA  A C6    1 
ATOM   217 N  N6    . DA  A 1 11 ? -3.735  -1.430  -11.410 1.00 27.59 ? 11  DA  A N6    1 
ATOM   218 N  N1    . DA  A 1 11 ? -5.333  0.235   -11.217 1.00 26.04 ? 11  DA  A N1    1 
ATOM   219 C  C2    . DA  A 1 11 ? -6.612  0.602   -11.257 1.00 26.21 ? 11  DA  A C2    1 
ATOM   220 N  N3    . DA  A 1 11 ? -7.682  -0.135  -11.518 1.00 29.08 ? 11  DA  A N3    1 
ATOM   221 C  C4    . DA  A 1 11 ? -7.333  -1.410  -11.743 1.00 27.27 ? 11  DA  A C4    1 
ATOM   222 P  P     . DG  A 1 12 ? -10.575 -2.296  -16.846 1.00 29.68 ? 12  DG  A P     1 
ATOM   223 O  OP1   . DG  A 1 12 ? -11.715 -2.356  -17.788 1.00 35.05 ? 12  DG  A OP1   1 
ATOM   224 O  OP2   . DG  A 1 12 ? -9.337  -3.062  -17.093 1.00 30.26 ? 12  DG  A OP2   1 
ATOM   225 O  "O5'" . DG  A 1 12 ? -10.190 -0.776  -16.581 1.00 30.39 ? 12  DG  A "O5'" 1 
ATOM   226 C  "C5'" . DG  A 1 12 ? -11.206 0.119   -16.167 1.00 32.82 ? 12  DG  A "C5'" 1 
ATOM   227 C  "C4'" . DG  A 1 12 ? -10.641 1.492   -15.896 1.00 31.48 ? 12  DG  A "C4'" 1 
ATOM   228 O  "O4'" . DG  A 1 12 ? -9.782  1.424   -14.743 1.00 30.30 ? 12  DG  A "O4'" 1 
ATOM   229 C  "C3'" . DG  A 1 12 ? -9.768  2.071   -17.007 1.00 31.55 ? 12  DG  A "C3'" 1 
ATOM   230 O  "O3'" . DG  A 1 12 ? -10.566 2.753   -18.005 1.00 32.99 ? 12  DG  A "O3'" 1 
ATOM   231 C  "C2'" . DG  A 1 12 ? -8.852  3.009   -16.233 1.00 30.73 ? 12  DG  A "C2'" 1 
ATOM   232 C  "C1'" . DG  A 1 12 ? -8.652  2.259   -14.925 1.00 29.34 ? 12  DG  A "C1'" 1 
ATOM   233 N  N9    . DG  A 1 12 ? -7.460  1.424   -14.905 1.00 27.13 ? 12  DG  A N9    1 
ATOM   234 C  C8    . DG  A 1 12 ? -7.353  0.103   -15.280 1.00 28.93 ? 12  DG  A C8    1 
ATOM   235 N  N7    . DG  A 1 12 ? -6.147  -0.378  -15.135 1.00 25.81 ? 12  DG  A N7    1 
ATOM   236 C  C5    . DG  A 1 12 ? -5.411  0.693   -14.622 1.00 26.59 ? 12  DG  A C5    1 
ATOM   237 C  C6    . DG  A 1 12 ? -4.043  0.783   -14.265 1.00 25.23 ? 12  DG  A C6    1 
ATOM   238 O  O6    . DG  A 1 12 ? -3.167  -0.088  -14.315 1.00 25.69 ? 12  DG  A O6    1 
ATOM   239 N  N1    . DG  A 1 12 ? -3.717  2.042   -13.782 1.00 26.36 ? 12  DG  A N1    1 
ATOM   240 C  C2    . DG  A 1 12 ? -4.589  3.092   -13.673 1.00 26.34 ? 12  DG  A C2    1 
ATOM   241 N  N2    . DG  A 1 12 ? -4.069  4.229   -13.187 1.00 28.05 ? 12  DG  A N2    1 
ATOM   242 N  N3    . DG  A 1 12 ? -5.869  3.035   -14.012 1.00 27.50 ? 12  DG  A N3    1 
ATOM   243 C  C4    . DG  A 1 12 ? -6.210  1.804   -14.473 1.00 28.29 ? 12  DG  A C4    1 
ATOM   244 O  "O5'" . DC  B 1 1  ? 4.265   4.035   -10.595 1.00 37.00 ? 1   DC  B "O5'" 1 
ATOM   245 C  "C5'" . DC  B 1 1  ? 4.490   5.397   -10.917 1.00 33.55 ? 1   DC  B "C5'" 1 
ATOM   246 C  "C4'" . DC  B 1 1  ? 3.191   6.082   -11.274 1.00 32.08 ? 1   DC  B "C4'" 1 
ATOM   247 O  "O4'" . DC  B 1 1  ? 2.663   5.514   -12.500 1.00 34.58 ? 1   DC  B "O4'" 1 
ATOM   248 C  "C3'" . DC  B 1 1  ? 2.081   5.905   -10.255 1.00 33.83 ? 1   DC  B "C3'" 1 
ATOM   249 O  "O3'" . DC  B 1 1  ? 2.177   6.867   -9.236  1.00 31.75 ? 1   DC  B "O3'" 1 
ATOM   250 C  "C2'" . DC  B 1 1  ? 0.834   6.078   -11.103 1.00 32.91 ? 1   DC  B "C2'" 1 
ATOM   251 C  "C1'" . DC  B 1 1  ? 1.251   5.456   -12.432 1.00 31.10 ? 1   DC  B "C1'" 1 
ATOM   252 N  N1    . DC  B 1 1  ? 0.833   4.048   -12.592 1.00 30.45 ? 1   DC  B N1    1 
ATOM   253 C  C2    . DC  B 1 1  ? -0.517  3.762   -12.735 1.00 29.73 ? 1   DC  B C2    1 
ATOM   254 O  O2    . DC  B 1 1  ? -1.319  4.689   -12.710 1.00 28.65 ? 1   DC  B O2    1 
ATOM   255 N  N3    . DC  B 1 1  ? -0.902  2.481   -12.908 1.00 27.64 ? 1   DC  B N3    1 
ATOM   256 C  C4    . DC  B 1 1  ? 0.003   1.512   -12.944 1.00 28.89 ? 1   DC  B C4    1 
ATOM   257 N  N4    . DC  B 1 1  ? -0.436  0.265   -13.122 1.00 30.25 ? 1   DC  B N4    1 
ATOM   258 C  C5    . DC  B 1 1  ? 1.397   1.780   -12.781 1.00 27.37 ? 1   DC  B C5    1 
ATOM   259 C  C6    . DC  B 1 1  ? 1.763   3.055   -12.623 1.00 28.94 ? 1   DC  B C6    1 
ATOM   260 P  P     . DT  B 1 2  ? 1.462   6.618   -7.815  1.00 30.89 ? 2   DT  B P     1 
ATOM   261 O  OP1   . DT  B 1 2  ? 1.741   7.832   -6.996  1.00 35.07 ? 2   DT  B OP1   1 
ATOM   262 O  OP2   . DT  B 1 2  ? 1.792   5.262   -7.342  1.00 29.47 ? 2   DT  B OP2   1 
ATOM   263 O  "O5'" . DT  B 1 2  ? -0.114  6.660   -8.148  1.00 29.09 ? 2   DT  B "O5'" 1 
ATOM   264 C  "C5'" . DT  B 1 2  ? -0.728  7.828   -8.661  1.00 30.44 ? 2   DT  B "C5'" 1 
ATOM   265 C  "C4'" . DT  B 1 2  ? -2.210  7.603   -8.865  1.00 30.05 ? 2   DT  B "C4'" 1 
ATOM   266 O  "O4'" . DT  B 1 2  ? -2.411  6.636   -9.922  1.00 30.15 ? 2   DT  B "O4'" 1 
ATOM   267 C  "C3'" . DT  B 1 2  ? -2.939  7.025   -7.666  1.00 31.23 ? 2   DT  B "C3'" 1 
ATOM   268 O  "O3'" . DT  B 1 2  ? -3.381  8.065   -6.826  1.00 30.84 ? 2   DT  B "O3'" 1 
ATOM   269 C  "C2'" . DT  B 1 2  ? -4.095  6.261   -8.289  1.00 30.94 ? 2   DT  B "C2'" 1 
ATOM   270 C  "C1'" . DT  B 1 2  ? -3.551  5.829   -9.638  1.00 28.89 ? 2   DT  B "C1'" 1 
ATOM   271 N  N1    . DT  B 1 2  ? -3.135  4.406   -9.713  1.00 27.76 ? 2   DT  B N1    1 
ATOM   272 C  C2    . DT  B 1 2  ? -4.056  3.475   -10.103 1.00 26.75 ? 2   DT  B C2    1 
ATOM   273 O  O2    . DT  B 1 2  ? -5.205  3.757   -10.329 1.00 29.84 ? 2   DT  B O2    1 
ATOM   274 N  N3    . DT  B 1 2  ? -3.579  2.209   -10.222 1.00 26.34 ? 2   DT  B N3    1 
ATOM   275 C  C4    . DT  B 1 2  ? -2.293  1.780   -9.961  1.00 25.10 ? 2   DT  B C4    1 
ATOM   276 O  O4    . DT  B 1 2  ? -1.961  0.607   -10.081 1.00 27.06 ? 2   DT  B O4    1 
ATOM   277 C  C5    . DT  B 1 2  ? -1.364  2.823   -9.552  1.00 25.75 ? 2   DT  B C5    1 
ATOM   278 C  C7    . DT  B 1 2  ? 0.065   2.490   -9.246  1.00 27.07 ? 2   DT  B C7    1 
ATOM   279 C  C6    . DT  B 1 2  ? -1.828  4.071   -9.461  1.00 26.20 ? 2   DT  B C6    1 
ATOM   280 P  P     . DA  B 1 3  ? -3.703  7.770   -5.283  1.00 35.16 ? 3   DA  B P     1 
ATOM   281 O  OP1   . DA  B 1 3  ? -3.994  9.094   -4.673  1.00 38.56 ? 3   DA  B OP1   1 
ATOM   282 O  OP2   . DA  B 1 3  ? -2.663  6.858   -4.742  1.00 38.05 ? 3   DA  B OP2   1 
ATOM   283 O  "O5'" . DA  B 1 3  ? -5.027  6.887   -5.328  1.00 32.77 ? 3   DA  B "O5'" 1 
ATOM   284 C  "C5'" . DA  B 1 3  ? -6.197  7.420   -5.900  1.00 32.81 ? 3   DA  B "C5'" 1 
ATOM   285 C  "C4'" . DA  B 1 3  ? -7.335  6.438   -5.799  1.00 32.31 ? 3   DA  B "C4'" 1 
ATOM   286 O  "O4'" . DA  B 1 3  ? -7.076  5.302   -6.681  1.00 34.15 ? 3   DA  B "O4'" 1 
ATOM   287 C  "C3'" . DA  B 1 3  ? -7.536  5.872   -4.397  1.00 32.64 ? 3   DA  B "C3'" 1 
ATOM   288 O  "O3'" . DA  B 1 3  ? -8.898  5.910   -4.023  1.00 37.27 ? 3   DA  B "O3'" 1 
ATOM   289 C  "C2'" . DA  B 1 3  ? -7.014  4.452   -4.491  1.00 32.16 ? 3   DA  B "C2'" 1 
ATOM   290 C  "C1'" . DA  B 1 3  ? -7.229  4.097   -5.954  1.00 34.53 ? 3   DA  B "C1'" 1 
ATOM   291 N  N9    . DA  B 1 3  ? -6.271  3.113   -6.434  1.00 31.96 ? 3   DA  B N9    1 
ATOM   292 C  C8    . DA  B 1 3  ? -4.913  3.220   -6.416  1.00 30.68 ? 3   DA  B C8    1 
ATOM   293 N  N7    . DA  B 1 3  ? -4.292  2.166   -6.881  1.00 27.94 ? 3   DA  B N7    1 
ATOM   294 C  C5    . DA  B 1 3  ? -5.316  1.310   -7.244  1.00 27.08 ? 3   DA  B C5    1 
ATOM   295 C  C6    . DA  B 1 3  ? -5.313  0.030   -7.814  1.00 25.29 ? 3   DA  B C6    1 
ATOM   296 N  N6    . DA  B 1 3  ? -4.196  -0.647  -8.120  1.00 26.20 ? 3   DA  B N6    1 
ATOM   297 N  N1    . DA  B 1 3  ? -6.513  -0.563  -8.024  1.00 26.13 ? 3   DA  B N1    1 
ATOM   298 C  C2    . DA  B 1 3  ? -7.631  0.114   -7.717  1.00 30.62 ? 3   DA  B C2    1 
ATOM   299 N  N3    . DA  B 1 3  ? -7.755  1.334   -7.184  1.00 28.78 ? 3   DA  B N3    1 
ATOM   300 C  C4    . DA  B 1 3  ? -6.546  1.877   -6.967  1.00 30.55 ? 3   DA  B C4    1 
ATOM   301 P  P     . DC  B 1 4  ? -9.300  5.626   -2.495  1.00 38.72 ? 4   DC  B P     1 
ATOM   302 O  OP1   . DC  B 1 4  ? -10.634 6.245   -2.283  1.00 42.40 ? 4   DC  B OP1   1 
ATOM   303 O  OP2   . DC  B 1 4  ? -8.126  5.924   -1.639  1.00 34.37 ? 4   DC  B OP2   1 
ATOM   304 O  "O5'" . DC  B 1 4  ? -9.457  4.030   -2.436  1.00 35.53 ? 4   DC  B "O5'" 1 
ATOM   305 C  "C5'" . DC  B 1 4  ? -10.425 3.395   -3.202  1.00 36.94 ? 4   DC  B "C5'" 1 
ATOM   306 C  "C4'" . DC  B 1 4  ? -10.209 1.917   -3.140  1.00 35.22 ? 4   DC  B "C4'" 1 
ATOM   307 O  "O4'" . DC  B 1 4  ? -9.020  1.582   -3.905  1.00 32.99 ? 4   DC  B "O4'" 1 
ATOM   308 C  "C3'" . DC  B 1 4  ? -9.954  1.376   -1.719  1.00 33.22 ? 4   DC  B "C3'" 1 
ATOM   309 O  "O3'" . DC  B 1 4  ? -10.836 0.310   -1.414  1.00 34.84 ? 4   DC  B "O3'" 1 
ATOM   310 C  "C2'" . DC  B 1 4  ? -8.521  0.904   -1.783  1.00 35.06 ? 4   DC  B "C2'" 1 
ATOM   311 C  "C1'" . DC  B 1 4  ? -8.425  0.515   -3.239  1.00 30.97 ? 4   DC  B "C1'" 1 
ATOM   312 N  N1    . DC  B 1 4  ? -7.040  0.251   -3.700  1.00 28.68 ? 4   DC  B N1    1 
ATOM   313 C  C2    . DC  B 1 4  ? -6.802  -0.883  -4.457  1.00 25.58 ? 4   DC  B C2    1 
ATOM   314 O  O2    . DC  B 1 4  ? -7.771  -1.574  -4.800  1.00 26.27 ? 4   DC  B O2    1 
ATOM   315 N  N3    . DC  B 1 4  ? -5.537  -1.175  -4.831  1.00 25.74 ? 4   DC  B N3    1 
ATOM   316 C  C4    . DC  B 1 4  ? -4.534  -0.387  -4.449  1.00 27.71 ? 4   DC  B C4    1 
ATOM   317 N  N4    . DC  B 1 4  ? -3.302  -0.711  -4.839  1.00 29.81 ? 4   DC  B N4    1 
ATOM   318 C  C5    . DC  B 1 4  ? -4.755  0.774   -3.659  1.00 27.76 ? 4   DC  B C5    1 
ATOM   319 C  C6    . DC  B 1 4  ? -6.011  1.047   -3.295  1.00 30.87 ? 4   DC  B C6    1 
ATOM   320 P  P     . DG  B 1 5  ? -11.222 -0.031  0.106   1.00 33.07 ? 5   DG  B P     1 
ATOM   321 O  OP1   . DG  B 1 5  ? -12.698 0.134   0.131   1.00 35.14 ? 5   DG  B OP1   1 
ATOM   322 O  OP2   . DG  B 1 5  ? -10.328 0.598   1.102   1.00 31.51 ? 5   DG  B OP2   1 
ATOM   323 O  "O5'" . DG  B 1 5  ? -10.876 -1.578  0.251   1.00 29.06 ? 5   DG  B "O5'" 1 
ATOM   324 C  "C5'" . DG  B 1 5  ? -11.827 -2.526  -0.074  1.00 30.11 ? 5   DG  B "C5'" 1 
ATOM   325 C  "C4'" . DG  B 1 5  ? -11.220 -3.893  -0.076  1.00 25.90 ? 5   DG  B "C4'" 1 
ATOM   326 O  "O4'" . DG  B 1 5  ? -10.466 -4.098  -1.288  1.00 26.88 ? 5   DG  B "O4'" 1 
ATOM   327 C  "C3'" . DG  B 1 5  ? -10.233 -4.145  1.022   1.00 24.36 ? 5   DG  B "C3'" 1 
ATOM   328 O  "O3'" . DG  B 1 5  ? -10.905 -4.429  2.250   1.00 26.57 ? 5   DG  B "O3'" 1 
ATOM   329 C  "C2'" . DG  B 1 5  ? -9.478  -5.331  0.449   1.00 24.41 ? 5   DG  B "C2'" 1 
ATOM   330 C  "C1'" . DG  B 1 5  ? -9.409  -4.974  -1.033  1.00 25.04 ? 5   DG  B "C1'" 1 
ATOM   331 N  N9    . DG  B 1 5  ? -8.187  -4.298  -1.388  1.00 24.71 ? 5   DG  B N9    1 
ATOM   332 C  C8    . DG  B 1 5  ? -7.969  -2.942  -1.457  1.00 25.18 ? 5   DG  B C8    1 
ATOM   333 N  N7    . DG  B 1 5  ? -6.743  -2.632  -1.768  1.00 23.51 ? 5   DG  B N7    1 
ATOM   334 C  C5    . DG  B 1 5  ? -6.111  -3.859  -1.897  1.00 22.42 ? 5   DG  B C5    1 
ATOM   335 C  C6    . DG  B 1 5  ? -4.787  -4.173  -2.247  1.00 24.98 ? 5   DG  B C6    1 
ATOM   336 O  O6    . DG  B 1 5  ? -3.858  -3.406  -2.494  1.00 23.93 ? 5   DG  B O6    1 
ATOM   337 N  N1    . DG  B 1 5  ? -4.569  -5.549  -2.260  1.00 23.23 ? 5   DG  B N1    1 
ATOM   338 C  C2    . DG  B 1 5  ? -5.522  -6.503  -2.003  1.00 22.75 ? 5   DG  B C2    1 
ATOM   339 N  N2    . DG  B 1 5  ? -5.128  -7.773  -2.057  1.00 25.60 ? 5   DG  B N2    1 
ATOM   340 N  N3    . DG  B 1 5  ? -6.767  -6.221  -1.688  1.00 23.97 ? 5   DG  B N3    1 
ATOM   341 C  C4    . DG  B 1 5  ? -6.989  -4.894  -1.654  1.00 22.40 ? 5   DG  B C4    1 
ATOM   342 P  P     . DG  B 1 6  ? -10.163 -4.213  3.659   1.00 26.99 ? 6   DG  B P     1 
ATOM   343 O  OP1   . DG  B 1 6  ? -11.092 -4.528  4.774   1.00 31.74 ? 6   DG  B OP1   1 
ATOM   344 O  OP2   . DG  B 1 6  ? -9.604  -2.830  3.606   1.00 26.24 ? 6   DG  B OP2   1 
ATOM   345 O  "O5'" . DG  B 1 6  ? -9.022  -5.305  3.623   1.00 26.69 ? 6   DG  B "O5'" 1 
ATOM   346 C  "C5'" . DG  B 1 6  ? -7.730  -4.993  4.017   1.00 26.86 ? 6   DG  B "C5'" 1 
ATOM   347 C  "C4'" . DG  B 1 6  ? -6.820  -6.119  3.635   1.00 24.57 ? 6   DG  B "C4'" 1 
ATOM   348 O  "O4'" . DG  B 1 6  ? -6.575  -6.084  2.207   1.00 27.07 ? 6   DG  B "O4'" 1 
ATOM   349 C  "C3'" . DG  B 1 6  ? -5.446  -6.079  4.259   1.00 26.01 ? 6   DG  B "C3'" 1 
ATOM   350 O  "O3'" . DG  B 1 6  ? -5.487  -6.566  5.593   1.00 29.89 ? 6   DG  B "O3'" 1 
ATOM   351 C  "C2'" . DG  B 1 6  ? -4.691  -6.979  3.302   1.00 26.87 ? 6   DG  B "C2'" 1 
ATOM   352 C  "C1'" . DG  B 1 6  ? -5.246  -6.513  1.958   1.00 26.74 ? 6   DG  B "C1'" 1 
ATOM   353 N  N9    . DG  B 1 6  ? -4.474  -5.404  1.398   1.00 23.55 ? 6   DG  B N9    1 
ATOM   354 C  C8    . DG  B 1 6  ? -4.819  -4.081  1.341   1.00 24.00 ? 6   DG  B C8    1 
ATOM   355 N  N7    . DG  B 1 6  ? -3.885  -3.323  0.827   1.00 23.61 ? 6   DG  B N7    1 
ATOM   356 C  C5    . DG  B 1 6  ? -2.851  -4.213  0.532   1.00 22.76 ? 6   DG  B C5    1 
ATOM   357 C  C6    . DG  B 1 6  ? -1.580  -3.989  -0.061  1.00 22.20 ? 6   DG  B C6    1 
ATOM   358 O  O6    . DG  B 1 6  ? -1.083  -2.922  -0.442  1.00 23.34 ? 6   DG  B O6    1 
ATOM   359 N  N1    . DG  B 1 6  ? -0.862  -5.155  -0.189  1.00 23.32 ? 6   DG  B N1    1 
ATOM   360 C  C2    . DG  B 1 6  ? -1.279  -6.387  0.209   1.00 24.07 ? 6   DG  B C2    1 
ATOM   361 N  N2    . DG  B 1 6  ? -0.424  -7.385  -0.011  1.00 23.10 ? 6   DG  B N2    1 
ATOM   362 N  N3    . DG  B 1 6  ? -2.461  -6.627  0.762   1.00 23.33 ? 6   DG  B N3    1 
ATOM   363 C  C4    . DG  B 1 6  ? -3.194  -5.490  0.893   1.00 22.23 ? 6   DG  B C4    1 
ATOM   364 P  P     . DC  B 1 7  ? -4.424  -6.079  6.700   1.00 31.77 ? 7   DC  B P     1 
ATOM   365 O  OP1   . DC  B 1 7  ? -4.867  -6.701  7.971   1.00 35.35 ? 7   DC  B OP1   1 
ATOM   366 O  OP2   . DC  B 1 7  ? -4.172  -4.638  6.645   1.00 31.08 ? 7   DC  B OP2   1 
ATOM   367 O  "O5'" . DC  B 1 7  ? -3.096  -6.838  6.292   1.00 32.92 ? 7   DC  B "O5'" 1 
ATOM   368 C  "C5'" . DC  B 1 7  ? -3.062  -8.240  6.294   1.00 31.10 ? 7   DC  B "C5'" 1 
ATOM   369 C  "C4'" . DC  B 1 7  ? -1.694  -8.725  5.902   1.00 31.01 ? 7   DC  B "C4'" 1 
ATOM   370 O  "O4'" . DC  B 1 7  ? -1.442  -8.408  4.511   1.00 29.62 ? 7   DC  B "O4'" 1 
ATOM   371 C  "C3'" . DC  B 1 7  ? -0.554  -8.063  6.646   1.00 32.55 ? 7   DC  B "C3'" 1 
ATOM   372 O  "O3'" . DC  B 1 7  ? -0.393  -8.614  7.933   1.00 34.53 ? 7   DC  B "O3'" 1 
ATOM   373 C  "C2'" . DC  B 1 7  ? 0.608   -8.345  5.712   1.00 29.03 ? 7   DC  B "C2'" 1 
ATOM   374 C  "C1'" . DC  B 1 7  ? -0.043  -8.196  4.332   1.00 29.82 ? 7   DC  B "C1'" 1 
ATOM   375 N  N1    . DC  B 1 7  ? 0.178   -6.865  3.732   1.00 27.21 ? 7   DC  B N1    1 
ATOM   376 C  C2    . DC  B 1 7  ? 1.381   -6.609  3.071   1.00 26.58 ? 7   DC  B C2    1 
ATOM   377 O  O2    . DC  B 1 7  ? 2.220   -7.501  2.992   1.00 28.43 ? 7   DC  B O2    1 
ATOM   378 N  N3    . DC  B 1 7  ? 1.585   -5.403  2.524   1.00 26.32 ? 7   DC  B N3    1 
ATOM   379 C  C4    . DC  B 1 7  ? 0.663   -4.460  2.631   1.00 26.31 ? 7   DC  B C4    1 
ATOM   380 N  N4    . DC  B 1 7  ? 0.923   -3.287  2.069   1.00 27.49 ? 7   DC  B N4    1 
ATOM   381 C  C5    . DC  B 1 7  ? -0.567  -4.683  3.323   1.00 25.76 ? 7   DC  B C5    1 
ATOM   382 C  C6    . DC  B 1 7  ? -0.766  -5.889  3.848   1.00 25.85 ? 7   DC  B C6    1 
ATOM   383 P  P     . DC  B 1 8  ? 0.106   -7.679  9.145   1.00 34.74 ? 8   DC  B P     1 
ATOM   384 O  OP1   . DC  B 1 8  ? 0.171   -8.595  10.304  1.00 38.41 ? 8   DC  B OP1   1 
ATOM   385 O  OP2   . DC  B 1 8  ? -0.646  -6.404  9.212   1.00 36.96 ? 8   DC  B OP2   1 
ATOM   386 O  "O5'" . DC  B 1 8  ? 1.608   -7.320  8.722   1.00 30.09 ? 8   DC  B "O5'" 1 
ATOM   387 C  "C5'" . DC  B 1 8  ? 2.570   -8.334  8.731   1.00 30.77 ? 8   DC  B "C5'" 1 
ATOM   388 C  "C4'" . DC  B 1 8  ? 3.862   -7.861  8.118   1.00 29.43 ? 8   DC  B "C4'" 1 
ATOM   389 O  "O4'" . DC  B 1 8  ? 3.646   -7.477  6.736   1.00 28.51 ? 8   DC  B "O4'" 1 
ATOM   390 C  "C3'" . DC  B 1 8  ? 4.459   -6.627  8.746   1.00 32.84 ? 8   DC  B "C3'" 1 
ATOM   391 O  "O3'" . DC  B 1 8  ? 5.121   -6.920  9.973   1.00 31.91 ? 8   DC  B "O3'" 1 
ATOM   392 C  "C2'" . DC  B 1 8  ? 5.401   -6.175  7.646   1.00 32.54 ? 8   DC  B "C2'" 1 
ATOM   393 C  "C1'" . DC  B 1 8  ? 4.564   -6.444  6.396   1.00 29.56 ? 8   DC  B "C1'" 1 
ATOM   394 N  N1    . DC  B 1 8  ? 3.838   -5.240  5.940   1.00 27.13 ? 8   DC  B N1    1 
ATOM   395 C  C2    . DC  B 1 8  ? 4.515   -4.334  5.146   1.00 26.59 ? 8   DC  B C2    1 
ATOM   396 O  O2    . DC  B 1 8  ? 5.695   -4.578  4.843   1.00 28.26 ? 8   DC  B O2    1 
ATOM   397 N  N3    . DC  B 1 8  ? 3.884   -3.200  4.745   1.00 24.81 ? 8   DC  B N3    1 
ATOM   398 C  C4    . DC  B 1 8  ? 2.626   -2.983  5.113   1.00 23.70 ? 8   DC  B C4    1 
ATOM   399 N  N4    . DC  B 1 8  ? 2.052   -1.857  4.693   1.00 25.62 ? 8   DC  B N4    1 
ATOM   400 C  C5    . DC  B 1 8  ? 1.910   -3.904  5.946   1.00 26.06 ? 8   DC  B C5    1 
ATOM   401 C  C6    . DC  B 1 8  ? 2.551   -5.014  6.328   1.00 27.35 ? 8   DC  B C6    1 
ATOM   402 P  P     . DG  B 1 9  ? 5.270   -5.747  11.073  1.00 29.09 ? 9   DG  B P     1 
ATOM   403 O  OP1   . DG  B 1 9  ? 5.817   -6.359  12.309  1.00 34.86 ? 9   DG  B OP1   1 
ATOM   404 O  OP2   . DG  B 1 9  ? 4.041   -4.922  11.062  1.00 30.43 ? 9   DG  B OP2   1 
ATOM   405 O  "O5'" . DG  B 1 9  ? 6.372   -4.795  10.447  1.00 27.77 ? 9   DG  B "O5'" 1 
ATOM   406 C  "C5'" . DG  B 1 9  ? 7.675   -5.242  10.319  1.00 26.96 ? 9   DG  B "C5'" 1 
ATOM   407 C  "C4'" . DG  B 1 9  ? 8.502   -4.277  9.503   1.00 26.30 ? 9   DG  B "C4'" 1 
ATOM   408 O  "O4'" . DG  B 1 9  ? 7.849   -4.052  8.237   1.00 24.99 ? 9   DG  B "O4'" 1 
ATOM   409 C  "C3'" . DG  B 1 9  ? 8.669   -2.891  10.095  1.00 26.25 ? 9   DG  B "C3'" 1 
ATOM   410 O  "O3'" . DG  B 1 9  ? 9.706   -2.857  11.016  1.00 27.22 ? 9   DG  B "O3'" 1 
ATOM   411 C  "C2'" . DG  B 1 9  ? 8.978   -2.066  8.858   1.00 26.87 ? 9   DG  B "C2'" 1 
ATOM   412 C  "C1'" . DG  B 1 9  ? 8.134   -2.746  7.789   1.00 23.65 ? 9   DG  B "C1'" 1 
ATOM   413 N  N9    . DG  B 1 9  ? 6.892   -2.051  7.515   1.00 23.30 ? 9   DG  B N9    1 
ATOM   414 C  C8    . DG  B 1 9  ? 5.611   -2.407  7.863   1.00 23.32 ? 9   DG  B C8    1 
ATOM   415 N  N7    . DG  B 1 9  ? 4.709   -1.544  7.462   1.00 23.15 ? 9   DG  B N7    1 
ATOM   416 C  C5    . DG  B 1 9  ? 5.442   -0.582  6.780   1.00 23.01 ? 9   DG  B C5    1 
ATOM   417 C  C6    . DG  B 1 9  ? 5.033   0.597   6.111   1.00 24.04 ? 9   DG  B C6    1 
ATOM   418 O  O6    . DG  B 1 9  ? 3.876   1.043   5.936   1.00 23.26 ? 9   DG  B O6    1 
ATOM   419 N  N1    . DG  B 1 9  ? 6.121   1.280   5.567   1.00 22.81 ? 9   DG  B N1    1 
ATOM   420 C  C2    . DG  B 1 9  ? 7.430   0.877   5.661   1.00 25.73 ? 9   DG  B C2    1 
ATOM   421 N  N2    . DG  B 1 9  ? 8.345   1.670   5.095   1.00 25.88 ? 9   DG  B N2    1 
ATOM   422 N  N3    . DG  B 1 9  ? 7.820   -0.207  6.290   1.00 23.79 ? 9   DG  B N3    1 
ATOM   423 C  C4    . DG  B 1 9  ? 6.784   -0.883  6.817   1.00 23.10 ? 9   DG  B C4    1 
ATOM   424 P  P     . DT  B 1 10 ? 9.834   -1.651  12.063  1.00 28.49 ? 10  DT  B P     1 
ATOM   425 O  OP1   . DT  B 1 10 ? 10.947  -2.032  12.984  1.00 30.79 ? 10  DT  B OP1   1 
ATOM   426 O  OP2   . DT  B 1 10 ? 8.518   -1.264  12.618  1.00 29.74 ? 10  DT  B OP2   1 
ATOM   427 O  "O5'" . DT  B 1 10 ? 10.265  -0.418  11.161  1.00 27.38 ? 10  DT  B "O5'" 1 
ATOM   428 C  "C5'" . DT  B 1 10 ? 11.543  -0.369  10.574  1.00 26.80 ? 10  DT  B "C5'" 1 
ATOM   429 C  "C4'" . DT  B 1 10 ? 11.745  0.972   9.933   1.00 28.59 ? 10  DT  B "C4'" 1 
ATOM   430 O  "O4'" . DT  B 1 10 ? 10.871  1.076   8.811   1.00 27.31 ? 10  DT  B "O4'" 1 
ATOM   431 C  "C3'" . DT  B 1 10 ? 11.375  2.146   10.809  1.00 29.31 ? 10  DT  B "C3'" 1 
ATOM   432 O  "O3'" . DT  B 1 10 ? 12.439  2.486   11.632  1.00 32.37 ? 10  DT  B "O3'" 1 
ATOM   433 C  "C2'" . DT  B 1 10 ? 11.052  3.224   9.795   1.00 29.78 ? 10  DT  B "C2'" 1 
ATOM   434 C  "C1'" . DT  B 1 10 ? 10.399  2.421   8.687   1.00 27.80 ? 10  DT  B "C1'" 1 
ATOM   435 N  N1    . DT  B 1 10 ? 8.927   2.416   8.737   1.00 25.73 ? 10  DT  B N1    1 
ATOM   436 C  C2    . DT  B 1 10 ? 8.264   3.406   8.080   1.00 24.06 ? 10  DT  B C2    1 
ATOM   437 O  O2    . DT  B 1 10 ? 8.851   4.292   7.498   1.00 25.60 ? 10  DT  B O2    1 
ATOM   438 N  N3    . DT  B 1 10 ? 6.898   3.322   8.134   1.00 24.34 ? 10  DT  B N3    1 
ATOM   439 C  C4    . DT  B 1 10 ? 6.160   2.362   8.778   1.00 24.00 ? 10  DT  B C4    1 
ATOM   440 O  O4    . DT  B 1 10 ? 4.933   2.367   8.776   1.00 25.06 ? 10  DT  B O4    1 
ATOM   441 C  C5    . DT  B 1 10 ? 6.937   1.349   9.473   1.00 24.24 ? 10  DT  B C5    1 
ATOM   442 C  C7    . DT  B 1 10 ? 6.254   0.249   10.217  1.00 26.69 ? 10  DT  B C7    1 
ATOM   443 C  C6    . DT  B 1 10 ? 8.262   1.420   9.403   1.00 24.85 ? 10  DT  B C6    1 
ATOM   444 P  P     . DA  B 1 11 ? 12.148  3.205   13.014  1.00 32.69 ? 11  DA  B P     1 
ATOM   445 O  OP1   . DA  B 1 11 ? 13.463  3.416   13.699  1.00 35.35 ? 11  DA  B OP1   1 
ATOM   446 O  OP2   . DA  B 1 11 ? 11.048  2.451   13.692  1.00 31.80 ? 11  DA  B OP2   1 
ATOM   447 O  "O5'" . DA  B 1 11 ? 11.580  4.588   12.553  1.00 33.13 ? 11  DA  B "O5'" 1 
ATOM   448 C  "C5'" . DA  B 1 11 ? 10.541  5.166   13.211  1.00 33.10 ? 11  DA  B "C5'" 1 
ATOM   449 C  "C4'" . DA  B 1 11 ? 10.105  6.358   12.421  1.00 34.15 ? 11  DA  B "C4'" 1 
ATOM   450 O  "O4'" . DA  B 1 11 ? 9.551   5.896   11.165  1.00 33.67 ? 11  DA  B "O4'" 1 
ATOM   451 C  "C3'" . DA  B 1 11 ? 9.029   7.193   13.057  1.00 33.33 ? 11  DA  B "C3'" 1 
ATOM   452 O  "O3'" . DA  B 1 11 ? 9.589   8.158   13.921  1.00 36.36 ? 11  DA  B "O3'" 1 
ATOM   453 C  "C2'" . DA  B 1 11 ? 8.360   7.809   11.847  1.00 31.85 ? 11  DA  B "C2'" 1 
ATOM   454 C  "C1'" . DA  B 1 11 ? 8.427   6.678   10.836  1.00 30.87 ? 11  DA  B "C1'" 1 
ATOM   455 N  N9    . DA  B 1 11 ? 7.256   5.839   10.865  1.00 26.89 ? 11  DA  B N9    1 
ATOM   456 C  C8    . DA  B 1 11 ? 7.118   4.600   11.428  1.00 27.33 ? 11  DA  B C8    1 
ATOM   457 N  N7    . DA  B 1 11 ? 5.906   4.104   11.317  1.00 27.74 ? 11  DA  B N7    1 
ATOM   458 C  C5    . DA  B 1 11 ? 5.212   5.104   10.633  1.00 25.98 ? 11  DA  B C5    1 
ATOM   459 C  C6    . DA  B 1 11 ? 3.891   5.212   10.194  1.00 25.53 ? 11  DA  B C6    1 
ATOM   460 N  N6    . DA  B 1 11 ? 2.975   4.271   10.378  1.00 25.93 ? 11  DA  B N6    1 
ATOM   461 N  N1    . DA  B 1 11 ? 3.537   6.351   9.586   1.00 24.63 ? 11  DA  B N1    1 
ATOM   462 C  C2    . DA  B 1 11 ? 4.459   7.306   9.394   1.00 24.79 ? 11  DA  B C2    1 
ATOM   463 N  N3    . DA  B 1 11 ? 5.729   7.315   9.759   1.00 25.63 ? 11  DA  B N3    1 
ATOM   464 C  C4    . DA  B 1 11 ? 6.040   6.179   10.370  1.00 25.12 ? 11  DA  B C4    1 
ATOM   465 P  P     . DG  B 1 12 ? 8.794   8.589   15.241  1.00 35.26 ? 12  DG  B P     1 
ATOM   466 O  OP1   . DG  B 1 12 ? 9.645   9.571   15.948  1.00 39.48 ? 12  DG  B OP1   1 
ATOM   467 O  OP2   . DG  B 1 12 ? 8.335   7.372   15.946  1.00 37.06 ? 12  DG  B OP2   1 
ATOM   468 O  "O5'" . DG  B 1 12 ? 7.487   9.327   14.703  1.00 33.28 ? 12  DG  B "O5'" 1 
ATOM   469 C  "C5'" . DG  B 1 12 ? 7.614   10.498  13.965  1.00 31.44 ? 12  DG  B "C5'" 1 
ATOM   470 C  "C4'" . DG  B 1 12 ? 6.310   10.868  13.271  1.00 29.24 ? 12  DG  B "C4'" 1 
ATOM   471 O  "O4'" . DG  B 1 12 ? 5.852   9.759   12.474  1.00 28.18 ? 12  DG  B "O4'" 1 
ATOM   472 C  "C3'" . DG  B 1 12 ? 5.122   11.164  14.162  1.00 28.98 ? 12  DG  B "C3'" 1 
ATOM   473 O  "O3'" . DG  B 1 12 ? 5.206   12.461  14.696  1.00 33.93 ? 12  DG  B "O3'" 1 
ATOM   474 C  "C2'" . DG  B 1 12 ? 3.961   11.005  13.187  1.00 27.97 ? 12  DG  B "C2'" 1 
ATOM   475 C  "C1'" . DG  B 1 12 ? 4.450   9.882   12.279  1.00 27.49 ? 12  DG  B "C1'" 1 
ATOM   476 N  N9    . DG  B 1 12 ? 3.812   8.605   12.547  1.00 26.45 ? 12  DG  B N9    1 
ATOM   477 C  C8    . DG  B 1 12 ? 4.349   7.501   13.182  1.00 28.73 ? 12  DG  B C8    1 
ATOM   478 N  N7    . DG  B 1 12 ? 3.519   6.496   13.249  1.00 26.34 ? 12  DG  B N7    1 
ATOM   479 C  C5    . DG  B 1 12 ? 2.372   6.961   12.589  1.00 25.89 ? 12  DG  B C5    1 
ATOM   480 C  C6    . DG  B 1 12 ? 1.126   6.319   12.330  1.00 25.59 ? 12  DG  B C6    1 
ATOM   481 O  O6    . DG  B 1 12 ? 0.776   5.165   12.623  1.00 26.98 ? 12  DG  B O6    1 
ATOM   482 N  N1    . DG  B 1 12 ? 0.246   7.151   11.648  1.00 25.38 ? 12  DG  B N1    1 
ATOM   483 C  C2    . DG  B 1 12 ? 0.520   8.442   11.273  1.00 25.47 ? 12  DG  B C2    1 
ATOM   484 N  N2    . DG  B 1 12 ? -0.454  9.089   10.627  1.00 25.28 ? 12  DG  B N2    1 
ATOM   485 N  N3    . DG  B 1 12 ? 1.681   9.050   11.502  1.00 25.75 ? 12  DG  B N3    1 
ATOM   486 C  C4    . DG  B 1 12 ? 2.548   8.251   12.164  1.00 26.50 ? 12  DG  B C4    1 
HETATM 487 MG MG    . MG  C 2 .  ? 0.739   2.324   0.638   1.00 31.94 ? 101 MG  A MG    1 
HETATM 488 MG MG    . MG  D 2 .  ? 1.140   0.188   8.955   1.00 32.65 ? 101 MG  B MG    1 
HETATM 489 O  O     . HOH E 3 .  ? -4.463  -4.775  -12.999 1.00 48.32 ? 201 HOH A O     1 
HETATM 490 O  O     . HOH E 3 .  ? -5.613  3.544   5.734   0.92 44.12 ? 202 HOH A O     1 
HETATM 491 O  O     . HOH E 3 .  ? -2.921  -10.546 -1.027  0.91 33.14 ? 203 HOH A O     1 
HETATM 492 O  O     . HOH E 3 .  ? 10.487  -8.436  -7.130  1.00 47.02 ? 204 HOH A O     1 
HETATM 493 O  O     . HOH E 3 .  ? 2.949   -0.410  -0.203  0.96 34.57 ? 205 HOH A O     1 
HETATM 494 O  O     . HOH E 3 .  ? 1.248   0.945   2.613   0.77 29.50 ? 206 HOH A O     1 
HETATM 495 O  O     . HOH E 3 .  ? -6.892  -7.168  -12.885 1.00 41.97 ? 207 HOH A O     1 
HETATM 496 O  O     . HOH E 3 .  ? -1.785  -3.630  -9.272  1.00 35.61 ? 208 HOH A O     1 
HETATM 497 O  O     . HOH E 3 .  ? 10.341  5.041   4.455   0.81 43.91 ? 209 HOH A O     1 
HETATM 498 O  O     . HOH E 3 .  ? 10.609  -2.398  -6.267  1.00 43.45 ? 210 HOH A O     1 
HETATM 499 O  O     . HOH E 3 .  ? -10.238 0.832   -11.380 0.86 43.19 ? 211 HOH A O     1 
HETATM 500 O  O     . HOH E 3 .  ? 7.532   9.484   5.827   0.83 28.42 ? 212 HOH A O     1 
HETATM 501 O  O     . HOH E 3 .  ? -2.056  5.935   3.749   1.00 30.06 ? 213 HOH A O     1 
HETATM 502 O  O     . HOH E 3 .  ? 7.021   -2.806  -4.132  0.90 30.92 ? 214 HOH A O     1 
HETATM 503 O  O     . HOH E 3 .  ? -6.639  -3.000  -15.888 1.00 31.39 ? 215 HOH A O     1 
HETATM 504 O  O     . HOH E 3 .  ? -3.030  -2.703  -15.232 0.80 32.44 ? 216 HOH A O     1 
HETATM 505 O  O     . HOH E 3 .  ? 0.979   6.666   1.116   1.00 32.50 ? 217 HOH A O     1 
HETATM 506 O  O     . HOH E 3 .  ? 5.589   -0.182  -1.997  1.00 32.72 ? 218 HOH A O     1 
HETATM 507 O  O     . HOH E 3 .  ? -11.323 -2.379  -9.198  1.00 37.69 ? 219 HOH A O     1 
HETATM 508 O  O     . HOH E 3 .  ? 3.066   2.696   0.161   0.82 28.88 ? 220 HOH A O     1 
HETATM 509 O  O     . HOH E 3 .  ? 3.758   5.107   -1.076  0.89 28.87 ? 221 HOH A O     1 
HETATM 510 O  O     . HOH E 3 .  ? 0.248   4.496   4.620   0.95 26.31 ? 222 HOH A O     1 
HETATM 511 O  O     . HOH E 3 .  ? -0.152  -4.808  -7.637  0.97 34.79 ? 223 HOH A O     1 
HETATM 512 O  O     . HOH E 3 .  ? 0.317   -2.483  -5.138  0.77 34.22 ? 224 HOH A O     1 
HETATM 513 O  O     . HOH E 3 .  ? -0.281  1.854   9.361   0.95 33.20 ? 225 HOH A O     1 
HETATM 514 O  O     . HOH E 3 .  ? 4.810   2.609   -2.760  0.83 34.31 ? 226 HOH A O     1 
HETATM 515 O  O     . HOH E 3 .  ? 1.034   -7.024  -8.403  0.92 34.68 ? 227 HOH A O     1 
HETATM 516 O  O     . HOH E 3 .  ? 2.798   -4.727  -5.862  0.73 37.54 ? 228 HOH A O     1 
HETATM 517 O  O     . HOH E 3 .  ? 2.409   -0.078  -3.398  1.00 34.39 ? 229 HOH A O     1 
HETATM 518 O  O     . HOH E 3 .  ? -11.816 -7.551  -16.733 0.45 35.08 ? 230 HOH A O     1 
HETATM 519 O  O     . HOH E 3 .  ? 0.992   7.272   -2.937  1.00 46.76 ? 231 HOH A O     1 
HETATM 520 O  O     . HOH E 3 .  ? 3.528   1.032   -1.532  0.96 44.86 ? 232 HOH A O     1 
HETATM 521 O  O     . HOH E 3 .  ? 0.714   3.927   1.772   0.88 34.28 ? 233 HOH A O     1 
HETATM 522 O  O     . HOH E 3 .  ? 0.208   1.960   4.955   0.68 30.75 ? 234 HOH A O     1 
HETATM 523 O  O     . HOH E 3 .  ? 0.223   0.450   -0.373  1.00 30.89 ? 235 HOH A O     1 
HETATM 524 O  O     . HOH E 3 .  ? -6.730  -5.653  -15.283 1.00 48.60 ? 236 HOH A O     1 
HETATM 525 O  O     . HOH E 3 .  ? -0.867  -12.961 -1.513  0.92 36.59 ? 237 HOH A O     1 
HETATM 526 O  O     . HOH E 3 .  ? 5.154   -3.251  -6.223  1.00 40.22 ? 238 HOH A O     1 
HETATM 527 O  O     . HOH E 3 .  ? -16.173 -8.262  -11.908 1.00 49.92 ? 239 HOH A O     1 
HETATM 528 O  O     . HOH E 3 .  ? 0.062   -0.346  10.565  0.85 43.28 ? 240 HOH A O     1 
HETATM 529 O  O     . HOH F 3 .  ? 3.598   3.964   -7.889  0.83 42.23 ? 201 HOH B O     1 
HETATM 530 O  O     . HOH F 3 .  ? -0.020  -1.020  -9.948  0.93 37.03 ? 202 HOH B O     1 
HETATM 531 O  O     . HOH F 3 .  ? 1.627   1.169   7.193   0.96 27.08 ? 203 HOH B O     1 
HETATM 532 O  O     . HOH F 3 .  ? 2.933   1.100   9.846   0.91 24.78 ? 204 HOH B O     1 
HETATM 533 O  O     . HOH F 3 .  ? -10.902 -4.882  7.355   0.99 39.72 ? 205 HOH B O     1 
HETATM 534 O  O     . HOH F 3 .  ? 1.975   3.018   13.523  0.95 38.93 ? 206 HOH B O     1 
HETATM 535 O  O     . HOH F 3 .  ? -1.845  2.086   -5.930  0.96 37.49 ? 207 HOH B O     1 
HETATM 536 O  O     . HOH F 3 .  ? 6.067   -2.183  12.905  0.96 41.15 ? 208 HOH B O     1 
HETATM 537 O  O     . HOH F 3 .  ? 6.634   13.315  16.764  0.87 39.89 ? 209 HOH B O     1 
HETATM 538 O  O     . HOH F 3 .  ? 4.876   2.128   12.774  0.96 41.25 ? 210 HOH B O     1 
HETATM 539 O  O     . HOH F 3 .  ? 8.523   1.717   13.178  0.97 33.65 ? 211 HOH B O     1 
HETATM 540 O  O     . HOH F 3 .  ? -3.071  -1.062  -1.341  1.00 29.41 ? 212 HOH B O     1 
HETATM 541 O  O     . HOH F 3 .  ? 2.208   -1.399  8.555   0.89 28.26 ? 213 HOH B O     1 
HETATM 542 O  O     . HOH F 3 .  ? 4.217   4.828   15.313  1.00 37.16 ? 214 HOH B O     1 
HETATM 543 O  O     . HOH F 3 .  ? -7.363  -1.969  2.256   1.00 40.17 ? 215 HOH B O     1 
HETATM 544 O  O     . HOH F 3 .  ? -13.798 -4.032  4.173   0.90 32.59 ? 216 HOH B O     1 
HETATM 545 O  O     . HOH F 3 .  ? 10.605  -3.506  15.398  1.00 38.88 ? 217 HOH B O     1 
HETATM 546 O  O     . HOH F 3 .  ? 7.483   9.342   8.752   0.92 32.87 ? 218 HOH B O     1 
HETATM 547 O  O     . HOH F 3 .  ? -0.795  -0.929  2.384   1.00 39.55 ? 219 HOH B O     1 
HETATM 548 O  O     . HOH F 3 .  ? 5.584   7.023   16.920  0.99 37.12 ? 220 HOH B O     1 
HETATM 549 O  O     . HOH F 3 .  ? -3.225  -9.439  1.363   0.91 29.18 ? 221 HOH B O     1 
HETATM 550 O  O     . HOH F 3 .  ? 1.223   -4.031  9.719   1.00 40.02 ? 222 HOH B O     1 
HETATM 551 O  O     . HOH F 3 .  ? -0.945  -1.648  5.745   0.96 34.04 ? 223 HOH B O     1 
HETATM 552 O  O     . HOH F 3 .  ? 4.530   9.137   -7.905  1.00 49.63 ? 224 HOH B O     1 
HETATM 553 O  O     . HOH F 3 .  ? -0.628  0.150   -3.215  0.91 32.95 ? 225 HOH B O     1 
HETATM 554 O  O     . HOH F 3 .  ? -3.306  -10.942 3.612   0.92 37.16 ? 226 HOH B O     1 
HETATM 555 O  O     . HOH F 3 .  ? -0.605  -11.578 3.803   1.00 39.62 ? 227 HOH B O     1 
HETATM 556 O  O     . HOH F 3 .  ? -1.756  7.435   -1.455  1.00 46.93 ? 228 HOH B O     1 
HETATM 557 O  O     . HOH F 3 .  ? 7.121   4.296   14.773  1.00 39.33 ? 229 HOH B O     1 
HETATM 558 O  O     . HOH F 3 .  ? -7.346  8.965   0.315   1.00 48.39 ? 230 HOH B O     1 
HETATM 559 O  O     . HOH F 3 .  ? -13.737 -1.173  3.480   1.00 46.66 ? 231 HOH B O     1 
HETATM 560 O  O     . HOH F 3 .  ? 10.023  0.236   16.767  0.48 31.90 ? 232 HOH B O     1 
HETATM 561 O  O     . HOH F 3 .  ? 6.296   11.086  18.339  0.90 38.36 ? 233 HOH B O     1 
HETATM 562 O  O     . HOH F 3 .  ? 7.278   1.933   15.195  0.95 30.49 ? 234 HOH B O     1 
HETATM 563 O  O     . HOH F 3 .  ? -0.436  -0.750  7.944   0.80 39.24 ? 235 HOH B O     1 
# 
loop_
_atom_site_anisotrop.id 
_atom_site_anisotrop.type_symbol 
_atom_site_anisotrop.pdbx_label_atom_id 
_atom_site_anisotrop.pdbx_label_alt_id 
_atom_site_anisotrop.pdbx_label_comp_id 
_atom_site_anisotrop.pdbx_label_asym_id 
_atom_site_anisotrop.pdbx_label_seq_id 
_atom_site_anisotrop.pdbx_PDB_ins_code 
_atom_site_anisotrop.U[1][1] 
_atom_site_anisotrop.U[2][2] 
_atom_site_anisotrop.U[3][3] 
_atom_site_anisotrop.U[1][2] 
_atom_site_anisotrop.U[1][3] 
_atom_site_anisotrop.U[2][3] 
_atom_site_anisotrop.pdbx_auth_seq_id 
_atom_site_anisotrop.pdbx_auth_comp_id 
_atom_site_anisotrop.pdbx_auth_asym_id 
_atom_site_anisotrop.pdbx_auth_atom_id 
1   O "O5'" . DC A 1  ? 0.4388 0.4474 0.4550 0.0200  -0.0199 -0.0254 1  DC A "O5'" 
2   C "C5'" . DC A 1  ? 0.4190 0.4269 0.4386 0.0230  -0.0174 -0.0264 1  DC A "C5'" 
3   C "C4'" . DC A 1  ? 0.4283 0.4295 0.4515 0.0231  -0.0140 -0.0274 1  DC A "C4'" 
4   O "O4'" . DC A 1  ? 0.4222 0.4230 0.4446 0.0180  -0.0131 -0.0319 1  DC A "O4'" 
5   C "C3'" . DC A 1  ? 0.4161 0.4122 0.4385 0.0234  -0.0141 -0.0242 1  DC A "C3'" 
6   O "O3'" . DC A 1  ? 0.3836 0.3784 0.4078 0.0280  -0.0136 -0.0200 1  DC A "O3'" 
7   C "C2'" . DC A 1  ? 0.4113 0.4022 0.4358 0.0209  -0.0112 -0.0271 1  DC A "C2'" 
8   C "C1'" . DC A 1  ? 0.4033 0.3981 0.4262 0.0162  -0.0115 -0.0318 1  DC A "C1'" 
9   N N1    . DC A 1  ? 0.3685 0.3653 0.3877 0.0111  -0.0142 -0.0319 1  DC A N1    
10  C C2    . DC A 1  ? 0.3392 0.3318 0.3584 0.0080  -0.0132 -0.0318 1  DC A C2    
11  O O2    . DC A 1  ? 0.3623 0.3492 0.3840 0.0097  -0.0102 -0.0320 1  DC A O2    
12  N N3    . DC A 1  ? 0.3540 0.3493 0.3712 0.0032  -0.0157 -0.0309 1  DC A N3    
13  C C4    . DC A 1  ? 0.3790 0.3803 0.3947 0.0017  -0.0188 -0.0303 1  DC A C4    
14  N N4    . DC A 1  ? 0.3633 0.3673 0.3786 -0.0031 -0.0210 -0.0287 1  DC A N4    
15  C C5    . DC A 1  ? 0.3907 0.3960 0.4060 0.0047  -0.0196 -0.0309 1  DC A C5    
16  C C6    . DC A 1  ? 0.3607 0.3638 0.3777 0.0093  -0.0174 -0.0316 1  DC A C6    
17  P P     . DT A 2  ? 0.3377 0.3297 0.3599 0.0288  -0.0145 -0.0158 2  DT A P     
18  O OP1   . DT A 2  ? 0.3734 0.3660 0.3980 0.0331  -0.0140 -0.0114 2  DT A OP1   
19  O OP2   . DT A 2  ? 0.3297 0.3245 0.3473 0.0258  -0.0170 -0.0162 2  DT A OP2   
20  O "O5'" . DT A 2  ? 0.3247 0.3098 0.3484 0.0268  -0.0123 -0.0171 2  DT A "O5'" 
21  C "C5'" . DT A 2  ? 0.3209 0.3014 0.3496 0.0289  -0.0091 -0.0173 2  DT A "C5'" 
22  C "C4'" . DT A 2  ? 0.3228 0.2972 0.3519 0.0267  -0.0075 -0.0179 2  DT A "C4'" 
23  O "O4'" . DT A 2  ? 0.3531 0.3279 0.3801 0.0214  -0.0075 -0.0223 2  DT A "O4'" 
24  C "C3'" . DT A 2  ? 0.3324 0.3054 0.3584 0.0264  -0.0092 -0.0143 2  DT A "C3'" 
25  O "O3'" . DT A 2  ? 0.3370 0.3082 0.3651 0.0303  -0.0086 -0.0099 2  DT A "O3'" 
26  C "C2'" . DT A 2  ? 0.3514 0.3199 0.3771 0.0225  -0.0081 -0.0163 2  DT A "C2'" 
27  C "C1'" . DT A 2  ? 0.3147 0.2865 0.3396 0.0186  -0.0082 -0.0211 2  DT A "C1'" 
28  N N1    . DT A 2  ? 0.2933 0.2699 0.3147 0.0150  -0.0113 -0.0212 2  DT A N1    
29  C C2    . DT A 2  ? 0.3050 0.2803 0.3255 0.0107  -0.0119 -0.0212 2  DT A C2    
30  O O2    . DT A 2  ? 0.3165 0.2869 0.3381 0.0097  -0.0101 -0.0212 2  DT A O2    
31  N N3    . DT A 2  ? 0.3155 0.2958 0.3343 0.0074  -0.0147 -0.0207 2  DT A N3    
32  C C4    . DT A 2  ? 0.3185 0.3042 0.3362 0.0081  -0.0168 -0.0207 2  DT A C4    
33  O O4    . DT A 2  ? 0.3094 0.2990 0.3267 0.0049  -0.0191 -0.0200 2  DT A O4    
34  C C5    . DT A 2  ? 0.3240 0.3106 0.3417 0.0125  -0.0162 -0.0213 2  DT A C5    
35  C C7    . DT A 2  ? 0.3576 0.3503 0.3738 0.0134  -0.0184 -0.0214 2  DT A C7    
36  C C6    . DT A 2  ? 0.3105 0.2929 0.3302 0.0158  -0.0135 -0.0212 2  DT A C6    
37  P P     . DA A 3  ? 0.3495 0.3224 0.3739 0.0308  -0.0106 -0.0059 3  DA A P     
38  O OP1   . DA A 3  ? 0.3675 0.3404 0.3946 0.0348  -0.0100 -0.0014 3  DA A OP1   
39  O OP2   . DA A 3  ? 0.3579 0.3364 0.3783 0.0289  -0.0131 -0.0071 3  DA A OP2   
40  O "O5'" . DA A 3  ? 0.3265 0.2940 0.3498 0.0282  -0.0100 -0.0060 3  DA A "O5'" 
41  C "C5'" . DA A 3  ? 0.3217 0.2833 0.3481 0.0290  -0.0078 -0.0050 3  DA A "C5'" 
42  C "C4'" . DA A 3  ? 0.3458 0.3038 0.3708 0.0253  -0.0077 -0.0059 3  DA A "C4'" 
43  O "O4'" . DA A 3  ? 0.3469 0.3064 0.3710 0.0214  -0.0081 -0.0100 3  DA A "O4'" 
44  C "C3'" . DA A 3  ? 0.3513 0.3110 0.3731 0.0242  -0.0094 -0.0039 3  DA A "C3'" 
45  O "O3'" . DA A 3  ? 0.3412 0.2991 0.3630 0.0265  -0.0088 -0.0001 3  DA A "O3'" 
46  C "C2'" . DA A 3  ? 0.3445 0.3020 0.3664 0.0200  -0.0094 -0.0055 3  DA A "C2'" 
47  C "C1'" . DA A 3  ? 0.3248 0.2843 0.3471 0.0178  -0.0093 -0.0095 3  DA A "C1'" 
48  N N9    . DA A 3  ? 0.3225 0.2876 0.3430 0.0156  -0.0116 -0.0108 3  DA A N9    
49  C C8    . DA A 3  ? 0.3057 0.2757 0.3254 0.0171  -0.0128 -0.0117 3  DA A C8    
50  N N7    . DA A 3  ? 0.3236 0.2980 0.3423 0.0142  -0.0147 -0.0127 3  DA A N7    
51  C C5    . DA A 3  ? 0.3103 0.2829 0.3298 0.0105  -0.0149 -0.0120 3  DA A C5    
52  C C6    . DA A 3  ? 0.3139 0.2898 0.3343 0.0063  -0.0168 -0.0115 3  DA A C6    
53  N N6    . DA A 3  ? 0.3054 0.2868 0.3257 0.0051  -0.0187 -0.0121 3  DA A N6    
54  N N1    . DA A 3  ? 0.2933 0.2670 0.3153 0.0033  -0.0165 -0.0098 3  DA A N1    
55  C C2    . DA A 3  ? 0.3041 0.2721 0.3261 0.0044  -0.0146 -0.0093 3  DA A C2    
56  N N3    . DA A 3  ? 0.3284 0.2926 0.3496 0.0083  -0.0127 -0.0098 3  DA A N3    
57  C C4    . DA A 3  ? 0.3310 0.2978 0.3513 0.0113  -0.0130 -0.0109 3  DA A C4    
58  P P     . DC A 4  ? 0.3599 0.3217 0.3784 0.0266  -0.0101 0.0020  4  DC A P     
59  O OP1   . DC A 4  ? 0.3774 0.3379 0.3962 0.0290  -0.0093 0.0060  4  DC A OP1   
60  O OP2   . DC A 4  ? 0.3592 0.3268 0.3758 0.0265  -0.0116 0.0004  4  DC A OP2   
61  O "O5'" . DC A 4  ? 0.3430 0.3031 0.3609 0.0231  -0.0101 0.0012  4  DC A "O5'" 
62  C "C5'" . DC A 4  ? 0.3490 0.3039 0.3684 0.0221  -0.0091 0.0022  4  DC A "C5'" 
63  C "C4'" . DC A 4  ? 0.3319 0.2868 0.3521 0.0185  -0.0095 0.0015  4  DC A "C4'" 
64  O "O4'" . DC A 4  ? 0.3428 0.2994 0.3637 0.0159  -0.0106 -0.0012 4  DC A "O4'" 
65  C "C3'" . DC A 4  ? 0.3822 0.3407 0.4015 0.0177  -0.0100 0.0014  4  DC A "C3'" 
66  O "O3'" . DC A 4  ? 0.3726 0.3298 0.3911 0.0185  -0.0087 0.0035  4  DC A "O3'" 
67  C "C2'" . DC A 4  ? 0.3403 0.2993 0.3624 0.0140  -0.0108 0.0008  4  DC A "C2'" 
68  C "C1'" . DC A 4  ? 0.3389 0.2986 0.3609 0.0131  -0.0117 -0.0013 4  DC A "C1'" 
69  N N1    . DC A 4  ? 0.3017 0.2665 0.3226 0.0130  -0.0132 -0.0033 4  DC A N1    
70  C C2    . DC A 4  ? 0.2867 0.2551 0.3096 0.0098  -0.0147 -0.0038 4  DC A C2    
71  O O2    . DC A 4  ? 0.3197 0.2871 0.3455 0.0070  -0.0147 -0.0020 4  DC A O2    
72  N N3    . DC A 4  ? 0.2956 0.2689 0.3178 0.0096  -0.0161 -0.0056 4  DC A N3    
73  C C4    . DC A 4  ? 0.3031 0.2777 0.3225 0.0126  -0.0159 -0.0069 4  DC A C4    
74  N N4    . DC A 4  ? 0.3286 0.3081 0.3472 0.0124  -0.0175 -0.0085 4  DC A N4    
75  C C5    . DC A 4  ? 0.2908 0.2622 0.3087 0.0160  -0.0146 -0.0059 4  DC A C5    
76  C C6    . DC A 4  ? 0.2971 0.2637 0.3159 0.0161  -0.0132 -0.0043 4  DC A C6    
77  P P     . DG A 5  ? 0.4146 0.3761 0.4311 0.0186  -0.0084 0.0030  5  DG A P     
78  O OP1   . DG A 5  ? 0.5027 0.4626 0.5179 0.0191  -0.0066 0.0051  5  DG A OP1   
79  O OP2   . DG A 5  ? 0.3878 0.3539 0.4019 0.0199  -0.0097 0.0018  5  DG A OP2   
80  O "O5'" . DG A 5  ? 0.3721 0.3347 0.3917 0.0157  -0.0083 0.0016  5  DG A "O5'" 
81  C "C5'" . DG A 5  ? 0.3611 0.3206 0.3845 0.0139  -0.0072 0.0030  5  DG A "C5'" 
82  C "C4'" . DG A 5  ? 0.3777 0.3393 0.4059 0.0113  -0.0077 0.0025  5  DG A "C4'" 
83  O "O4'" . DG A 5  ? 0.3932 0.3570 0.4216 0.0103  -0.0101 0.0015  5  DG A "O4'" 
84  C "C3'" . DG A 5  ? 0.4090 0.3740 0.4378 0.0108  -0.0067 0.0006  5  DG A "C3'" 
85  O "O3'" . DG A 5  ? 0.4085 0.3718 0.4391 0.0103  -0.0038 0.0009  5  DG A "O3'" 
86  C "C2'" . DG A 5  ? 0.3888 0.3563 0.4225 0.0085  -0.0084 0.0006  5  DG A "C2'" 
87  C "C1'" . DG A 5  ? 0.4053 0.3731 0.4367 0.0085  -0.0109 0.0007  5  DG A "C1'" 
88  N N9    . DG A 5  ? 0.3598 0.3312 0.3875 0.0095  -0.0125 -0.0016 5  DG A N9    
89  C C8    . DG A 5  ? 0.3352 0.3068 0.3579 0.0122  -0.0128 -0.0027 5  DG A C8    
90  N N7    . DG A 5  ? 0.3321 0.3078 0.3531 0.0125  -0.0143 -0.0046 5  DG A N7    
91  C C5    . DG A 5  ? 0.3343 0.3126 0.3593 0.0097  -0.0152 -0.0048 5  DG A C5    
92  C C6    . DG A 5  ? 0.3196 0.3025 0.3449 0.0085  -0.0170 -0.0063 5  DG A C6    
93  O O6    . DG A 5  ? 0.3359 0.3218 0.3577 0.0098  -0.0181 -0.0080 5  DG A O6    
94  N N1    . DG A 5  ? 0.3260 0.3106 0.3571 0.0054  -0.0175 -0.0050 5  DG A N1    
95  C C2    . DG A 5  ? 0.3166 0.2986 0.3530 0.0040  -0.0162 -0.0025 5  DG A C2    
96  N N2    . DG A 5  ? 0.3311 0.3157 0.3744 0.0011  -0.0170 -0.0007 5  DG A N2    
97  N N3    . DG A 5  ? 0.3394 0.3169 0.3752 0.0050  -0.0145 -0.0014 5  DG A N3    
98  C C4    . DG A 5  ? 0.3408 0.3166 0.3703 0.0079  -0.0141 -0.0027 5  DG A C4    
99  P P     . DG A 6  ? 0.4212 0.3874 0.4505 0.0097  -0.0016 -0.0020 6  DG A P     
100 O OP1   . DG A 6  ? 0.4595 0.4232 0.4904 0.0090  0.0020  -0.0017 6  DG A OP1   
101 O OP2   . DG A 6  ? 0.4168 0.3866 0.4394 0.0111  -0.0031 -0.0034 6  DG A OP2   
102 O "O5'" . DG A 6  ? 0.4060 0.3744 0.4420 0.0077  -0.0020 -0.0028 6  DG A "O5'" 
103 C "C5'" . DG A 6  ? 0.3607 0.3273 0.4053 0.0060  -0.0004 -0.0010 6  DG A "C5'" 
104 C "C4'" . DG A 6  ? 0.3413 0.3110 0.3922 0.0043  -0.0007 -0.0017 6  DG A "C4'" 
105 O "O4'" . DG A 6  ? 0.3458 0.3182 0.3957 0.0040  -0.0048 -0.0007 6  DG A "O4'" 
106 C "C3'" . DG A 6  ? 0.3515 0.3236 0.3995 0.0042  0.0011  -0.0057 6  DG A "C3'" 
107 O "O3'" . DG A 6  ? 0.3592 0.3294 0.4108 0.0031  0.0059  -0.0075 6  DG A "O3'" 
108 C "C2'" . DG A 6  ? 0.3786 0.3541 0.4314 0.0029  -0.0011 -0.0055 6  DG A "C2'" 
109 C "C1'" . DG A 6  ? 0.3368 0.3132 0.3874 0.0034  -0.0054 -0.0029 6  DG A "C1'" 
110 N N9    . DG A 6  ? 0.3485 0.3271 0.3903 0.0050  -0.0078 -0.0048 6  DG A N9    
111 C C8    . DG A 6  ? 0.3492 0.3264 0.3837 0.0071  -0.0082 -0.0051 6  DG A C8    
112 N N7    . DG A 6  ? 0.3586 0.3386 0.3876 0.0084  -0.0102 -0.0065 6  DG A N7    
113 C C5    . DG A 6  ? 0.3146 0.2983 0.3465 0.0067  -0.0114 -0.0076 6  DG A C5    
114 C C6    . DG A 6  ? 0.3060 0.2940 0.3347 0.0071  -0.0138 -0.0092 6  DG A C6    
115 O O6    . DG A 6  ? 0.3293 0.3187 0.3521 0.0090  -0.0150 -0.0100 6  DG A O6    
116 N N1    . DG A 6  ? 0.3378 0.3287 0.3716 0.0049  -0.0144 -0.0095 6  DG A N1    
117 C C2    . DG A 6  ? 0.3354 0.3253 0.3777 0.0029  -0.0130 -0.0081 6  DG A C2    
118 N N2    . DG A 6  ? 0.3467 0.3400 0.3940 0.0010  -0.0139 -0.0081 6  DG A N2    
119 N N3    . DG A 6  ? 0.3444 0.3302 0.3905 0.0027  -0.0106 -0.0063 6  DG A N3    
120 C C4    . DG A 6  ? 0.3402 0.3231 0.3803 0.0046  -0.0101 -0.0064 6  DG A C4    
121 P P     . DC A 7  ? 0.3686 0.3406 0.4134 0.0024  0.0088  -0.0121 7  DC A P     
122 O OP1   . DC A 7  ? 0.4123 0.3820 0.4634 0.0005  0.0144  -0.0141 7  DC A OP1   
123 O OP2   . DC A 7  ? 0.3888 0.3618 0.4231 0.0040  0.0069  -0.0118 7  DC A OP2   
124 O "O5'" . DC A 7  ? 0.3497 0.3257 0.3946 0.0017  0.0070  -0.0140 7  DC A "O5'" 
125 C "C5'" . DC A 7  ? 0.3560 0.3358 0.3922 0.0018  0.0058  -0.0167 7  DC A "C5'" 
126 C "C4'" . DC A 7  ? 0.3312 0.3144 0.3699 0.0012  0.0039  -0.0177 7  DC A "C4'" 
127 O "O4'" . DC A 7  ? 0.3362 0.3203 0.3750 0.0027  -0.0009 -0.0146 7  DC A "O4'" 
128 C "C3'" . DC A 7  ? 0.3511 0.3388 0.3818 0.0006  0.0035  -0.0210 7  DC A "C3'" 
129 O "O3'" . DC A 7  ? 0.3671 0.3550 0.3991 -0.0023 0.0083  -0.0250 7  DC A "O3'" 
130 C "C2'" . DC A 7  ? 0.3364 0.3268 0.3693 0.0009  -0.0003 -0.0202 7  DC A "C2'" 
131 C "C1'" . DC A 7  ? 0.3328 0.3214 0.3678 0.0028  -0.0035 -0.0162 7  DC A "C1'" 
132 N N1    . DC A 7  ? 0.3075 0.2978 0.3341 0.0050  -0.0066 -0.0153 7  DC A N1    
133 C C2    . DC A 7  ? 0.3016 0.2961 0.3248 0.0055  -0.0097 -0.0160 7  DC A C2    
134 O O2    . DC A 7  ? 0.3354 0.3323 0.3621 0.0040  -0.0100 -0.0172 7  DC A O2    
135 N N3    . DC A 7  ? 0.3019 0.2979 0.3189 0.0078  -0.0120 -0.0152 7  DC A N3    
136 C C4    . DC A 7  ? 0.3108 0.3040 0.3252 0.0093  -0.0115 -0.0135 7  DC A C4    
137 N N4    . DC A 7  ? 0.3443 0.3390 0.3544 0.0116  -0.0134 -0.0124 7  DC A N4    
138 C C5    . DC A 7  ? 0.3385 0.3275 0.3555 0.0088  -0.0086 -0.0128 7  DC A C5    
139 C C6    . DC A 7  ? 0.3117 0.2994 0.3347 0.0065  -0.0062 -0.0138 7  DC A C6    
140 P P     . DC A 8  ? 0.3909 0.3831 0.4126 -0.0041 0.0098  -0.0287 8  DC A P     
141 O OP1   . DC A 8  ? 0.4230 0.4138 0.4488 -0.0078 0.0158  -0.0332 8  DC A OP1   
142 O OP2   . DC A 8  ? 0.4109 0.4043 0.4242 -0.0025 0.0077  -0.0263 8  DC A OP2   
143 O "O5'" . DC A 8  ? 0.3676 0.3645 0.3873 -0.0042 0.0066  -0.0297 8  DC A "O5'" 
144 C "C5'" . DC A 8  ? 0.3176 0.3141 0.3446 -0.0059 0.0080  -0.0317 8  DC A "C5'" 
145 C "C4'" . DC A 8  ? 0.3614 0.3629 0.3850 -0.0056 0.0042  -0.0320 8  DC A "C4'" 
146 O "O4'" . DC A 8  ? 0.3578 0.3597 0.3817 -0.0025 -0.0010 -0.0279 8  DC A "O4'" 
147 C "C3'" . DC A 8  ? 0.3553 0.3621 0.3677 -0.0064 0.0032  -0.0337 8  DC A "C3'" 
148 O "O3'" . DC A 8  ? 0.3919 0.4006 0.4027 -0.0104 0.0075  -0.0386 8  DC A "O3'" 
149 C "C2'" . DC A 8  ? 0.3226 0.3331 0.3336 -0.0045 -0.0019 -0.0320 8  DC A "C2'" 
150 C "C1'" . DC A 8  ? 0.3362 0.3433 0.3528 -0.0017 -0.0045 -0.0280 8  DC A "C1'" 
151 N N1    . DC A 8  ? 0.3173 0.3246 0.3280 0.0013  -0.0073 -0.0250 8  DC A N1    
152 C C2    . DC A 8  ? 0.3033 0.3149 0.3096 0.0030  -0.0111 -0.0239 8  DC A C2    
153 O O2    . DC A 8  ? 0.3080 0.3229 0.3146 0.0020  -0.0125 -0.0254 8  DC A O2    
154 N N3    . DC A 8  ? 0.2915 0.3030 0.2939 0.0057  -0.0131 -0.0212 8  DC A N3    
155 C C4    . DC A 8  ? 0.3080 0.3156 0.3103 0.0066  -0.0116 -0.0196 8  DC A C4    
156 N N4    . DC A 8  ? 0.3133 0.3210 0.3130 0.0093  -0.0134 -0.0169 8  DC A N4    
157 C C5    . DC A 8  ? 0.3224 0.3260 0.3284 0.0047  -0.0080 -0.0207 8  DC A C5    
158 C C6    . DC A 8  ? 0.3375 0.3411 0.3478 0.0021  -0.0057 -0.0235 8  DC A C6    
159 P P     . DG A 9  ? 0.3952 0.4080 0.3950 -0.0130 0.0092  -0.0403 9  DG A P     
160 O OP1   . DG A 9  ? 0.4412 0.4551 0.4411 -0.0181 0.0146  -0.0462 9  DG A OP1   
161 O OP2   . DG A 9  ? 0.3767 0.3875 0.3744 -0.0112 0.0090  -0.0372 9  DG A OP2   
162 O "O5'" . DG A 9  ? 0.3585 0.3783 0.3504 -0.0118 0.0039  -0.0382 9  DG A "O5'" 
163 C "C5'" . DG A 9  ? 0.3760 0.3993 0.3676 -0.0133 0.0031  -0.0406 9  DG A "C5'" 
164 C "C4'" . DG A 9  ? 0.3307 0.3593 0.3170 -0.0106 -0.0025 -0.0372 9  DG A "C4'" 
165 O "O4'" . DG A 9  ? 0.3313 0.3565 0.3217 -0.0060 -0.0059 -0.0331 9  DG A "O4'" 
166 C "C3'" . DG A 9  ? 0.3237 0.3585 0.3005 -0.0112 -0.0039 -0.0351 9  DG A "C3'" 
167 O "O3'" . DG A 9  ? 0.3688 0.4099 0.3396 -0.0159 -0.0025 -0.0383 9  DG A "O3'" 
168 C "C2'" . DG A 9  ? 0.3288 0.3655 0.3054 -0.0066 -0.0093 -0.0306 9  DG A "C2'" 
169 C "C1'" . DG A 9  ? 0.3261 0.3554 0.3108 -0.0034 -0.0098 -0.0296 9  DG A "C1'" 
170 N N9    . DG A 9  ? 0.3270 0.3529 0.3123 -0.0008 -0.0100 -0.0261 9  DG A N9    
171 C C8    . DG A 9  ? 0.3420 0.3623 0.3304 -0.0012 -0.0070 -0.0264 9  DG A C8    
172 N N7    . DG A 9  ? 0.3135 0.3319 0.3013 0.0016  -0.0083 -0.0228 9  DG A N7    
173 C C5    . DG A 9  ? 0.3238 0.3462 0.3088 0.0041  -0.0121 -0.0201 9  DG A C5    
174 C C6    . DG A 9  ? 0.3290 0.3512 0.3133 0.0076  -0.0143 -0.0160 9  DG A C6    
175 O O6    . DG A 9  ? 0.3213 0.3396 0.3070 0.0092  -0.0137 -0.0137 9  DG A O6    
176 N N1    . DG A 9  ? 0.3062 0.3336 0.2888 0.0093  -0.0174 -0.0145 9  DG A N1    
177 C C2    . DG A 9  ? 0.2891 0.3212 0.2697 0.0077  -0.0184 -0.0167 9  DG A C2    
178 N N2    . DG A 9  ? 0.2823 0.3192 0.2615 0.0097  -0.0213 -0.0146 9  DG A N2    
179 N N3    . DG A 9  ? 0.2807 0.3132 0.2613 0.0042  -0.0164 -0.0206 9  DG A N3    
180 C C4    . DG A 9  ? 0.2916 0.3187 0.2746 0.0026  -0.0132 -0.0222 9  DG A C4    
181 P P     . DT A 10 ? 0.3635 0.4117 0.3244 -0.0191 -0.0022 -0.0371 10 DT A P     
182 O OP1   . DT A 10 ? 0.3750 0.4290 0.3309 -0.0250 0.0002  -0.0417 10 DT A OP1   
183 O OP2   . DT A 10 ? 0.3685 0.4137 0.3296 -0.0191 0.0001  -0.0357 10 DT A OP2   
184 O "O5'" . DT A 10 ? 0.3426 0.3961 0.3008 -0.0151 -0.0080 -0.0309 10 DT A "O5'" 
185 C "C5'" . DT A 10 ? 0.3506 0.4092 0.3071 -0.0147 -0.0110 -0.0307 10 DT A "C5'" 
186 C "C4'" . DT A 10 ? 0.3302 0.3934 0.2851 -0.0107 -0.0158 -0.0245 10 DT A "C4'" 
187 O "O4'" . DT A 10 ? 0.3195 0.3760 0.2808 -0.0052 -0.0173 -0.0220 10 DT A "O4'" 
188 C "C3'" . DT A 10 ? 0.3616 0.4307 0.3110 -0.0121 -0.0163 -0.0201 10 DT A "C3'" 
189 O "O3'" . DT A 10 ? 0.3774 0.4563 0.3199 -0.0170 -0.0167 -0.0203 10 DT A "O3'" 
190 C "C2'" . DT A 10 ? 0.3299 0.3988 0.2831 -0.0061 -0.0200 -0.0140 10 DT A "C2'" 
191 C "C1'" . DT A 10 ? 0.3250 0.3840 0.2853 -0.0022 -0.0196 -0.0161 10 DT A "C1'" 
192 N N1    . DT A 10 ? 0.3148 0.3671 0.2781 -0.0007 -0.0177 -0.0151 10 DT A N1    
193 C C2    . DT A 10 ? 0.3295 0.3801 0.2954 0.0038  -0.0197 -0.0101 10 DT A C2    
194 O O2    . DT A 10 ? 0.3207 0.3752 0.2875 0.0065  -0.0226 -0.0066 10 DT A O2    
195 N N3    . DT A 10 ? 0.3021 0.3465 0.2707 0.0047  -0.0179 -0.0094 10 DT A N3    
196 C C4    . DT A 10 ? 0.3272 0.3668 0.2960 0.0019  -0.0143 -0.0131 10 DT A C4    
197 O O4    . DT A 10 ? 0.3449 0.3790 0.3162 0.0032  -0.0129 -0.0119 10 DT A O4    
198 C C5    . DT A 10 ? 0.3246 0.3662 0.2912 -0.0025 -0.0120 -0.0183 10 DT A C5    
199 C C7    . DT A 10 ? 0.3639 0.4008 0.3320 -0.0059 -0.0074 -0.0227 10 DT A C7    
200 C C6    . DT A 10 ? 0.3347 0.3824 0.2985 -0.0037 -0.0138 -0.0191 10 DT A C6    
201 P P     . DA A 11 ? 0.4253 0.5109 0.3604 -0.0231 -0.0145 -0.0196 11 DA A P     
202 O OP1   . DA A 11 ? 0.5089 0.6055 0.4370 -0.0279 -0.0159 -0.0193 11 DA A OP1   
203 O OP2   . DA A 11 ? 0.4150 0.4939 0.3510 -0.0260 -0.0093 -0.0250 11 DA A OP2   
204 O "O5'" . DA A 11 ? 0.4392 0.5254 0.3761 -0.0191 -0.0168 -0.0120 11 DA A "O5'" 
205 C "C5'" . DA A 11 ? 0.4584 0.5539 0.3930 -0.0186 -0.0206 -0.0050 11 DA A "C5'" 
206 C "C4'" . DA A 11 ? 0.3715 0.4638 0.3122 -0.0123 -0.0229 0.0017  11 DA A "C4'" 
207 O "O4'" . DA A 11 ? 0.3686 0.4490 0.3159 -0.0074 -0.0218 -0.0013 11 DA A "O4'" 
208 C "C3'" . DA A 11 ? 0.3884 0.4825 0.3274 -0.0140 -0.0221 0.0057  11 DA A "C3'" 
209 O "O3'" . DA A 11 ? 0.3905 0.4974 0.3242 -0.0183 -0.0240 0.0112  11 DA A "O3'" 
210 C "C2'" . DA A 11 ? 0.3665 0.4538 0.3138 -0.0065 -0.0238 0.0103  11 DA A "C2'" 
211 C "C1'" . DA A 11 ? 0.4308 0.5079 0.3823 -0.0033 -0.0226 0.0040  11 DA A "C1'" 
212 N N9    . DA A 11 ? 0.3623 0.4299 0.3160 -0.0030 -0.0194 0.0005  11 DA A N9    
213 C C8    . DA A 11 ? 0.3545 0.4182 0.3064 -0.0067 -0.0157 -0.0061 11 DA A C8    
214 N N7    . DA A 11 ? 0.3357 0.3913 0.2912 -0.0054 -0.0135 -0.0073 11 DA A N7    
215 C C5    . DA A 11 ? 0.3190 0.3729 0.2782 -0.0005 -0.0159 -0.0015 11 DA A C5    
216 C C6    . DA A 11 ? 0.3205 0.3670 0.2842 0.0028  -0.0153 0.0003  11 DA A C6    
217 N N6    . DA A 11 ? 0.3478 0.3873 0.3132 0.0016  -0.0121 -0.0034 11 DA A N6    
218 N N1    . DA A 11 ? 0.3251 0.3717 0.2924 0.0070  -0.0177 0.0062  11 DA A N1    
219 C C2    . DA A 11 ? 0.3250 0.3787 0.2920 0.0083  -0.0206 0.0102  11 DA A C2    
220 N N3    . DA A 11 ? 0.3600 0.4217 0.3231 0.0055  -0.0218 0.0095  11 DA A N3    
221 C C4    . DA A 11 ? 0.3387 0.3998 0.2974 0.0010  -0.0193 0.0033  11 DA A C4    
222 P P     . DG A 12 ? 0.3621 0.4748 0.2909 -0.0235 -0.0228 0.0143  12 DG A P     
223 O OP1   . DG A 12 ? 0.4271 0.5547 0.3498 -0.0290 -0.0252 0.0193  12 DG A OP1   
224 O OP2   . DG A 12 ? 0.3728 0.4782 0.2989 -0.0270 -0.0178 0.0064  12 DG A OP2   
225 O "O5'" . DG A 12 ? 0.3698 0.4785 0.3063 -0.0169 -0.0248 0.0220  12 DG A "O5'" 
226 C "C5'" . DG A 12 ? 0.3973 0.5101 0.3395 -0.0120 -0.0288 0.0296  12 DG A "C5'" 
227 C "C4'" . DG A 12 ? 0.3796 0.4867 0.3300 -0.0060 -0.0296 0.0354  12 DG A "C4'" 
228 O "O4'" . DG A 12 ? 0.3677 0.4610 0.3227 -0.0013 -0.0275 0.0295  12 DG A "O4'" 
229 C "C3'" . DG A 12 ? 0.3804 0.4898 0.3285 -0.0093 -0.0286 0.0389  12 DG A "C3'" 
230 O "O3'" . DG A 12 ? 0.3943 0.5172 0.3420 -0.0119 -0.0317 0.0487  12 DG A "O3'" 
231 C "C2'" . DG A 12 ? 0.3713 0.4687 0.3276 -0.0026 -0.0277 0.0396  12 DG A "C2'" 
232 C "C1'" . DG A 12 ? 0.3565 0.4437 0.3147 0.0005  -0.0261 0.0313  12 DG A "C1'" 
233 N N9    . DG A 12 ? 0.3323 0.4119 0.2868 -0.0021 -0.0224 0.0234  12 DG A N9    
234 C C8    . DG A 12 ? 0.3566 0.4381 0.3045 -0.0079 -0.0200 0.0166  12 DG A C8    
235 N N7    . DG A 12 ? 0.3200 0.3930 0.2679 -0.0087 -0.0165 0.0108  12 DG A N7    
236 C C5    . DG A 12 ? 0.3302 0.3956 0.2845 -0.0034 -0.0169 0.0139  12 DG A C5    
237 C C6    . DG A 12 ? 0.3152 0.3705 0.2727 -0.0018 -0.0143 0.0108  12 DG A C6    
238 O O6    . DG A 12 ? 0.3230 0.3737 0.2794 -0.0046 -0.0108 0.0048  12 DG A O6    
239 N N1    . DG A 12 ? 0.3292 0.3796 0.2928 0.0035  -0.0157 0.0156  12 DG A N1    
240 C C2    . DG A 12 ? 0.3264 0.3806 0.2936 0.0070  -0.0189 0.0225  12 DG A C2    
241 N N2    . DG A 12 ? 0.3481 0.3959 0.3218 0.0117  -0.0192 0.0257  12 DG A N2    
242 N N3    . DG A 12 ? 0.3386 0.4024 0.3040 0.0059  -0.0213 0.0258  12 DG A N3    
243 C C4    . DG A 12 ? 0.3491 0.4182 0.3075 0.0006  -0.0204 0.0213  12 DG A C4    
244 O "O5'" . DC B 1  ? 0.5270 0.4309 0.4478 -0.0340 0.0141  0.0099  1  DC B "O5'" 
245 C "C5'" . DC B 1  ? 0.4879 0.3841 0.4027 -0.0353 0.0130  0.0106  1  DC B "C5'" 
246 C "C4'" . DC B 1  ? 0.4723 0.3646 0.3819 -0.0324 0.0109  0.0127  1  DC B "C4'" 
247 O "O4'" . DC B 1  ? 0.5038 0.3984 0.4115 -0.0337 0.0116  0.0138  1  DC B "O4'" 
248 C "C3'" . DC B 1  ? 0.4932 0.3878 0.4045 -0.0273 0.0093  0.0127  1  DC B "C3'" 
249 O "O3'" . DC B 1  ? 0.4684 0.3593 0.3786 -0.0253 0.0076  0.0119  1  DC B "O3'" 
250 C "C2'" . DC B 1  ? 0.4833 0.3761 0.3909 -0.0258 0.0080  0.0147  1  DC B "C2'" 
251 C "C1'" . DC B 1  ? 0.4599 0.3552 0.3668 -0.0297 0.0098  0.0149  1  DC B "C1'" 
252 N N1    . DC B 1  ? 0.4472 0.3501 0.3597 -0.0291 0.0111  0.0136  1  DC B N1    
253 C C2    . DC B 1  ? 0.4371 0.3421 0.3502 -0.0257 0.0097  0.0141  1  DC B C2    
254 O O2    . DC B 1  ? 0.4265 0.3267 0.3352 -0.0233 0.0073  0.0157  1  DC B O2    
255 N N3    . DC B 1  ? 0.4061 0.3182 0.3260 -0.0251 0.0110  0.0126  1  DC B N3    
256 C C4    . DC B 1  ? 0.4182 0.3354 0.3442 -0.0279 0.0136  0.0107  1  DC B C4    
257 N N4    . DC B 1  ? 0.4304 0.3545 0.3644 -0.0272 0.0150  0.0091  1  DC B N4    
258 C C5    . DC B 1  ? 0.3999 0.3152 0.3248 -0.0313 0.0150  0.0104  1  DC B C5    
259 C C6    . DC B 1  ? 0.4244 0.3327 0.3426 -0.0318 0.0136  0.0117  1  DC B C6    
260 P P     . DT B 2  ? 0.4555 0.3501 0.3681 -0.0201 0.0066  0.0110  2  DT B P     
261 O OP1   . DT B 2  ? 0.5105 0.4006 0.4213 -0.0190 0.0048  0.0093  2  DT B OP1   
262 O OP2   . DT B 2  ? 0.4330 0.3356 0.3512 -0.0197 0.0085  0.0107  2  DT B OP2   
263 O "O5'" . DT B 2  ? 0.4335 0.3272 0.3445 -0.0168 0.0055  0.0128  2  DT B "O5'" 
264 C "C5'" . DT B 2  ? 0.4545 0.3411 0.3609 -0.0163 0.0035  0.0140  2  DT B "C5'" 
265 C "C4'" . DT B 2  ? 0.4492 0.3368 0.3557 -0.0129 0.0025  0.0155  2  DT B "C4'" 
266 O "O4'" . DT B 2  ? 0.4489 0.3403 0.3563 -0.0145 0.0035  0.0164  2  DT B "O4'" 
267 C "C3'" . DT B 2  ? 0.4612 0.3538 0.3716 -0.0084 0.0028  0.0147  2  DT B "C3'" 
268 O "O3'" . DT B 2  ? 0.4580 0.3468 0.3667 -0.0054 0.0011  0.0138  2  DT B "O3'" 
269 C "C2'" . DT B 2  ? 0.4558 0.3514 0.3684 -0.0067 0.0029  0.0160  2  DT B "C2'" 
270 C "C1'" . DT B 2  ? 0.4299 0.3261 0.3415 -0.0110 0.0036  0.0165  2  DT B "C1'" 
271 N N1    . DT B 2  ? 0.4112 0.3149 0.3287 -0.0124 0.0061  0.0156  2  DT B N1    
272 C C2    . DT B 2  ? 0.3953 0.3036 0.3176 -0.0109 0.0066  0.0155  2  DT B C2    
273 O O2    . DT B 2  ? 0.4352 0.3421 0.3566 -0.0083 0.0049  0.0162  2  DT B O2    
274 N N3    . DT B 2  ? 0.3857 0.3006 0.3147 -0.0125 0.0091  0.0145  2  DT B N3    
275 C C4    . DT B 2  ? 0.3685 0.2856 0.2997 -0.0153 0.0111  0.0138  2  DT B C4    
276 O O4    . DT B 2  ? 0.3888 0.3119 0.3274 -0.0166 0.0134  0.0129  2  DT B O4    
277 C C5    . DT B 2  ? 0.3803 0.2922 0.3056 -0.0168 0.0103  0.0139  2  DT B C5    
278 C C7    . DT B 2  ? 0.3957 0.3095 0.3234 -0.0198 0.0120  0.0129  2  DT B C7    
279 C C6    . DT B 2  ? 0.3903 0.2958 0.3093 -0.0153 0.0079  0.0146  2  DT B C6    
280 P P     . DA B 3  ? 0.5103 0.4040 0.4216 -0.0011 0.0017  0.0123  3  DA B P     
281 O OP1   . DA B 3  ? 0.5558 0.4445 0.4649 0.0010  -0.0003 0.0104  3  DA B OP1   
282 O OP2   . DA B 3  ? 0.5438 0.4439 0.4579 -0.0023 0.0036  0.0117  3  DA B OP2   
283 O "O5'" . DA B 3  ? 0.4775 0.3754 0.3923 0.0023  0.0026  0.0140  3  DA B "O5'" 
284 C "C5'" . DA B 3  ? 0.4796 0.3735 0.3935 0.0038  0.0008  0.0150  3  DA B "C5'" 
285 C "C4'" . DA B 3  ? 0.4699 0.3689 0.3888 0.0070  0.0020  0.0160  3  DA B "C4'" 
286 O "O4'" . DA B 3  ? 0.4908 0.3939 0.4130 0.0044  0.0034  0.0168  3  DA B "O4'" 
287 C "C3'" . DA B 3  ? 0.4709 0.3758 0.3934 0.0107  0.0041  0.0157  3  DA B "C3'" 
288 O "O3'" . DA B 3  ? 0.5286 0.4339 0.4537 0.0149  0.0041  0.0161  3  DA B "O3'" 
289 C "C2'" . DA B 3  ? 0.4608 0.3725 0.3885 0.0093  0.0068  0.0168  3  DA B "C2'" 
290 C "C1'" . DA B 3  ? 0.4908 0.4012 0.4197 0.0064  0.0062  0.0172  3  DA B "C1'" 
291 N N9    . DA B 3  ? 0.4559 0.3705 0.3881 0.0029  0.0080  0.0172  3  DA B N9    
292 C C8    . DA B 3  ? 0.4406 0.3548 0.3703 -0.0004 0.0084  0.0165  3  DA B C8    
293 N N7    . DA B 3  ? 0.4028 0.3215 0.3374 -0.0031 0.0104  0.0164  3  DA B N7    
294 C C5    . DA B 3  ? 0.3884 0.3109 0.3294 -0.0014 0.0113  0.0168  3  DA B C5    
295 C C6    . DA B 3  ? 0.3611 0.2894 0.3106 -0.0027 0.0134  0.0164  3  DA B C6    
296 N N6    . DA B 3  ? 0.3705 0.3018 0.3232 -0.0063 0.0152  0.0156  3  DA B N6    
297 N N1    . DA B 3  ? 0.3686 0.2997 0.3244 -0.0002 0.0139  0.0164  3  DA B N1    
298 C C2    . DA B 3  ? 0.4273 0.3554 0.3806 0.0034  0.0122  0.0171  3  DA B C2    
299 N N3    . DA B 3  ? 0.4086 0.3312 0.3539 0.0050  0.0101  0.0176  3  DA B N3    
300 C C4    . DA B 3  ? 0.4337 0.3537 0.3732 0.0024  0.0098  0.0174  3  DA B C4    
301 P P     . DC B 4  ? 0.5445 0.4551 0.4716 0.0195  0.0062  0.0161  4  DC B P     
302 O OP1   . DC B 4  ? 0.5918 0.4997 0.5197 0.0232  0.0053  0.0156  4  DC B OP1   
303 O OP2   . DC B 4  ? 0.4900 0.4022 0.4136 0.0189  0.0064  0.0146  4  DC B OP2   
304 O "O5'" . DC B 4  ? 0.4989 0.4173 0.4337 0.0203  0.0096  0.0184  4  DC B "O5'" 
305 C "C5'" . DC B 4  ? 0.5145 0.4337 0.4553 0.0208  0.0100  0.0194  4  DC B "C5'" 
306 C "C4'" . DC B 4  ? 0.4876 0.4140 0.4366 0.0205  0.0134  0.0212  4  DC B "C4'" 
307 O "O4'" . DC B 4  ? 0.4595 0.3862 0.4076 0.0158  0.0131  0.0206  4  DC B "O4'" 
308 C "C3'" . DC B 4  ? 0.4594 0.3921 0.4107 0.0237  0.0165  0.0232  4  DC B "C3'" 
309 O "O3'" . DC B 4  ? 0.4747 0.4130 0.4359 0.0267  0.0198  0.0256  4  DC B "O3'" 
310 C "C2'" . DC B 4  ? 0.4819 0.4172 0.4329 0.0202  0.0171  0.0234  4  DC B "C2'" 
311 C "C1'" . DC B 4  ? 0.4299 0.3632 0.3838 0.0162  0.0162  0.0224  4  DC B "C1'" 
312 N N1    . DC B 4  ? 0.4011 0.3349 0.3538 0.0117  0.0162  0.0217  4  DC B N1    
313 C C2    . DC B 4  ? 0.3577 0.2955 0.3186 0.0094  0.0180  0.0218  4  DC B C2    
314 O O2    . DC B 4  ? 0.3632 0.3034 0.3317 0.0109  0.0192  0.0221  4  DC B O2    
315 N N3    . DC B 4  ? 0.3595 0.2981 0.3203 0.0053  0.0184  0.0211  4  DC B N3    
316 C C4    . DC B 4  ? 0.3880 0.3238 0.3412 0.0038  0.0170  0.0204  4  DC B C4    
317 N N4    . DC B 4  ? 0.4139 0.3507 0.3680 -0.0002 0.0175  0.0196  4  DC B N4    
318 C C5    . DC B 4  ? 0.3924 0.3244 0.3378 0.0063  0.0150  0.0200  4  DC B C5    
319 C C6    . DC B 4  ? 0.4320 0.3633 0.3775 0.0103  0.0148  0.0207  4  DC B C6    
320 P P     . DG B 5  ? 0.4496 0.3938 0.4130 0.0318  0.0232  0.0284  5  DG B P     
321 O OP1   . DG B 5  ? 0.4750 0.4180 0.4423 0.0352  0.0237  0.0284  5  DG B OP1   
322 O OP2   . DG B 5  ? 0.4324 0.3776 0.3873 0.0324  0.0226  0.0280  5  DG B OP2   
323 O "O5'" . DG B 5  ? 0.3928 0.3445 0.3670 0.0317  0.0273  0.0320  5  DG B "O5'" 
324 C "C5'" . DG B 5  ? 0.4012 0.3558 0.3871 0.0331  0.0299  0.0335  5  DG B "C5'" 
325 C "C4'" . DG B 5  ? 0.3422 0.3032 0.3387 0.0320  0.0333  0.0364  5  DG B "C4'" 
326 O "O4'" . DG B 5  ? 0.3550 0.3139 0.3524 0.0269  0.0313  0.0335  5  DG B "O4'" 
327 C "C3'" . DG B 5  ? 0.3220 0.2878 0.3157 0.0332  0.0352  0.0396  5  DG B "C3'" 
328 O "O3'" . DG B 5  ? 0.3473 0.3183 0.3438 0.0385  0.0387  0.0438  5  DG B "O3'" 
329 C "C2'" . DG B 5  ? 0.3179 0.2876 0.3221 0.0301  0.0369  0.0407  5  DG B "C2'" 
330 C "C1'" . DG B 5  ? 0.3284 0.2923 0.3308 0.0254  0.0336  0.0357  5  DG B "C1'" 
331 N N9    . DG B 5  ? 0.3287 0.2890 0.3212 0.0215  0.0305  0.0333  5  DG B N9    
332 C C8    . DG B 5  ? 0.3411 0.2952 0.3205 0.0205  0.0268  0.0306  5  DG B C8    
333 N N7    . DG B 5  ? 0.3224 0.2746 0.2964 0.0167  0.0250  0.0289  5  DG B N7    
334 C C5    . DG B 5  ? 0.3034 0.2612 0.2873 0.0152  0.0278  0.0306  5  DG B C5    
335 C C6    . DG B 5  ? 0.3352 0.2941 0.3199 0.0111  0.0277  0.0298  5  DG B C6    
336 O O6    . DG B 5  ? 0.3259 0.2808 0.3022 0.0081  0.0252  0.0275  5  DG B O6    
337 N N1    . DG B 5  ? 0.3066 0.2718 0.3044 0.0109  0.0310  0.0320  5  DG B N1    
338 C C2    . DG B 5  ? 0.2950 0.2648 0.3045 0.0139  0.0343  0.0347  5  DG B C2    
339 N N2    . DG B 5  ? 0.3248 0.3003 0.3477 0.0131  0.0376  0.0366  5  DG B N2    
340 N N3    . DG B 5  ? 0.3109 0.2798 0.3199 0.0176  0.0346  0.0355  5  DG B N3    
341 C C4    . DG B 5  ? 0.2976 0.2603 0.2932 0.0180  0.0311  0.0333  5  DG B C4    
342 P P     . DG B 6  ? 0.3536 0.3295 0.3423 0.0413  0.0395  0.0467  6  DG B P     
343 O OP1   . DG B 6  ? 0.4110 0.3921 0.4029 0.0470  0.0436  0.0511  6  DG B OP1   
344 O OP2   . DG B 6  ? 0.3506 0.3209 0.3253 0.0395  0.0348  0.0419  6  DG B OP2   
345 O "O5'" . DG B 6  ? 0.3458 0.3268 0.3416 0.0392  0.0413  0.0498  6  DG B "O5'" 
346 C "C5'" . DG B 6  ? 0.3500 0.3323 0.3381 0.0377  0.0393  0.0494  6  DG B "C5'" 
347 C "C4'" . DG B 6  ? 0.3165 0.3025 0.3145 0.0349  0.0410  0.0517  6  DG B "C4'" 
348 O "O4'" . DG B 6  ? 0.3492 0.3296 0.3497 0.0296  0.0388  0.0472  6  DG B "O4'" 
349 C "C3'" . DG B 6  ? 0.3353 0.3249 0.3281 0.0342  0.0397  0.0528  6  DG B "C3'" 
350 O "O3'" . DG B 6  ? 0.3814 0.3791 0.3753 0.0393  0.0426  0.0588  6  DG B "O3'" 
351 C "C2'" . DG B 6  ? 0.3427 0.3324 0.3459 0.0297  0.0404  0.0525  6  DG B "C2'" 
352 C "C1'" . DG B 6  ? 0.3438 0.3259 0.3463 0.0260  0.0383  0.0471  6  DG B "C1'" 
353 N N9    . DG B 6  ? 0.3094 0.2852 0.3004 0.0221  0.0339  0.0418  6  DG B N9    
354 C C8    . DG B 6  ? 0.3211 0.2908 0.3002 0.0223  0.0305  0.0382  6  DG B C8    
355 N N7    . DG B 6  ? 0.3201 0.2850 0.2918 0.0184  0.0273  0.0344  6  DG B N7    
356 C C5    . DG B 6  ? 0.3058 0.2742 0.2846 0.0154  0.0286  0.0353  6  DG B C5    
357 C C6    . DG B 6  ? 0.3004 0.2664 0.2767 0.0106  0.0268  0.0326  6  DG B C6    
358 O O6    . DG B 6  ? 0.3197 0.2800 0.2871 0.0079  0.0237  0.0288  6  DG B O6    
359 N N1    . DG B 6  ? 0.3093 0.2805 0.2961 0.0088  0.0292  0.0346  6  DG B N1    
360 C C2    . DG B 6  ? 0.3127 0.2905 0.3114 0.0115  0.0329  0.0391  6  DG B C2    
361 N N2    . DG B 6  ? 0.2956 0.2776 0.3045 0.0092  0.0347  0.0403  6  DG B N2    
362 N N3    . DG B 6  ? 0.3016 0.2817 0.3031 0.0160  0.0348  0.0421  6  DG B N3    
363 C C4    . DG B 6  ? 0.2930 0.2681 0.2837 0.0177  0.0325  0.0399  6  DG B C4    
364 P P     . DC B 7  ? 0.4071 0.4096 0.3905 0.0411  0.0404  0.0594  7  DC B P     
365 O OP1   . DC B 7  ? 0.4486 0.4600 0.4343 0.0471  0.0444  0.0665  7  DC B OP1   
366 O OP2   . DC B 7  ? 0.4050 0.4016 0.3744 0.0397  0.0357  0.0527  7  DC B OP2   
367 O "O5'" . DC B 7  ? 0.4187 0.4234 0.4089 0.0373  0.0401  0.0605  7  DC B "O5'" 
368 C "C5'" . DC B 7  ? 0.3888 0.3989 0.3938 0.0379  0.0443  0.0664  7  DC B "C5'" 
369 C "C4'" . DC B 7  ? 0.3856 0.3971 0.3954 0.0339  0.0432  0.0660  7  DC B "C4'" 
370 O "O4'" . DC B 7  ? 0.3704 0.3741 0.3808 0.0280  0.0410  0.0595  7  DC B "O4'" 
371 C "C3'" . DC B 7  ? 0.4080 0.4220 0.4067 0.0342  0.0396  0.0648  7  DC B "C3'" 
372 O "O3'" . DC B 7  ? 0.4297 0.4531 0.4294 0.0394  0.0415  0.0717  7  DC B "O3'" 
373 C "C2'" . DC B 7  ? 0.3625 0.3738 0.3667 0.0283  0.0381  0.0617  7  DC B "C2'" 
374 C "C1'" . DC B 7  ? 0.3741 0.3773 0.3816 0.0243  0.0382  0.0570  7  DC B "C1'" 
375 N N1    . DC B 7  ? 0.3479 0.3431 0.3427 0.0210  0.0339  0.0499  7  DC B N1    
376 C C2    . DC B 7  ? 0.3415 0.3335 0.3349 0.0159  0.0315  0.0458  7  DC B C2    
377 O O2    . DC B 7  ? 0.3605 0.3566 0.3631 0.0142  0.0329  0.0479  7  DC B O2    
378 N N3    . DC B 7  ? 0.3441 0.3288 0.3273 0.0130  0.0280  0.0400  7  DC B N3    
379 C C4    . DC B 7  ? 0.3482 0.3286 0.3227 0.0150  0.0266  0.0380  7  DC B C4    
380 N N4    . DC B 7  ? 0.3686 0.3416 0.3342 0.0120  0.0234  0.0327  7  DC B N4    
381 C C5    . DC B 7  ? 0.3399 0.3234 0.3153 0.0201  0.0288  0.0416  7  DC B C5    
382 C C6    . DC B 7  ? 0.3353 0.3262 0.3207 0.0230  0.0325  0.0475  7  DC B C6    
383 P P     . DC B 8  ? 0.4358 0.4638 0.4203 0.0429  0.0381  0.0706  8  DC B P     
384 O OP1   . DC B 8  ? 0.4772 0.5161 0.4662 0.0482  0.0412  0.0794  8  DC B OP1   
385 O OP2   . DC B 8  ? 0.4699 0.4925 0.4420 0.0438  0.0358  0.0649  8  DC B OP2   
386 O "O5'" . DC B 8  ? 0.3785 0.4043 0.3605 0.0381  0.0338  0.0656  8  DC B "O5'" 
387 C "C5'" . DC B 8  ? 0.3820 0.4128 0.3742 0.0369  0.0348  0.0698  8  DC B "C5'" 
388 C "C4'" . DC B 8  ? 0.3672 0.3939 0.3571 0.0316  0.0308  0.0637  8  DC B "C4'" 
389 O "O4'" . DC B 8  ? 0.3584 0.3752 0.3497 0.0260  0.0304  0.0577  8  DC B "O4'" 
390 C "C3'" . DC B 8  ? 0.4150 0.4418 0.3907 0.0323  0.0259  0.0582  8  DC B "C3'" 
391 O "O3'" . DC B 8  ? 0.4004 0.4376 0.3743 0.0365  0.0249  0.0624  8  DC B "O3'" 
392 C "C2'" . DC B 8  ? 0.4135 0.4326 0.3901 0.0256  0.0233  0.0516  8  DC B "C2'" 
393 C "C1'" . DC B 8  ? 0.3761 0.3879 0.3590 0.0223  0.0260  0.0508  8  DC B "C1'" 
394 N N1    . DC B 8  ? 0.3515 0.3550 0.3245 0.0212  0.0241  0.0452  8  DC B N1    
395 C C2    . DC B 8  ? 0.3487 0.3447 0.3168 0.0162  0.0210  0.0385  8  DC B C2    
396 O O2    . DC B 8  ? 0.3684 0.3649 0.3406 0.0128  0.0201  0.0373  8  DC B O2    
397 N N3    . DC B 8  ? 0.3315 0.3200 0.2912 0.0154  0.0193  0.0339  8  DC B N3    
398 C C4    . DC B 8  ? 0.3186 0.3069 0.2748 0.0193  0.0203  0.0353  8  DC B C4    
399 N N4    . DC B 8  ? 0.3479 0.3288 0.2969 0.0183  0.0185  0.0307  8  DC B N4    
400 C C5    . DC B 8  ? 0.3444 0.3404 0.3052 0.0244  0.0236  0.0417  8  DC B C5    
401 C C6    . DC B 8  ? 0.3556 0.3590 0.3248 0.0252  0.0255  0.0467  8  DC B C6    
402 P P     . DG B 9  ? 0.3687 0.4097 0.3271 0.0403  0.0207  0.0582  9  DG B P     
403 O OP1   . DG B 9  ? 0.4376 0.4909 0.3959 0.0454  0.0205  0.0643  9  DG B OP1   
404 O OP2   . DG B 9  ? 0.3900 0.4260 0.3404 0.0419  0.0212  0.0551  9  DG B OP2   
405 O "O5'" . DG B 9  ? 0.3554 0.3897 0.3099 0.0348  0.0160  0.0493  9  DG B "O5'" 
406 C "C5'" . DG B 9  ? 0.3422 0.3793 0.3030 0.0321  0.0144  0.0494  9  DG B "C5'" 
407 C "C4'" . DG B 9  ? 0.3375 0.3661 0.2956 0.0263  0.0108  0.0406  9  DG B "C4'" 
408 O "O4'" . DG B 9  ? 0.3238 0.3418 0.2839 0.0219  0.0128  0.0381  9  DG B "O4'" 
409 C "C3'" . DG B 9  ? 0.3411 0.3691 0.2870 0.0276  0.0064  0.0333  9  DG B "C3'" 
410 O "O3'" . DG B 9  ? 0.3511 0.3876 0.2952 0.0297  0.0030  0.0324  9  DG B "O3'" 
411 C "C2'" . DG B 9  ? 0.3529 0.3690 0.2990 0.0211  0.0052  0.0263  9  DG B "C2'" 
412 C "C1'" . DG B 9  ? 0.3119 0.3220 0.2646 0.0187  0.0095  0.0301  9  DG B "C1'" 
413 N N9    . DG B 9  ? 0.3115 0.3155 0.2582 0.0196  0.0102  0.0284  9  DG B N9    
414 C C8    . DG B 9  ? 0.3113 0.3174 0.2572 0.0237  0.0130  0.0328  9  DG B C8    
415 N N7    . DG B 9  ? 0.3133 0.3123 0.2538 0.0234  0.0127  0.0293  9  DG B N7    
416 C C5    . DG B 9  ? 0.3150 0.3066 0.2526 0.0186  0.0097  0.0228  9  DG B C5    
417 C C6    . DG B 9  ? 0.3329 0.3150 0.2654 0.0162  0.0082  0.0174  9  DG B C6    
418 O O6    . DG B 9  ? 0.3256 0.3033 0.2548 0.0177  0.0089  0.0171  9  DG B O6    
419 N N1    . DG B 9  ? 0.3191 0.2962 0.2514 0.0115  0.0056  0.0123  9  DG B N1    
420 C C2    . DG B 9  ? 0.3535 0.3342 0.2900 0.0093  0.0046  0.0119  9  DG B C2    
421 N N2    . DG B 9  ? 0.3573 0.3323 0.2936 0.0048  0.0025  0.0066  9  DG B N2    
422 N N3    . DG B 9  ? 0.3243 0.3140 0.2655 0.0117  0.0057  0.0165  9  DG B N3    
423 C C4    . DG B 9  ? 0.3139 0.3085 0.2553 0.0162  0.0083  0.0220  9  DG B C4    
424 P P     . DT B 10 ? 0.3697 0.4105 0.3020 0.0331  -0.0015 0.0258  10 DT B P     
425 O OP1   . DT B 10 ? 0.3951 0.4468 0.3280 0.0357  -0.0046 0.0270  10 DT B OP1   
426 O OP2   . DT B 10 ? 0.3880 0.4299 0.3123 0.0377  0.0000  0.0266  10 DT B OP2   
427 O "O5'" . DT B 10 ? 0.3601 0.3895 0.2907 0.0274  -0.0042 0.0162  10 DT B "O5'" 
428 C "C5'" . DT B 10 ? 0.3517 0.3781 0.2884 0.0223  -0.0062 0.0128  10 DT B "C5'" 
429 C "C4'" . DT B 10 ? 0.3787 0.3951 0.3124 0.0181  -0.0084 0.0041  10 DT B "C4'" 
430 O "O4'" . DT B 10 ? 0.3657 0.3718 0.3002 0.0150  -0.0052 0.0052  10 DT B "O4'" 
431 C "C3'" . DT B 10 ? 0.3902 0.4087 0.3146 0.0218  -0.0116 -0.0021 10 DT B "C3'" 
432 O "O3'" . DT B 10 ? 0.4269 0.4528 0.3503 0.0231  -0.0159 -0.0070 10 DT B "O3'" 
433 C "C2'" . DT B 10 ? 0.4007 0.4063 0.3244 0.0172  -0.0114 -0.0077 10 DT B "C2'" 
434 C "C1'" . DT B 10 ? 0.3762 0.3754 0.3045 0.0145  -0.0069 -0.0013 10 DT B "C1'" 
435 N N1    . DT B 10 ? 0.3522 0.3497 0.2760 0.0176  -0.0044 0.0018  10 DT B N1    
436 C C2    . DT B 10 ? 0.3353 0.3230 0.2561 0.0156  -0.0045 -0.0020 10 DT B C2    
437 O O2    . DT B 10 ? 0.3569 0.3376 0.2784 0.0115  -0.0063 -0.0075 10 DT B O2    
438 N N3    . DT B 10 ? 0.3400 0.3269 0.2578 0.0186  -0.0022 0.0010  10 DT B N3    
439 C C4    . DT B 10 ? 0.3333 0.3276 0.2511 0.0232  0.0004  0.0075  10 DT B C4    
440 O O4    . DT B 10 ? 0.3480 0.3407 0.2636 0.0257  0.0025  0.0097  10 DT B O4    
441 C C5    . DT B 10 ? 0.3319 0.3364 0.2528 0.0253  0.0005  0.0117  10 DT B C5    
442 C C7    . DT B 10 ? 0.3594 0.3729 0.2816 0.0304  0.0036  0.0197  10 DT B C7    
443 C C6    . DT B 10 ? 0.3383 0.3439 0.2621 0.0223  -0.0020 0.0087  10 DT B C6    
444 P P     . DA B 11 ? 0.4308 0.4660 0.3451 0.0292  -0.0192 -0.0116 11 DA B P     
445 O OP1   . DA B 11 ? 0.4616 0.5045 0.3770 0.0297  -0.0240 -0.0167 11 DA B OP1   
446 O OP2   . DA B 11 ? 0.4189 0.4610 0.3284 0.0349  -0.0162 -0.0039 11 DA B OP2   
447 O "O5'" . DA B 11 ? 0.4411 0.4658 0.3520 0.0270  -0.0198 -0.0192 11 DA B "O5'" 
448 C "C5'" . DA B 11 ? 0.4425 0.4693 0.3458 0.0314  -0.0198 -0.0212 11 DA B "C5'" 
449 C "C4'" . DA B 11 ? 0.4599 0.4743 0.3635 0.0277  -0.0199 -0.0273 11 DA B "C4'" 
450 O "O4'" . DA B 11 ? 0.4557 0.4601 0.3634 0.0238  -0.0159 -0.0214 11 DA B "O4'" 
451 C "C3'" . DA B 11 ? 0.4514 0.4667 0.3482 0.0318  -0.0201 -0.0311 11 DA B "C3'" 
452 O "O3'" . DA B 11 ? 0.4888 0.5095 0.3832 0.0336  -0.0245 -0.0406 11 DA B "O3'" 
453 C "C2'" . DA B 11 ? 0.4366 0.4376 0.3360 0.0275  -0.0180 -0.0317 11 DA B "C2'" 
454 C "C1'" . DA B 11 ? 0.4238 0.4206 0.3284 0.0241  -0.0147 -0.0232 11 DA B "C1'" 
455 N N9    . DA B 11 ? 0.3736 0.3720 0.2761 0.0271  -0.0109 -0.0157 11 DA B N9    
456 C C8    . DA B 11 ? 0.3760 0.3839 0.2787 0.0306  -0.0089 -0.0082 11 DA B C8    
457 N N7    . DA B 11 ? 0.3817 0.3886 0.2835 0.0328  -0.0053 -0.0027 11 DA B N7    
458 C C5    . DA B 11 ? 0.3634 0.3599 0.2639 0.0306  -0.0053 -0.0068 11 DA B C5    
459 C C6    . DA B 11 ? 0.3599 0.3506 0.2597 0.0314  -0.0027 -0.0046 11 DA B C6    
460 N N6    . DA B 11 ? 0.3634 0.3579 0.2638 0.0346  0.0009  0.0024  11 DA B N6    
461 N N1    . DA B 11 ? 0.3520 0.3330 0.2509 0.0290  -0.0040 -0.0098 11 DA B N1    
462 C C2    . DA B 11 ? 0.3552 0.3321 0.2548 0.0258  -0.0072 -0.0166 11 DA B C2    
463 N N3    . DA B 11 ? 0.3638 0.3453 0.2647 0.0246  -0.0097 -0.0196 11 DA B N3    
464 C C4    . DA B 11 ? 0.3540 0.3454 0.2550 0.0273  -0.0087 -0.0146 11 DA B C4    
465 P P     . DG B 12 ? 0.4744 0.5050 0.3602 0.0404  -0.0255 -0.0443 12 DG B P     
466 O OP1   . DG B 12 ? 0.5261 0.5619 0.4119 0.0411  -0.0306 -0.0554 12 DG B OP1   
467 O OP2   . DG B 12 ? 0.4953 0.5366 0.3764 0.0455  -0.0231 -0.0353 12 DG B OP2   
468 O "O5'" . DG B 12 ? 0.4532 0.4735 0.3380 0.0399  -0.0230 -0.0454 12 DG B "O5'" 
469 C "C5'" . DG B 12 ? 0.4320 0.4410 0.3216 0.0355  -0.0243 -0.0523 12 DG B "C5'" 
470 C "C4'" . DG B 12 ? 0.4076 0.4064 0.2969 0.0348  -0.0212 -0.0499 12 DG B "C4'" 
471 O "O4'" . DG B 12 ? 0.3950 0.3900 0.2855 0.0334  -0.0174 -0.0397 12 DG B "O4'" 
472 C "C3'" . DG B 12 ? 0.4046 0.4088 0.2877 0.0403  -0.0203 -0.0515 12 DG B "C3'" 
473 O "O3'" . DG B 12 ? 0.4672 0.4717 0.3504 0.0413  -0.0234 -0.0623 12 DG B "O3'" 
474 C "C2'" . DG B 12 ? 0.3948 0.3886 0.2794 0.0388  -0.0165 -0.0453 12 DG B "C2'" 
475 C "C1'" . DG B 12 ? 0.3885 0.3791 0.2767 0.0351  -0.0146 -0.0370 12 DG B "C1'" 
476 N N9    . DG B 12 ? 0.3740 0.3710 0.2599 0.0384  -0.0112 -0.0280 12 DG B N9    
477 C C8    . DG B 12 ? 0.3997 0.4073 0.2846 0.0408  -0.0107 -0.0229 12 DG B C8    
478 N N7    . DG B 12 ? 0.3686 0.3791 0.2529 0.0435  -0.0069 -0.0146 12 DG B N7    
479 C C5    . DG B 12 ? 0.3657 0.3671 0.2508 0.0425  -0.0050 -0.0146 12 DG B C5    
480 C C6    . DG B 12 ? 0.3622 0.3620 0.2483 0.0444  -0.0008 -0.0080 12 DG B C6    
481 O O6    . DG B 12 ? 0.3774 0.3834 0.2644 0.0470  0.0023  -0.0004 12 DG B O6    
482 N N1    . DG B 12 ? 0.3627 0.3523 0.2495 0.0428  -0.0006 -0.0109 12 DG B N1    
483 C C2    . DG B 12 ? 0.3662 0.3482 0.2532 0.0399  -0.0037 -0.0186 12 DG B C2    
484 N N2    . DG B 12 ? 0.3664 0.3393 0.2547 0.0389  -0.0030 -0.0195 12 DG B N2    
485 N N3    . DG B 12 ? 0.3695 0.3526 0.2563 0.0381  -0.0072 -0.0247 12 DG B N3    
486 C C4    . DG B 12 ? 0.3760 0.3691 0.2618 0.0396  -0.0077 -0.0226 12 DG B C4    
# 
